data_8WAA
#
_entry.id   8WAA
#
_cell.length_a   73.500
_cell.length_b   86.550
_cell.length_c   92.700
_cell.angle_alpha   90.000
_cell.angle_beta   93.850
_cell.angle_gamma   90.000
#
_symmetry.space_group_name_H-M   'P 1 21 1'
#
loop_
_entity.id
_entity.type
_entity.pdbx_description
1 polymer Transketolase
2 non-polymer 'CALCIUM ION'
3 non-polymer D-Glyceraldehyde
4 non-polymer '2-[3-[(4-AMINO-2-METHYL-5-PYRIMIDINYL)METHYL]-2-(1,2-DIHYDROXYETHYL)-4-METHYL-1,3-THIAZOL-3-IUM-5-YL]ETHYL TRIHYDROGEN DIPHOSPHATE'
5 non-polymer 1,2-ETHANEDIOL
6 water water
#
_entity_poly.entity_id   1
_entity_poly.type   'polypeptide(L)'
_entity_poly.pdbx_seq_one_letter_code
;MESYHKPDQQKLQALKDTANRLRISSIQATTAAGSGHPTSCCSAAEIMAVLFFHTMRYKSQDPRNPHNDRFVLSKGHAAP
ILYAVWAEAGFLAEAELLNLRKISSDLDGHPVPKQAFTDVATGSLGQGLGAACGMAYTGKYFDKASYRVYCLLGDGELSE
GSVWEAMAFASIYKLDNLVAILDINRLGQSDPAPLQHQMDIYQKRCEAFGWHAIIVDGHSVEELCKAFGQAKHQPTAIIA
KTFKGRGITGVEDKESWHGKPLPKNMAEQIIQEIYSQIQSKKKILATPPQEDAPSVDIANIRMPSLPSYKVGDKIATRKA
YGQALAKLGHASDRIIALDGDTKNSTFSEIFKKEHPDRFIECYIAEQNMVSIAVGCATRNRTVPFCSTFAAFFTRAFDQI
RMAAISESNINLCGSHCGVSIGEDGPSQMALEDLAMFRSVPTSTVFYPSDGVATEKAVELAANTKGICFIRTSRPENAII
YNNNEDFQVGQAKVVLKSKDDQVTVIGAGVTLHEALAAAELLKKEKINIRVLDPFTIKPLDRKLILDSARATKGRILTVE
DHYYEGGIGEAVSSAVVGEPGITVTHLAVNRVPRSGKPAELLKMFGIDRDAIAQAVRGLITKALVPRGSLEHHHHHH
;
_entity_poly.pdbx_strand_id   A,B
#
loop_
_chem_comp.id
_chem_comp.type
_chem_comp.name
_chem_comp.formula
3GR D-saccharide D-Glyceraldehyde 'C3 H6 O3'
CA non-polymer 'CALCIUM ION' 'Ca 2'
EDO non-polymer 1,2-ETHANEDIOL 'C2 H6 O2'
THD non-polymer '2-[3-[(4-AMINO-2-METHYL-5-PYRIMIDINYL)METHYL]-2-(1,2-DIHYDROXYETHYL)-4-METHYL-1,3-THIAZOL-3-IUM-5-YL]ETHYL TRIHYDROGEN DIPHOSPHATE' 'C14 H22 N4 O9 P2 S'
#
# COMPACT_ATOMS: atom_id res chain seq x y z
N GLU A 2 0.82 -19.92 -36.63
CA GLU A 2 1.06 -21.36 -36.77
C GLU A 2 -0.17 -22.16 -36.34
N SER A 3 -0.45 -23.24 -37.06
CA SER A 3 -1.64 -24.02 -36.81
C SER A 3 -1.57 -24.76 -35.48
N TYR A 4 -2.73 -24.89 -34.83
CA TYR A 4 -2.85 -25.75 -33.66
C TYR A 4 -2.56 -27.19 -34.04
N HIS A 5 -1.66 -27.83 -33.29
CA HIS A 5 -1.42 -29.26 -33.43
C HIS A 5 -2.37 -29.98 -32.48
N LYS A 6 -3.45 -30.54 -33.02
CA LYS A 6 -4.42 -31.23 -32.15
C LYS A 6 -3.81 -32.53 -31.66
N PRO A 7 -3.57 -32.70 -30.36
CA PRO A 7 -2.80 -33.85 -29.90
C PRO A 7 -3.58 -35.15 -30.02
N ASP A 8 -2.85 -36.22 -30.32
CA ASP A 8 -3.47 -37.54 -30.32
C ASP A 8 -3.52 -38.09 -28.89
N GLN A 9 -4.12 -39.27 -28.76
CA GLN A 9 -4.30 -39.85 -27.44
C GLN A 9 -2.98 -40.09 -26.74
N GLN A 10 -1.91 -40.36 -27.49
N GLN A 10 -1.92 -40.38 -27.50
CA GLN A 10 -0.63 -40.64 -26.86
CA GLN A 10 -0.63 -40.63 -26.85
C GLN A 10 0.04 -39.36 -26.35
C GLN A 10 -0.04 -39.35 -26.31
N LYS A 11 -0.10 -38.26 -27.08
CA LYS A 11 0.36 -36.97 -26.56
C LYS A 11 -0.44 -36.55 -25.33
N LEU A 12 -1.75 -36.78 -25.37
CA LEU A 12 -2.58 -36.46 -24.20
C LEU A 12 -2.16 -37.30 -23.00
N GLN A 13 -1.91 -38.60 -23.20
CA GLN A 13 -1.46 -39.43 -22.09
C GLN A 13 -0.08 -39.01 -21.58
N ALA A 14 0.80 -38.54 -22.47
CA ALA A 14 2.09 -38.06 -22.02
C ALA A 14 1.92 -36.81 -21.16
N LEU A 15 0.92 -35.98 -21.48
CA LEU A 15 0.67 -34.78 -20.69
C LEU A 15 0.10 -35.14 -19.32
N LYS A 16 -0.77 -36.16 -19.26
CA LYS A 16 -1.24 -36.65 -17.96
C LYS A 16 -0.09 -37.23 -17.16
N ASP A 17 0.77 -38.03 -17.82
CA ASP A 17 1.96 -38.57 -17.17
C ASP A 17 2.83 -37.45 -16.61
N THR A 18 3.02 -36.38 -17.40
CA THR A 18 3.81 -35.23 -16.97
C THR A 18 3.17 -34.56 -15.75
N ALA A 19 1.85 -34.33 -15.81
CA ALA A 19 1.16 -33.75 -14.67
C ALA A 19 1.38 -34.57 -13.41
N ASN A 20 1.31 -35.90 -13.55
CA ASN A 20 1.48 -36.73 -12.37
C ASN A 20 2.92 -36.76 -11.88
N ARG A 21 3.89 -36.70 -12.79
CA ARG A 21 5.27 -36.52 -12.36
C ARG A 21 5.43 -35.22 -11.58
N LEU A 22 4.76 -34.15 -12.03
CA LEU A 22 4.85 -32.87 -11.33
C LEU A 22 4.25 -32.99 -9.93
N ARG A 23 3.13 -33.71 -9.80
CA ARG A 23 2.55 -33.97 -8.48
C ARG A 23 3.55 -34.66 -7.56
N ILE A 24 4.15 -35.74 -8.05
CA ILE A 24 5.09 -36.52 -7.26
C ILE A 24 6.23 -35.64 -6.79
N SER A 25 6.81 -34.86 -7.69
CA SER A 25 7.93 -34.01 -7.31
C SER A 25 7.50 -32.96 -6.30
N SER A 26 6.32 -32.34 -6.48
CA SER A 26 5.87 -31.34 -5.52
C SER A 26 5.75 -31.95 -4.13
N ILE A 27 5.26 -33.19 -4.04
CA ILE A 27 5.14 -33.87 -2.75
C ILE A 27 6.51 -34.22 -2.20
N GLN A 28 7.38 -34.80 -3.04
CA GLN A 28 8.71 -35.19 -2.59
C GLN A 28 9.47 -34.00 -2.03
N ALA A 29 9.44 -32.88 -2.75
CA ALA A 29 10.24 -31.72 -2.36
C ALA A 29 9.73 -31.09 -1.07
N THR A 30 8.40 -30.98 -0.91
CA THR A 30 7.88 -30.35 0.30
C THR A 30 7.96 -31.29 1.51
N THR A 31 7.80 -32.60 1.30
CA THR A 31 8.04 -33.54 2.39
C THR A 31 9.50 -33.51 2.82
N ALA A 32 10.42 -33.39 1.85
CA ALA A 32 11.84 -33.29 2.19
C ALA A 32 12.14 -32.02 2.96
N ALA A 33 11.56 -30.89 2.54
CA ALA A 33 11.82 -29.63 3.21
C ALA A 33 11.14 -29.57 4.57
N GLY A 34 10.03 -30.29 4.75
CA GLY A 34 9.22 -30.15 5.95
C GLY A 34 8.28 -28.96 5.92
N SER A 35 8.18 -28.27 4.79
CA SER A 35 7.28 -27.13 4.67
C SER A 35 6.98 -26.93 3.20
N GLY A 36 5.96 -26.14 2.93
CA GLY A 36 5.53 -25.89 1.56
C GLY A 36 4.08 -26.26 1.35
N HIS A 37 3.67 -26.22 0.09
CA HIS A 37 2.26 -26.18 -0.28
C HIS A 37 1.93 -27.20 -1.36
N PRO A 38 2.11 -28.50 -1.08
CA PRO A 38 1.86 -29.49 -2.13
C PRO A 38 0.43 -29.49 -2.66
N THR A 39 -0.57 -29.24 -1.81
CA THR A 39 -1.94 -29.26 -2.32
C THR A 39 -2.19 -28.11 -3.29
N SER A 40 -1.47 -26.98 -3.12
CA SER A 40 -1.59 -25.87 -4.05
C SER A 40 -0.89 -26.18 -5.36
N CYS A 41 0.14 -27.02 -5.33
CA CYS A 41 0.78 -27.47 -6.56
C CYS A 41 -0.12 -28.44 -7.31
N CYS A 42 -0.77 -29.34 -6.57
CA CYS A 42 -1.46 -30.46 -7.22
C CYS A 42 -2.70 -30.01 -7.98
N SER A 43 -3.36 -28.93 -7.54
CA SER A 43 -4.49 -28.44 -8.31
C SER A 43 -4.06 -27.90 -9.66
N ALA A 44 -2.80 -27.50 -9.80
CA ALA A 44 -2.31 -26.86 -11.01
C ALA A 44 -1.52 -27.79 -11.92
N ALA A 45 -1.52 -29.10 -11.64
CA ALA A 45 -0.56 -29.98 -12.32
C ALA A 45 -0.86 -30.13 -13.81
N GLU A 46 -2.14 -30.32 -14.17
CA GLU A 46 -2.47 -30.42 -15.59
C GLU A 46 -2.25 -29.09 -16.30
N ILE A 47 -2.58 -27.98 -15.63
CA ILE A 47 -2.33 -26.65 -16.21
C ILE A 47 -0.85 -26.50 -16.54
N MET A 48 0.02 -26.84 -15.59
CA MET A 48 1.45 -26.67 -15.78
C MET A 48 1.97 -27.59 -16.87
N ALA A 49 1.51 -28.84 -16.89
CA ALA A 49 1.97 -29.77 -17.91
C ALA A 49 1.60 -29.29 -19.30
N VAL A 50 0.37 -28.81 -19.47
CA VAL A 50 -0.09 -28.39 -20.79
C VAL A 50 0.62 -27.11 -21.23
N LEU A 51 0.78 -26.16 -20.31
CA LEU A 51 1.47 -24.92 -20.67
C LEU A 51 2.91 -25.20 -21.11
N PHE A 52 3.64 -25.99 -20.33
CA PHE A 52 5.07 -26.11 -20.61
C PHE A 52 5.37 -27.17 -21.67
N PHE A 53 4.47 -28.11 -21.93
CA PHE A 53 4.79 -29.20 -22.85
C PHE A 53 3.75 -29.37 -23.94
N HIS A 54 2.95 -28.33 -24.23
CA HIS A 54 2.16 -28.30 -25.44
C HIS A 54 2.00 -26.88 -25.95
N THR A 55 1.60 -25.94 -25.07
CA THR A 55 1.19 -24.62 -25.52
C THR A 55 2.35 -23.66 -25.70
N MET A 56 3.20 -23.51 -24.69
CA MET A 56 4.18 -22.44 -24.71
C MET A 56 5.37 -22.77 -25.61
N ARG A 57 6.05 -21.71 -26.06
CA ARG A 57 7.26 -21.81 -26.86
C ARG A 57 8.38 -21.09 -26.14
N TYR A 58 9.48 -21.79 -25.89
CA TYR A 58 10.56 -21.23 -25.11
C TYR A 58 11.80 -22.11 -25.28
N LYS A 59 12.96 -21.52 -25.04
CA LYS A 59 14.23 -22.24 -25.06
C LYS A 59 14.45 -22.85 -23.68
N SER A 60 14.41 -24.18 -23.61
CA SER A 60 14.49 -24.85 -22.32
C SER A 60 15.83 -24.61 -21.64
N GLN A 61 16.89 -24.37 -22.41
CA GLN A 61 18.20 -24.12 -21.84
C GLN A 61 18.52 -22.64 -21.69
N ASP A 62 17.60 -21.75 -22.07
CA ASP A 62 17.81 -20.30 -21.96
C ASP A 62 16.50 -19.66 -21.53
N PRO A 63 16.14 -19.80 -20.25
CA PRO A 63 14.81 -19.31 -19.81
C PRO A 63 14.63 -17.81 -19.97
N ARG A 64 15.69 -17.01 -19.84
CA ARG A 64 15.60 -15.56 -19.99
C ARG A 64 15.58 -15.09 -21.43
N ASN A 65 15.64 -16.01 -22.40
CA ASN A 65 15.77 -15.62 -23.79
C ASN A 65 14.66 -14.66 -24.18
N PRO A 66 14.97 -13.55 -24.88
CA PRO A 66 13.94 -12.53 -25.15
C PRO A 66 12.84 -12.97 -26.09
N HIS A 67 13.01 -14.07 -26.82
CA HIS A 67 11.96 -14.52 -27.73
C HIS A 67 10.97 -15.45 -27.07
N ASN A 68 11.25 -15.90 -25.85
CA ASN A 68 10.42 -16.89 -25.15
C ASN A 68 9.05 -16.33 -24.80
N ASP A 69 8.04 -17.19 -24.87
CA ASP A 69 6.82 -16.93 -24.12
C ASP A 69 7.17 -16.71 -22.65
N ARG A 70 6.39 -15.86 -21.98
CA ARG A 70 6.54 -15.63 -20.55
C ARG A 70 5.52 -16.44 -19.75
N PHE A 71 5.96 -16.99 -18.62
CA PHE A 71 5.04 -17.55 -17.65
C PHE A 71 5.27 -16.85 -16.32
N VAL A 72 4.18 -16.40 -15.69
CA VAL A 72 4.23 -15.76 -14.39
C VAL A 72 3.41 -16.61 -13.43
N LEU A 73 4.05 -17.12 -12.38
CA LEU A 73 3.37 -17.87 -11.33
C LEU A 73 2.89 -16.87 -10.28
N SER A 74 1.68 -16.33 -10.48
CA SER A 74 1.19 -15.34 -9.54
C SER A 74 0.95 -15.96 -8.16
N LYS A 75 0.43 -17.18 -8.11
CA LYS A 75 0.28 -17.91 -6.85
C LYS A 75 1.63 -18.57 -6.54
N GLY A 76 2.55 -17.74 -6.04
CA GLY A 76 3.95 -18.09 -5.94
C GLY A 76 4.25 -19.23 -4.99
N HIS A 77 3.36 -19.49 -4.03
CA HIS A 77 3.56 -20.60 -3.10
C HIS A 77 3.46 -21.96 -3.77
N ALA A 78 3.06 -22.00 -5.04
CA ALA A 78 3.19 -23.22 -5.84
C ALA A 78 4.57 -23.34 -6.48
N ALA A 79 5.56 -22.62 -5.96
CA ALA A 79 6.92 -22.69 -6.49
C ALA A 79 7.44 -24.12 -6.71
N PRO A 80 7.17 -25.11 -5.84
CA PRO A 80 7.71 -26.44 -6.14
C PRO A 80 7.29 -27.00 -7.48
N ILE A 81 6.09 -26.68 -7.97
CA ILE A 81 5.71 -27.25 -9.27
C ILE A 81 6.33 -26.45 -10.41
N LEU A 82 6.63 -25.16 -10.18
CA LEU A 82 7.45 -24.41 -11.13
C LEU A 82 8.83 -25.02 -11.24
N TYR A 83 9.46 -25.34 -10.11
CA TYR A 83 10.78 -25.94 -10.16
C TYR A 83 10.72 -27.29 -10.87
N ALA A 84 9.65 -28.04 -10.61
CA ALA A 84 9.48 -29.36 -11.22
C ALA A 84 9.38 -29.27 -12.74
N VAL A 85 8.64 -28.30 -13.29
N VAL A 85 8.67 -28.27 -13.27
CA VAL A 85 8.54 -28.23 -14.75
CA VAL A 85 8.50 -28.18 -14.72
C VAL A 85 9.89 -27.90 -15.38
C VAL A 85 9.81 -27.81 -15.40
N TRP A 86 10.68 -27.05 -14.71
CA TRP A 86 11.96 -26.69 -15.30
C TRP A 86 12.98 -27.82 -15.17
N ALA A 87 12.79 -28.74 -14.23
CA ALA A 87 13.53 -29.99 -14.26
C ALA A 87 13.03 -30.90 -15.37
N GLU A 88 11.70 -31.00 -15.53
CA GLU A 88 11.13 -31.81 -16.60
C GLU A 88 11.56 -31.31 -17.97
N ALA A 89 11.70 -30.00 -18.12
CA ALA A 89 12.18 -29.43 -19.38
C ALA A 89 13.68 -29.59 -19.56
N GLY A 90 14.39 -30.06 -18.54
CA GLY A 90 15.81 -30.34 -18.66
C GLY A 90 16.73 -29.21 -18.26
N PHE A 91 16.21 -28.11 -17.72
CA PHE A 91 17.08 -27.02 -17.30
C PHE A 91 17.64 -27.26 -15.90
N LEU A 92 16.82 -27.80 -15.00
N LEU A 92 16.80 -27.74 -14.98
CA LEU A 92 17.17 -28.01 -13.60
CA LEU A 92 17.20 -28.02 -13.62
C LEU A 92 17.45 -29.48 -13.36
C LEU A 92 17.54 -29.49 -13.46
N ALA A 93 18.52 -29.77 -12.62
CA ALA A 93 18.81 -31.15 -12.24
C ALA A 93 17.70 -31.68 -11.34
N GLU A 94 17.22 -32.89 -11.64
N GLU A 94 17.22 -32.88 -11.65
CA GLU A 94 16.10 -33.44 -10.88
CA GLU A 94 16.12 -33.47 -10.90
C GLU A 94 16.45 -33.60 -9.41
C GLU A 94 16.45 -33.61 -9.42
N ALA A 95 17.70 -33.96 -9.10
CA ALA A 95 18.07 -34.14 -7.70
C ALA A 95 17.98 -32.84 -6.91
N GLU A 96 18.16 -31.70 -7.57
CA GLU A 96 18.16 -30.43 -6.84
C GLU A 96 16.78 -30.08 -6.29
N LEU A 97 15.72 -30.62 -6.91
CA LEU A 97 14.36 -30.37 -6.42
C LEU A 97 14.21 -30.74 -4.95
N LEU A 98 14.89 -31.80 -4.51
CA LEU A 98 14.78 -32.23 -3.12
C LEU A 98 15.43 -31.25 -2.14
N ASN A 99 16.14 -30.24 -2.63
CA ASN A 99 16.79 -29.26 -1.77
C ASN A 99 15.96 -28.00 -1.60
N LEU A 100 14.69 -28.05 -1.99
CA LEU A 100 13.73 -26.97 -1.73
C LEU A 100 13.91 -26.35 -0.36
N ARG A 101 13.99 -25.01 -0.33
CA ARG A 101 13.96 -24.20 0.89
C ARG A 101 15.22 -24.32 1.74
N LYS A 102 16.24 -25.04 1.29
CA LYS A 102 17.50 -25.11 2.01
C LYS A 102 18.33 -23.86 1.77
N ILE A 103 19.09 -23.46 2.80
CA ILE A 103 20.00 -22.34 2.66
C ILE A 103 21.14 -22.61 1.69
N SER A 104 21.34 -23.88 1.33
CA SER A 104 22.35 -24.28 0.35
C SER A 104 21.80 -24.33 -1.07
N SER A 105 20.54 -23.94 -1.26
CA SER A 105 19.86 -24.07 -2.53
C SER A 105 19.35 -22.71 -2.96
N ASP A 106 19.08 -22.56 -4.25
CA ASP A 106 18.36 -21.39 -4.74
C ASP A 106 16.91 -21.70 -5.09
N LEU A 107 16.45 -22.92 -4.78
CA LEU A 107 15.03 -23.27 -4.93
C LEU A 107 14.28 -22.85 -3.67
N ASP A 108 14.11 -21.52 -3.54
CA ASP A 108 13.60 -20.94 -2.32
C ASP A 108 12.08 -21.12 -2.21
N GLY A 109 11.53 -20.70 -1.07
CA GLY A 109 10.14 -21.02 -0.76
C GLY A 109 9.15 -20.42 -1.74
N HIS A 110 9.48 -19.27 -2.32
CA HIS A 110 8.73 -18.63 -3.38
C HIS A 110 9.71 -18.21 -4.47
N PRO A 111 9.23 -18.05 -5.71
CA PRO A 111 10.17 -17.80 -6.81
C PRO A 111 10.84 -16.44 -6.69
N VAL A 112 12.10 -16.39 -7.11
CA VAL A 112 12.92 -15.18 -7.03
C VAL A 112 13.86 -15.10 -8.23
N PRO A 113 14.27 -13.92 -8.66
CA PRO A 113 15.00 -13.80 -9.94
C PRO A 113 16.45 -14.30 -9.90
N LYS A 114 16.96 -14.78 -8.76
CA LYS A 114 18.21 -15.51 -8.84
C LYS A 114 18.04 -16.81 -9.61
N GLN A 115 16.80 -17.23 -9.81
CA GLN A 115 16.45 -18.35 -10.68
C GLN A 115 16.32 -17.81 -12.11
N ALA A 116 17.08 -18.39 -13.05
CA ALA A 116 17.02 -17.90 -14.42
C ALA A 116 15.61 -17.94 -14.98
N PHE A 117 14.80 -18.88 -14.53
CA PHE A 117 13.45 -19.06 -15.05
C PHE A 117 12.42 -18.17 -14.36
N THR A 118 12.85 -17.24 -13.50
CA THR A 118 11.95 -16.32 -12.81
C THR A 118 12.29 -14.89 -13.20
N ASP A 119 11.30 -14.14 -13.66
CA ASP A 119 11.45 -12.72 -13.97
C ASP A 119 11.10 -11.83 -12.78
N VAL A 120 9.98 -12.12 -12.13
CA VAL A 120 9.51 -11.31 -11.01
C VAL A 120 9.30 -12.24 -9.83
N ALA A 121 9.68 -11.77 -8.65
CA ALA A 121 9.35 -12.50 -7.44
C ALA A 121 7.86 -12.40 -7.18
N THR A 122 7.25 -13.51 -6.80
CA THR A 122 5.90 -13.47 -6.28
C THR A 122 5.88 -14.11 -4.91
N GLY A 123 4.71 -14.14 -4.30
CA GLY A 123 4.63 -14.55 -2.92
C GLY A 123 3.69 -13.65 -2.17
N SER A 124 3.68 -12.36 -2.53
CA SER A 124 2.59 -11.48 -2.13
C SER A 124 1.51 -11.59 -3.19
N LEU A 125 0.38 -12.17 -2.83
CA LEU A 125 -0.62 -12.55 -3.82
C LEU A 125 -1.21 -11.34 -4.53
N GLY A 126 -1.66 -11.56 -5.75
CA GLY A 126 -2.37 -10.53 -6.50
C GLY A 126 -1.51 -9.60 -7.31
N GLN A 127 -0.20 -9.87 -7.42
CA GLN A 127 0.67 -8.97 -8.15
C GLN A 127 1.15 -9.51 -9.48
N GLY A 128 1.04 -10.82 -9.69
CA GLY A 128 1.63 -11.41 -10.89
C GLY A 128 0.96 -10.94 -12.17
N LEU A 129 -0.36 -10.75 -12.13
CA LEU A 129 -1.06 -10.40 -13.36
C LEU A 129 -0.68 -9.01 -13.83
N GLY A 130 -0.42 -8.09 -12.90
CA GLY A 130 0.06 -6.77 -13.29
C GLY A 130 1.42 -6.83 -13.97
N ALA A 131 2.34 -7.64 -13.42
CA ALA A 131 3.64 -7.80 -14.07
C ALA A 131 3.46 -8.43 -15.44
N ALA A 132 2.56 -9.41 -15.55
CA ALA A 132 2.28 -10.07 -16.83
C ALA A 132 1.72 -9.08 -17.84
N CYS A 133 0.85 -8.16 -17.37
CA CYS A 133 0.35 -7.10 -18.24
C CYS A 133 1.49 -6.25 -18.78
N GLY A 134 2.48 -5.92 -17.94
CA GLY A 134 3.61 -5.16 -18.43
C GLY A 134 4.39 -5.92 -19.47
N MET A 135 4.59 -7.23 -19.25
CA MET A 135 5.30 -8.03 -20.23
C MET A 135 4.53 -8.10 -21.54
N ALA A 136 3.22 -8.26 -21.46
CA ALA A 136 2.41 -8.40 -22.67
C ALA A 136 2.31 -7.06 -23.40
N TYR A 137 2.17 -5.96 -22.66
CA TYR A 137 2.19 -4.65 -23.30
C TYR A 137 3.50 -4.42 -24.02
N THR A 138 4.61 -4.79 -23.37
CA THR A 138 5.93 -4.65 -24.00
C THR A 138 6.01 -5.51 -25.25
N GLY A 139 5.54 -6.75 -25.17
CA GLY A 139 5.58 -7.63 -26.32
C GLY A 139 4.77 -7.11 -27.50
N LYS A 140 3.59 -6.54 -27.22
CA LYS A 140 2.72 -6.15 -28.32
C LYS A 140 3.10 -4.78 -28.88
N TYR A 141 3.51 -3.84 -28.03
CA TYR A 141 3.65 -2.45 -28.47
C TYR A 141 5.08 -1.92 -28.49
N PHE A 142 6.00 -2.52 -27.75
CA PHE A 142 7.40 -2.08 -27.72
C PHE A 142 8.29 -3.05 -28.50
N ASP A 143 8.39 -4.30 -28.04
CA ASP A 143 9.12 -5.31 -28.80
C ASP A 143 8.44 -5.62 -30.12
N LYS A 144 7.12 -5.53 -30.18
CA LYS A 144 6.33 -5.94 -31.35
C LYS A 144 6.76 -7.34 -31.80
N ALA A 145 6.78 -8.26 -30.84
CA ALA A 145 7.22 -9.64 -31.03
C ALA A 145 6.05 -10.60 -30.88
N SER A 146 6.29 -11.87 -31.21
N SER A 146 6.31 -11.87 -31.23
CA SER A 146 5.23 -12.86 -31.25
CA SER A 146 5.26 -12.88 -31.26
C SER A 146 5.08 -13.64 -29.94
C SER A 146 4.99 -13.53 -29.91
N TYR A 147 5.88 -13.35 -28.92
CA TYR A 147 5.76 -14.11 -27.68
C TYR A 147 4.46 -13.77 -26.96
N ARG A 148 3.93 -14.76 -26.26
CA ARG A 148 2.72 -14.63 -25.48
C ARG A 148 3.07 -14.69 -24.00
N VAL A 149 2.10 -14.31 -23.17
CA VAL A 149 2.33 -14.18 -21.74
C VAL A 149 1.21 -14.93 -21.03
N TYR A 150 1.61 -15.87 -20.15
CA TYR A 150 0.68 -16.72 -19.41
C TYR A 150 0.89 -16.46 -17.92
N CYS A 151 -0.21 -16.28 -17.19
CA CYS A 151 -0.16 -15.96 -15.77
C CYS A 151 -1.13 -16.85 -15.02
N LEU A 152 -0.61 -17.64 -14.07
CA LEU A 152 -1.41 -18.56 -13.26
C LEU A 152 -1.73 -17.91 -11.90
N LEU A 153 -3.02 -17.81 -11.59
CA LEU A 153 -3.51 -17.22 -10.34
C LEU A 153 -4.29 -18.25 -9.53
N GLY A 154 -4.33 -18.04 -8.21
CA GLY A 154 -5.23 -18.81 -7.36
C GLY A 154 -6.61 -18.16 -7.27
N ASP A 155 -7.56 -18.88 -6.67
CA ASP A 155 -8.89 -18.26 -6.58
C ASP A 155 -9.05 -17.34 -5.35
N GLY A 156 -8.52 -17.71 -4.18
CA GLY A 156 -8.48 -16.75 -3.08
C GLY A 156 -7.73 -15.48 -3.46
N GLU A 157 -6.66 -15.63 -4.24
CA GLU A 157 -5.87 -14.53 -4.77
C GLU A 157 -6.72 -13.50 -5.49
N LEU A 158 -7.80 -13.93 -6.13
CA LEU A 158 -8.64 -13.01 -6.91
C LEU A 158 -9.41 -12.04 -6.04
N SER A 159 -9.33 -12.18 -4.71
CA SER A 159 -9.90 -11.15 -3.84
C SER A 159 -9.04 -9.89 -3.79
N GLU A 160 -7.81 -9.91 -4.28
CA GLU A 160 -6.97 -8.71 -4.25
C GLU A 160 -7.40 -7.73 -5.33
N GLY A 161 -7.63 -6.48 -4.93
CA GLY A 161 -8.10 -5.50 -5.89
C GLY A 161 -7.09 -5.24 -7.00
N SER A 162 -5.80 -5.42 -6.69
CA SER A 162 -4.78 -5.24 -7.72
C SER A 162 -5.00 -6.16 -8.91
N VAL A 163 -5.59 -7.34 -8.68
CA VAL A 163 -5.85 -8.25 -9.79
C VAL A 163 -6.81 -7.60 -10.77
N TRP A 164 -7.86 -6.94 -10.26
CA TRP A 164 -8.89 -6.36 -11.10
C TRP A 164 -8.42 -5.07 -11.77
N GLU A 165 -7.48 -4.35 -11.15
CA GLU A 165 -6.81 -3.27 -11.88
C GLU A 165 -6.13 -3.82 -13.12
N ALA A 166 -5.44 -4.97 -12.97
CA ALA A 166 -4.77 -5.57 -14.11
C ALA A 166 -5.76 -6.10 -15.14
N MET A 167 -6.85 -6.71 -14.69
N MET A 167 -6.86 -6.69 -14.69
CA MET A 167 -7.89 -7.15 -15.60
CA MET A 167 -7.88 -7.15 -15.64
C MET A 167 -8.38 -5.99 -16.46
C MET A 167 -8.41 -5.99 -16.48
N ALA A 168 -8.68 -4.86 -15.83
CA ALA A 168 -9.17 -3.70 -16.56
C ALA A 168 -8.10 -3.15 -17.51
N PHE A 169 -6.85 -3.10 -17.04
CA PHE A 169 -5.75 -2.61 -17.88
C PHE A 169 -5.63 -3.43 -19.15
N ALA A 170 -5.70 -4.75 -19.02
CA ALA A 170 -5.49 -5.61 -20.18
C ALA A 170 -6.59 -5.44 -21.22
N SER A 171 -7.82 -5.17 -20.79
N SER A 171 -7.82 -5.22 -20.77
CA SER A 171 -8.87 -4.96 -21.78
CA SER A 171 -8.92 -4.92 -21.69
C SER A 171 -8.82 -3.55 -22.38
C SER A 171 -8.69 -3.59 -22.39
N ILE A 172 -8.41 -2.54 -21.60
CA ILE A 172 -8.20 -1.20 -22.18
C ILE A 172 -7.16 -1.26 -23.28
N TYR A 173 -6.06 -1.97 -23.03
CA TYR A 173 -4.95 -1.98 -23.97
C TYR A 173 -4.95 -3.20 -24.88
N LYS A 174 -6.06 -3.94 -24.92
CA LYS A 174 -6.30 -4.98 -25.91
C LYS A 174 -5.13 -5.98 -25.96
N LEU A 175 -4.79 -6.52 -24.79
CA LEU A 175 -3.65 -7.42 -24.67
C LEU A 175 -4.08 -8.83 -25.09
N ASP A 176 -4.22 -9.02 -26.41
CA ASP A 176 -4.66 -10.30 -26.94
C ASP A 176 -3.53 -11.32 -27.00
N ASN A 177 -2.35 -10.96 -26.52
CA ASN A 177 -1.24 -11.88 -26.31
C ASN A 177 -1.13 -12.36 -24.87
N LEU A 178 -2.12 -12.06 -24.03
CA LEU A 178 -2.10 -12.35 -22.60
C LEU A 178 -3.18 -13.35 -22.24
N VAL A 179 -2.83 -14.34 -21.43
CA VAL A 179 -3.75 -15.35 -20.94
C VAL A 179 -3.60 -15.46 -19.43
N ALA A 180 -4.71 -15.34 -18.73
CA ALA A 180 -4.74 -15.59 -17.29
C ALA A 180 -5.38 -16.95 -17.08
N ILE A 181 -4.73 -17.79 -16.27
CA ILE A 181 -5.29 -19.08 -15.90
C ILE A 181 -5.67 -18.99 -14.44
N LEU A 182 -6.93 -19.24 -14.14
CA LEU A 182 -7.45 -19.14 -12.79
C LEU A 182 -7.62 -20.55 -12.23
N ASP A 183 -6.87 -20.87 -11.18
CA ASP A 183 -6.90 -22.19 -10.56
C ASP A 183 -8.02 -22.18 -9.53
N ILE A 184 -9.24 -22.47 -9.98
CA ILE A 184 -10.43 -22.37 -9.12
C ILE A 184 -10.53 -23.69 -8.36
N ASN A 185 -9.69 -23.84 -7.34
CA ASN A 185 -9.68 -25.07 -6.58
C ASN A 185 -10.54 -24.98 -5.31
N ARG A 186 -11.42 -23.98 -5.24
CA ARG A 186 -12.50 -23.82 -4.26
C ARG A 186 -12.02 -23.29 -2.91
N LEU A 187 -10.75 -23.49 -2.57
CA LEU A 187 -10.27 -23.25 -1.22
C LEU A 187 -9.16 -22.20 -1.19
N GLY A 188 -9.17 -21.35 -0.17
CA GLY A 188 -8.05 -20.50 0.17
C GLY A 188 -7.19 -21.13 1.24
N GLN A 189 -6.59 -20.29 2.09
CA GLN A 189 -5.70 -20.79 3.13
C GLN A 189 -6.45 -21.31 4.34
N SER A 190 -7.48 -20.59 4.80
CA SER A 190 -8.11 -20.88 6.08
C SER A 190 -9.61 -21.12 5.98
N ASP A 191 -10.15 -21.17 4.76
CA ASP A 191 -11.57 -21.36 4.52
C ASP A 191 -11.77 -21.49 3.01
N PRO A 192 -12.95 -21.91 2.55
CA PRO A 192 -13.23 -21.84 1.11
C PRO A 192 -13.12 -20.41 0.60
N ALA A 193 -12.69 -20.27 -0.64
CA ALA A 193 -12.71 -18.97 -1.29
C ALA A 193 -14.16 -18.51 -1.43
N PRO A 194 -14.42 -17.20 -1.39
CA PRO A 194 -15.83 -16.73 -1.37
C PRO A 194 -16.74 -17.38 -2.40
N LEU A 195 -16.29 -17.51 -3.64
CA LEU A 195 -17.17 -18.00 -4.69
C LEU A 195 -17.13 -19.52 -4.83
N GLN A 196 -16.22 -20.20 -4.13
CA GLN A 196 -16.09 -21.65 -4.22
C GLN A 196 -16.12 -22.12 -5.66
N HIS A 197 -17.03 -23.03 -6.04
CA HIS A 197 -17.05 -23.54 -7.40
C HIS A 197 -18.20 -22.98 -8.23
N GLN A 198 -18.62 -21.74 -7.94
CA GLN A 198 -19.59 -21.03 -8.77
C GLN A 198 -18.87 -20.49 -10.00
N MET A 199 -18.59 -21.39 -10.95
CA MET A 199 -17.80 -21.04 -12.11
C MET A 199 -18.47 -19.93 -12.91
N ASP A 200 -19.81 -19.91 -12.92
CA ASP A 200 -20.53 -18.92 -13.71
C ASP A 200 -20.29 -17.50 -13.21
N ILE A 201 -20.12 -17.30 -11.90
CA ILE A 201 -19.85 -15.96 -11.38
CA ILE A 201 -19.84 -15.97 -11.37
C ILE A 201 -18.44 -15.51 -11.76
N TYR A 202 -17.46 -16.41 -11.70
CA TYR A 202 -16.13 -16.06 -12.19
C TYR A 202 -16.19 -15.65 -13.67
N GLN A 203 -16.91 -16.41 -14.48
CA GLN A 203 -17.04 -16.05 -15.89
C GLN A 203 -17.67 -14.68 -16.05
N LYS A 204 -18.74 -14.41 -15.32
CA LYS A 204 -19.40 -13.10 -15.45
C LYS A 204 -18.48 -11.96 -15.05
N ARG A 205 -17.69 -12.15 -13.99
CA ARG A 205 -16.79 -11.08 -13.56
C ARG A 205 -15.70 -10.84 -14.60
N CYS A 206 -15.12 -11.91 -15.15
CA CYS A 206 -14.09 -11.73 -16.17
C CYS A 206 -14.65 -11.09 -17.44
N GLU A 207 -15.83 -11.54 -17.87
CA GLU A 207 -16.45 -10.97 -19.06
C GLU A 207 -16.80 -9.50 -18.86
N ALA A 208 -17.28 -9.15 -17.66
CA ALA A 208 -17.65 -7.75 -17.40
C ALA A 208 -16.45 -6.83 -17.47
N PHE A 209 -15.26 -7.36 -17.15
CA PHE A 209 -14.01 -6.61 -17.26
C PHE A 209 -13.34 -6.77 -18.62
N GLY A 210 -14.04 -7.31 -19.61
CA GLY A 210 -13.59 -7.26 -20.99
C GLY A 210 -12.78 -8.44 -21.46
N TRP A 211 -12.72 -9.51 -20.69
CA TRP A 211 -11.94 -10.68 -21.07
C TRP A 211 -12.81 -11.71 -21.76
N HIS A 212 -12.23 -12.42 -22.71
CA HIS A 212 -12.83 -13.64 -23.22
C HIS A 212 -12.60 -14.74 -22.18
N ALA A 213 -13.69 -15.31 -21.67
CA ALA A 213 -13.65 -16.18 -20.50
C ALA A 213 -14.16 -17.57 -20.86
N ILE A 214 -13.31 -18.58 -20.65
CA ILE A 214 -13.62 -19.97 -20.97
C ILE A 214 -13.54 -20.79 -19.69
N ILE A 215 -14.66 -21.43 -19.34
CA ILE A 215 -14.66 -22.38 -18.22
C ILE A 215 -14.18 -23.74 -18.72
N VAL A 216 -13.21 -24.34 -18.01
CA VAL A 216 -12.73 -25.67 -18.35
C VAL A 216 -12.67 -26.54 -17.12
N ASP A 217 -12.62 -27.85 -17.36
CA ASP A 217 -12.19 -28.82 -16.37
C ASP A 217 -10.67 -28.71 -16.28
N GLY A 218 -10.17 -28.17 -15.16
CA GLY A 218 -8.75 -27.93 -14.99
C GLY A 218 -7.90 -29.17 -14.83
N HIS A 219 -8.52 -30.36 -14.75
CA HIS A 219 -7.78 -31.61 -14.70
C HIS A 219 -7.94 -32.41 -15.99
N SER A 220 -8.45 -31.76 -17.05
CA SER A 220 -8.59 -32.38 -18.36
C SER A 220 -7.50 -31.80 -19.26
N VAL A 221 -6.46 -32.60 -19.54
CA VAL A 221 -5.40 -32.09 -20.42
C VAL A 221 -5.96 -31.76 -21.80
N GLU A 222 -7.00 -32.47 -22.24
CA GLU A 222 -7.54 -32.21 -23.57
C GLU A 222 -8.27 -30.88 -23.62
N GLU A 223 -9.13 -30.60 -22.64
CA GLU A 223 -9.82 -29.31 -22.62
C GLU A 223 -8.84 -28.16 -22.47
N LEU A 224 -7.77 -28.36 -21.71
CA LEU A 224 -6.77 -27.32 -21.55
C LEU A 224 -6.01 -27.08 -22.85
N CYS A 225 -5.58 -28.15 -23.53
CA CYS A 225 -4.92 -27.98 -24.82
C CYS A 225 -5.82 -27.18 -25.77
N LYS A 226 -7.10 -27.50 -25.81
CA LYS A 226 -8.01 -26.86 -26.74
C LYS A 226 -8.21 -25.39 -26.36
N ALA A 227 -8.43 -25.12 -25.07
CA ALA A 227 -8.67 -23.75 -24.63
C ALA A 227 -7.44 -22.87 -24.87
N PHE A 228 -6.24 -23.39 -24.61
CA PHE A 228 -5.02 -22.64 -24.85
C PHE A 228 -4.69 -22.51 -26.34
N GLY A 229 -5.23 -23.39 -27.19
CA GLY A 229 -4.81 -23.44 -28.57
C GLY A 229 -5.47 -22.45 -29.49
N GLN A 230 -6.48 -21.73 -29.02
CA GLN A 230 -7.21 -20.75 -29.82
C GLN A 230 -6.83 -19.34 -29.38
N ALA A 231 -6.21 -18.58 -30.27
CA ALA A 231 -5.96 -17.17 -29.97
C ALA A 231 -7.25 -16.38 -30.08
N LYS A 232 -7.26 -15.19 -29.46
CA LYS A 232 -8.43 -14.33 -29.42
C LYS A 232 -8.02 -12.90 -29.75
N HIS A 233 -9.01 -12.02 -29.83
CA HIS A 233 -8.78 -10.60 -29.99
C HIS A 233 -8.85 -9.86 -28.66
N GLN A 234 -9.04 -10.57 -27.56
CA GLN A 234 -9.09 -10.00 -26.23
C GLN A 234 -8.13 -10.76 -25.34
N PRO A 235 -7.72 -10.19 -24.21
CA PRO A 235 -7.12 -11.01 -23.16
C PRO A 235 -8.07 -12.13 -22.81
N THR A 236 -7.50 -13.32 -22.52
CA THR A 236 -8.28 -14.54 -22.37
C THR A 236 -8.09 -15.10 -20.97
N ALA A 237 -9.20 -15.36 -20.30
CA ALA A 237 -9.22 -15.95 -18.97
C ALA A 237 -9.65 -17.41 -19.09
N ILE A 238 -8.76 -18.33 -18.73
CA ILE A 238 -9.07 -19.75 -18.67
C ILE A 238 -9.44 -20.04 -17.22
N ILE A 239 -10.72 -20.28 -16.99
CA ILE A 239 -11.28 -20.42 -15.65
C ILE A 239 -11.38 -21.91 -15.38
N ALA A 240 -10.41 -22.43 -14.65
CA ALA A 240 -10.22 -23.88 -14.52
C ALA A 240 -10.82 -24.38 -13.21
N LYS A 241 -11.85 -25.23 -13.31
CA LYS A 241 -12.41 -25.86 -12.13
C LYS A 241 -11.48 -27.00 -11.72
N THR A 242 -10.90 -26.88 -10.54
CA THR A 242 -9.92 -27.85 -10.04
C THR A 242 -10.26 -28.24 -8.62
N PHE A 243 -9.55 -29.24 -8.10
CA PHE A 243 -9.66 -29.60 -6.70
C PHE A 243 -8.32 -29.43 -6.02
N LYS A 244 -8.32 -28.77 -4.87
CA LYS A 244 -7.08 -28.59 -4.13
C LYS A 244 -6.58 -29.95 -3.66
N GLY A 245 -5.27 -30.18 -3.79
CA GLY A 245 -4.78 -31.52 -3.45
C GLY A 245 -5.20 -32.61 -4.42
N ARG A 246 -5.51 -32.24 -5.67
CA ARG A 246 -5.94 -33.21 -6.67
C ARG A 246 -4.95 -34.36 -6.77
N GLY A 247 -5.48 -35.58 -6.67
CA GLY A 247 -4.67 -36.77 -6.80
C GLY A 247 -4.11 -37.31 -5.50
N ILE A 248 -4.31 -36.60 -4.39
CA ILE A 248 -3.87 -37.06 -3.07
C ILE A 248 -5.11 -37.62 -2.39
N THR A 249 -5.23 -38.95 -2.33
N THR A 249 -5.25 -38.94 -2.39
CA THR A 249 -6.40 -39.56 -1.73
CA THR A 249 -6.48 -39.57 -1.91
C THR A 249 -6.49 -39.20 -0.25
C THR A 249 -6.76 -39.19 -0.46
N GLY A 250 -7.71 -38.88 0.20
N GLY A 250 -7.97 -38.71 -0.21
CA GLY A 250 -7.94 -38.41 1.54
CA GLY A 250 -8.39 -38.29 1.10
C GLY A 250 -7.66 -36.94 1.76
C GLY A 250 -8.08 -36.82 1.42
N VAL A 251 -7.05 -36.26 0.80
CA VAL A 251 -6.70 -34.85 0.99
C VAL A 251 -7.38 -33.98 -0.06
N GLU A 252 -7.58 -34.51 -1.26
CA GLU A 252 -8.25 -33.77 -2.34
C GLU A 252 -9.56 -33.15 -1.86
N ASP A 253 -9.72 -31.84 -2.11
CA ASP A 253 -10.94 -31.09 -1.83
C ASP A 253 -11.22 -30.89 -0.33
N LYS A 254 -10.21 -31.11 0.52
N LYS A 254 -10.22 -31.11 0.53
CA LYS A 254 -10.39 -31.01 1.96
CA LYS A 254 -10.42 -31.01 1.97
C LYS A 254 -9.79 -29.73 2.52
C LYS A 254 -9.79 -29.75 2.52
N GLU A 255 -10.42 -29.20 3.56
CA GLU A 255 -9.84 -28.09 4.29
C GLU A 255 -8.72 -28.60 5.20
N SER A 256 -8.04 -27.65 5.86
CA SER A 256 -7.00 -27.91 6.85
CA SER A 256 -7.00 -27.90 6.85
C SER A 256 -5.70 -28.44 6.24
N TRP A 257 -5.50 -28.29 4.94
CA TRP A 257 -4.29 -28.78 4.30
C TRP A 257 -3.48 -27.71 3.57
N HIS A 258 -3.89 -26.45 3.60
CA HIS A 258 -3.11 -25.43 2.93
C HIS A 258 -1.76 -25.25 3.61
N GLY A 259 -0.68 -25.29 2.82
CA GLY A 259 0.64 -25.11 3.39
C GLY A 259 1.08 -26.20 4.33
N LYS A 260 0.46 -27.38 4.23
CA LYS A 260 0.82 -28.51 5.07
C LYS A 260 1.48 -29.57 4.21
N PRO A 261 2.72 -29.93 4.48
CA PRO A 261 3.34 -31.03 3.75
C PRO A 261 2.82 -32.38 4.24
N LEU A 262 2.95 -33.36 3.37
CA LEU A 262 2.61 -34.72 3.79
C LEU A 262 3.73 -35.29 4.64
N PRO A 263 3.41 -35.97 5.74
CA PRO A 263 4.43 -36.71 6.45
C PRO A 263 5.02 -37.81 5.58
N LYS A 264 6.24 -38.22 5.94
CA LYS A 264 7.00 -39.15 5.11
C LYS A 264 6.23 -40.43 4.78
N ASN A 265 5.62 -41.07 5.79
CA ASN A 265 4.92 -42.34 5.54
C ASN A 265 3.78 -42.13 4.56
N MET A 266 3.05 -41.02 4.72
CA MET A 266 1.94 -40.72 3.82
C MET A 266 2.42 -40.39 2.42
N ALA A 267 3.48 -39.57 2.32
CA ALA A 267 4.03 -39.22 1.01
C ALA A 267 4.44 -40.47 0.23
N GLU A 268 5.08 -41.43 0.90
CA GLU A 268 5.51 -42.65 0.20
C GLU A 268 4.31 -43.41 -0.35
N GLN A 269 3.27 -43.56 0.47
CA GLN A 269 2.07 -44.28 0.05
C GLN A 269 1.40 -43.56 -1.12
N ILE A 270 1.23 -42.24 -1.01
CA ILE A 270 0.55 -41.47 -2.04
C ILE A 270 1.34 -41.49 -3.35
N ILE A 271 2.67 -41.34 -3.25
CA ILE A 271 3.49 -41.30 -4.45
C ILE A 271 3.40 -42.62 -5.21
N GLN A 272 3.38 -43.74 -4.48
CA GLN A 272 3.22 -45.02 -5.14
C GLN A 272 1.90 -45.09 -5.90
N GLU A 273 0.82 -44.57 -5.30
CA GLU A 273 -0.46 -44.52 -5.98
C GLU A 273 -0.39 -43.69 -7.27
N ILE A 274 0.20 -42.50 -7.18
CA ILE A 274 0.29 -41.64 -8.35
C ILE A 274 1.18 -42.28 -9.41
N TYR A 275 2.31 -42.85 -9.00
N TYR A 275 2.32 -42.83 -8.99
CA TYR A 275 3.22 -43.47 -9.94
CA TYR A 275 3.23 -43.50 -9.92
C TYR A 275 2.56 -44.62 -10.69
C TYR A 275 2.52 -44.60 -10.71
N SER A 276 1.61 -45.32 -10.06
CA SER A 276 0.93 -46.42 -10.72
C SER A 276 0.03 -45.94 -11.86
N GLN A 277 -0.27 -44.64 -11.92
CA GLN A 277 -1.08 -44.07 -12.98
C GLN A 277 -0.27 -43.60 -14.17
N ILE A 278 1.06 -43.57 -14.06
CA ILE A 278 1.94 -43.04 -15.11
C ILE A 278 2.24 -44.15 -16.11
N GLN A 279 1.92 -43.92 -17.37
CA GLN A 279 2.03 -44.98 -18.36
C GLN A 279 3.41 -45.08 -19.02
N SER A 280 4.14 -43.97 -19.14
CA SER A 280 5.46 -43.99 -19.74
C SER A 280 6.38 -43.00 -19.03
N LYS A 281 7.64 -43.40 -18.88
CA LYS A 281 8.69 -42.53 -18.35
C LYS A 281 9.20 -41.52 -19.37
N LYS A 282 8.83 -41.67 -20.64
CA LYS A 282 9.34 -40.79 -21.68
C LYS A 282 8.84 -39.36 -21.47
N LYS A 283 9.74 -38.39 -21.56
CA LYS A 283 9.41 -36.99 -21.33
C LYS A 283 9.15 -36.26 -22.65
N ILE A 284 8.23 -35.30 -22.60
CA ILE A 284 7.96 -34.42 -23.74
C ILE A 284 9.02 -33.34 -23.82
N LEU A 285 9.37 -32.94 -25.04
CA LEU A 285 10.35 -31.89 -25.24
C LEU A 285 9.66 -30.55 -25.43
N ALA A 286 10.27 -29.50 -24.87
CA ALA A 286 9.81 -28.15 -25.12
C ALA A 286 10.02 -27.78 -26.59
N THR A 287 9.18 -26.87 -27.08
CA THR A 287 9.28 -26.40 -28.46
C THR A 287 9.77 -24.96 -28.47
N PRO A 288 10.75 -24.62 -29.31
CA PRO A 288 11.38 -23.29 -29.22
C PRO A 288 10.54 -22.21 -29.86
N PRO A 289 10.83 -20.94 -29.58
CA PRO A 289 10.01 -19.82 -30.08
C PRO A 289 10.48 -19.29 -31.42
N GLN A 290 9.59 -18.50 -32.03
CA GLN A 290 9.98 -17.68 -33.17
C GLN A 290 10.80 -16.51 -32.67
N GLU A 291 11.95 -16.25 -33.30
CA GLU A 291 12.94 -15.32 -32.76
C GLU A 291 12.80 -13.95 -33.44
N ASP A 292 11.79 -13.19 -33.01
CA ASP A 292 11.52 -11.90 -33.61
C ASP A 292 11.52 -10.75 -32.62
N ALA A 293 11.96 -10.97 -31.38
CA ALA A 293 12.18 -9.83 -30.49
C ALA A 293 13.40 -9.04 -30.96
N PRO A 294 13.32 -7.72 -30.97
CA PRO A 294 14.43 -6.92 -31.50
C PRO A 294 15.58 -6.82 -30.50
N SER A 295 16.73 -6.42 -31.03
CA SER A 295 17.86 -6.08 -30.17
C SER A 295 17.52 -4.83 -29.35
N VAL A 296 18.05 -4.78 -28.14
CA VAL A 296 17.91 -3.61 -27.29
C VAL A 296 19.30 -3.15 -26.87
N ASP A 297 19.55 -1.85 -26.99
CA ASP A 297 20.83 -1.30 -26.57
C ASP A 297 20.91 -1.27 -25.05
N ILE A 298 22.12 -1.48 -24.53
CA ILE A 298 22.36 -1.52 -23.09
C ILE A 298 23.28 -0.39 -22.64
N ALA A 299 23.56 0.57 -23.51
CA ALA A 299 24.54 1.60 -23.22
C ALA A 299 23.99 2.63 -22.22
N ASN A 300 24.92 3.33 -21.57
N ASN A 300 24.90 3.34 -21.57
CA ASN A 300 24.60 4.49 -20.75
CA ASN A 300 24.48 4.38 -20.65
C ASN A 300 23.70 5.44 -21.51
C ASN A 300 23.81 5.53 -21.41
N ILE A 301 22.74 6.05 -20.82
CA ILE A 301 21.85 7.02 -21.43
C ILE A 301 22.23 8.42 -20.95
N ARG A 302 22.48 9.32 -21.89
CA ARG A 302 22.91 10.67 -21.58
C ARG A 302 21.92 11.68 -22.11
N MET A 303 21.67 12.72 -21.32
CA MET A 303 20.90 13.85 -21.82
C MET A 303 21.55 14.42 -23.07
N PRO A 304 20.77 14.88 -24.05
CA PRO A 304 21.36 15.42 -25.29
C PRO A 304 22.12 16.72 -25.09
N SER A 305 22.00 17.36 -23.95
CA SER A 305 22.70 18.61 -23.67
C SER A 305 22.61 18.90 -22.18
N LEU A 306 23.42 19.84 -21.73
CA LEU A 306 23.36 20.28 -20.35
C LEU A 306 22.00 20.93 -20.08
N PRO A 307 21.63 21.06 -18.81
CA PRO A 307 20.40 21.81 -18.50
C PRO A 307 20.52 23.23 -19.01
N SER A 308 19.37 23.83 -19.33
CA SER A 308 19.35 25.16 -19.93
C SER A 308 18.59 26.15 -19.07
N TYR A 309 18.60 25.94 -17.75
CA TYR A 309 18.02 26.90 -16.82
C TYR A 309 18.99 28.05 -16.58
N LYS A 310 18.49 29.11 -15.96
CA LYS A 310 19.34 30.22 -15.56
C LYS A 310 19.14 30.49 -14.09
N VAL A 311 20.25 30.60 -13.36
CA VAL A 311 20.22 30.93 -11.94
C VAL A 311 19.32 32.12 -11.71
N GLY A 312 18.45 32.02 -10.71
CA GLY A 312 17.49 33.05 -10.40
C GLY A 312 16.10 32.79 -10.96
N ASP A 313 16.00 32.10 -12.09
CA ASP A 313 14.69 31.74 -12.62
C ASP A 313 13.96 30.84 -11.64
N LYS A 314 12.63 30.93 -11.64
CA LYS A 314 11.79 30.16 -10.75
C LYS A 314 11.14 29.01 -11.51
N ILE A 315 11.30 27.79 -11.03
CA ILE A 315 10.56 26.66 -11.57
C ILE A 315 10.38 25.62 -10.46
N ALA A 316 9.18 25.03 -10.41
CA ALA A 316 8.94 23.94 -9.46
C ALA A 316 9.65 22.68 -9.95
N THR A 317 10.20 21.90 -9.01
CA THR A 317 10.88 20.68 -9.46
C THR A 317 9.93 19.69 -10.11
N ARG A 318 8.63 19.75 -9.83
CA ARG A 318 7.72 18.87 -10.56
C ARG A 318 7.70 19.20 -12.04
N LYS A 319 7.73 20.48 -12.41
CA LYS A 319 7.78 20.83 -13.82
C LYS A 319 9.14 20.48 -14.43
N ALA A 320 10.21 20.75 -13.69
CA ALA A 320 11.54 20.36 -14.17
C ALA A 320 11.61 18.86 -14.43
N TYR A 321 10.90 18.05 -13.65
CA TYR A 321 10.89 16.62 -13.89
C TYR A 321 10.31 16.30 -15.26
N GLY A 322 9.13 16.82 -15.56
CA GLY A 322 8.53 16.54 -16.86
C GLY A 322 9.40 17.02 -18.00
N GLN A 323 9.98 18.22 -17.86
CA GLN A 323 10.87 18.73 -18.90
C GLN A 323 12.07 17.81 -19.08
N ALA A 324 12.68 17.38 -17.97
CA ALA A 324 13.86 16.53 -18.04
C ALA A 324 13.52 15.15 -18.60
N LEU A 325 12.36 14.61 -18.25
CA LEU A 325 12.00 13.28 -18.74
C LEU A 325 11.73 13.31 -20.24
N ALA A 326 11.05 14.35 -20.72
CA ALA A 326 10.84 14.50 -22.15
C ALA A 326 12.16 14.66 -22.88
N LYS A 327 13.07 15.46 -22.31
CA LYS A 327 14.39 15.64 -22.91
C LYS A 327 15.13 14.32 -23.01
N LEU A 328 15.10 13.52 -21.94
CA LEU A 328 15.79 12.23 -21.96
C LEU A 328 15.16 11.28 -22.96
N GLY A 329 13.86 11.40 -23.19
CA GLY A 329 13.20 10.57 -24.17
C GLY A 329 13.72 10.77 -25.58
N HIS A 330 14.27 11.96 -25.86
CA HIS A 330 14.87 12.19 -27.18
C HIS A 330 16.21 11.52 -27.36
N ALA A 331 16.88 11.14 -26.26
CA ALA A 331 18.20 10.54 -26.35
C ALA A 331 18.19 9.03 -26.44
N SER A 332 17.18 8.38 -25.86
CA SER A 332 17.10 6.92 -25.87
C SER A 332 15.66 6.50 -26.06
N ASP A 333 15.44 5.58 -26.99
CA ASP A 333 14.10 5.03 -27.20
C ASP A 333 13.71 4.02 -26.12
N ARG A 334 14.63 3.70 -25.20
N ARG A 334 14.62 3.71 -25.19
CA ARG A 334 14.29 2.78 -24.13
CA ARG A 334 14.29 2.78 -24.13
C ARG A 334 13.43 3.40 -23.04
C ARG A 334 13.48 3.40 -23.01
N ILE A 335 13.45 4.73 -22.94
CA ILE A 335 12.70 5.41 -21.87
C ILE A 335 11.21 5.30 -22.14
N ILE A 336 10.46 4.82 -21.14
CA ILE A 336 9.01 4.87 -21.20
C ILE A 336 8.51 5.54 -19.94
N ALA A 337 7.32 6.12 -20.02
CA ALA A 337 6.74 6.85 -18.90
C ALA A 337 5.34 6.31 -18.60
N LEU A 338 5.03 6.23 -17.31
CA LEU A 338 3.74 5.75 -16.84
C LEU A 338 3.21 6.74 -15.82
N ASP A 339 1.90 6.94 -15.80
CA ASP A 339 1.31 7.89 -14.86
C ASP A 339 -0.12 7.47 -14.58
N GLY A 340 -0.58 7.81 -13.38
CA GLY A 340 -1.91 7.41 -12.94
C GLY A 340 -2.93 8.53 -12.94
N ASP A 341 -3.29 9.02 -14.12
CA ASP A 341 -4.24 10.12 -14.31
C ASP A 341 -3.81 11.39 -13.58
N THR A 342 -2.48 11.59 -13.40
CA THR A 342 -1.99 12.82 -12.79
C THR A 342 -0.95 13.52 -13.67
N LYS A 343 -0.94 13.24 -14.98
CA LYS A 343 0.11 13.74 -15.84
C LYS A 343 0.13 15.27 -15.95
N ASN A 344 -1.00 15.93 -15.72
CA ASN A 344 -1.01 17.39 -15.73
C ASN A 344 -0.48 17.99 -14.45
N SER A 345 -0.37 17.18 -13.39
CA SER A 345 0.15 17.61 -12.09
C SER A 345 1.59 17.22 -11.87
N THR A 346 2.01 16.06 -12.36
CA THR A 346 3.39 15.59 -12.29
C THR A 346 4.23 16.14 -13.45
N PHE A 347 3.55 16.64 -14.48
CA PHE A 347 4.12 17.10 -15.75
C PHE A 347 4.74 15.99 -16.58
N SER A 348 4.40 14.73 -16.30
CA SER A 348 4.72 13.69 -17.28
C SER A 348 3.97 13.89 -18.58
N GLU A 349 2.95 14.77 -18.59
CA GLU A 349 2.26 15.13 -19.83
C GLU A 349 3.22 15.70 -20.87
N ILE A 350 4.34 16.27 -20.44
CA ILE A 350 5.30 16.80 -21.40
C ILE A 350 5.90 15.67 -22.20
N PHE A 351 6.25 14.57 -21.53
CA PHE A 351 6.74 13.38 -22.21
C PHE A 351 5.67 12.78 -23.11
N LYS A 352 4.43 12.71 -22.64
CA LYS A 352 3.36 12.19 -23.49
C LYS A 352 3.24 13.01 -24.77
N LYS A 353 3.38 14.34 -24.66
CA LYS A 353 3.23 15.18 -25.85
C LYS A 353 4.32 14.88 -26.87
N GLU A 354 5.55 14.71 -26.42
CA GLU A 354 6.66 14.53 -27.35
C GLU A 354 6.89 13.08 -27.76
N HIS A 355 6.54 12.11 -26.90
CA HIS A 355 6.83 10.70 -27.15
C HIS A 355 5.59 9.86 -26.87
N PRO A 356 4.46 10.14 -27.53
CA PRO A 356 3.20 9.49 -27.12
C PRO A 356 3.22 7.97 -27.21
N ASP A 357 4.02 7.40 -28.12
CA ASP A 357 4.04 5.96 -28.26
C ASP A 357 4.65 5.27 -27.05
N ARG A 358 5.39 6.02 -26.22
CA ARG A 358 6.10 5.44 -25.09
C ARG A 358 5.52 5.90 -23.75
N PHE A 359 4.35 6.51 -23.77
CA PHE A 359 3.60 6.88 -22.56
C PHE A 359 2.50 5.87 -22.32
N ILE A 360 2.37 5.41 -21.07
CA ILE A 360 1.33 4.46 -20.71
C ILE A 360 0.44 5.13 -19.66
N GLU A 361 -0.77 5.50 -20.05
CA GLU A 361 -1.76 5.97 -19.09
C GLU A 361 -2.26 4.79 -18.27
N CYS A 362 -2.03 4.83 -16.97
CA CYS A 362 -2.39 3.72 -16.10
C CYS A 362 -3.66 3.98 -15.32
N TYR A 363 -4.21 5.19 -15.41
CA TYR A 363 -5.44 5.56 -14.73
C TYR A 363 -5.23 5.50 -13.22
N ILE A 364 -6.31 5.58 -12.43
CA ILE A 364 -6.19 5.81 -10.99
C ILE A 364 -6.04 4.44 -10.35
N ALA A 365 -4.83 3.90 -10.47
CA ALA A 365 -4.52 2.52 -10.11
C ALA A 365 -3.02 2.37 -9.88
N GLU A 366 -2.56 2.88 -8.74
CA GLU A 366 -1.11 2.97 -8.49
C GLU A 366 -0.47 1.60 -8.31
N GLN A 367 -1.18 0.65 -7.70
N GLN A 367 -1.16 0.67 -7.66
CA GLN A 367 -0.62 -0.69 -7.50
CA GLN A 367 -0.61 -0.69 -7.52
C GLN A 367 -0.31 -1.33 -8.84
C GLN A 367 -0.27 -1.24 -8.88
N ASN A 368 -1.26 -1.28 -9.76
CA ASN A 368 -1.04 -1.85 -11.08
C ASN A 368 0.03 -1.08 -11.82
N MET A 369 0.07 0.26 -11.70
CA MET A 369 1.08 1.02 -12.42
C MET A 369 2.48 0.54 -12.07
N VAL A 370 2.77 0.36 -10.79
CA VAL A 370 4.09 -0.12 -10.40
C VAL A 370 4.36 -1.50 -10.97
N SER A 371 3.36 -2.39 -10.91
CA SER A 371 3.55 -3.72 -11.46
C SER A 371 3.76 -3.69 -12.98
N ILE A 372 3.06 -2.80 -13.69
CA ILE A 372 3.29 -2.67 -15.13
C ILE A 372 4.75 -2.29 -15.38
N ALA A 373 5.25 -1.29 -14.64
CA ALA A 373 6.64 -0.88 -14.79
C ALA A 373 7.59 -2.03 -14.56
N VAL A 374 7.37 -2.78 -13.48
CA VAL A 374 8.23 -3.92 -13.19
C VAL A 374 8.22 -4.89 -14.37
N GLY A 375 7.03 -5.16 -14.90
CA GLY A 375 6.92 -6.07 -16.04
C GLY A 375 7.63 -5.54 -17.26
N CYS A 376 7.50 -4.23 -17.52
CA CYS A 376 8.18 -3.64 -18.68
C CYS A 376 9.69 -3.66 -18.52
N ALA A 377 10.19 -3.63 -17.30
CA ALA A 377 11.62 -3.62 -17.10
C ALA A 377 12.22 -5.02 -17.14
N THR A 378 11.41 -6.08 -17.08
CA THR A 378 12.02 -7.40 -17.06
C THR A 378 12.77 -7.66 -18.36
N ARG A 379 13.84 -8.44 -18.26
CA ARG A 379 14.75 -8.71 -19.36
C ARG A 379 15.30 -7.43 -19.99
N ASN A 380 15.31 -6.36 -19.20
CA ASN A 380 15.89 -5.08 -19.58
C ASN A 380 15.27 -4.52 -20.87
N ARG A 381 13.99 -4.81 -21.13
CA ARG A 381 13.40 -4.42 -22.40
C ARG A 381 13.13 -2.91 -22.48
N THR A 382 12.85 -2.26 -21.34
CA THR A 382 12.61 -0.82 -21.29
C THR A 382 13.23 -0.23 -20.02
N VAL A 383 13.27 1.09 -19.97
CA VAL A 383 13.67 1.83 -18.78
C VAL A 383 12.48 2.69 -18.33
N PRO A 384 11.67 2.20 -17.38
CA PRO A 384 10.42 2.89 -17.02
C PRO A 384 10.56 3.96 -15.94
N PHE A 385 9.83 5.05 -16.14
CA PHE A 385 9.64 6.12 -15.15
C PHE A 385 8.15 6.24 -14.87
N CYS A 386 7.71 5.84 -13.67
CA CYS A 386 6.32 5.97 -13.22
CA CYS A 386 6.31 6.03 -13.32
C CYS A 386 6.17 7.21 -12.35
N SER A 387 5.03 7.88 -12.47
CA SER A 387 4.82 9.08 -11.67
C SER A 387 3.37 9.21 -11.21
N THR A 388 3.23 9.78 -10.03
CA THR A 388 1.98 10.21 -9.41
C THR A 388 2.38 11.17 -8.30
N PHE A 389 1.42 11.56 -7.46
CA PHE A 389 1.78 12.26 -6.23
C PHE A 389 2.55 11.28 -5.35
N ALA A 390 3.59 11.77 -4.67
CA ALA A 390 4.33 10.87 -3.80
C ALA A 390 3.45 10.22 -2.74
N ALA A 391 2.43 10.94 -2.26
CA ALA A 391 1.55 10.39 -1.25
C ALA A 391 0.86 9.11 -1.73
N PHE A 392 0.53 9.04 -3.01
CA PHE A 392 -0.18 7.89 -3.55
C PHE A 392 0.75 6.74 -3.90
N PHE A 393 2.08 6.93 -3.87
CA PHE A 393 2.91 5.73 -3.91
C PHE A 393 2.78 4.88 -2.64
N THR A 394 2.28 5.43 -1.53
CA THR A 394 1.98 4.55 -0.39
C THR A 394 0.94 3.50 -0.75
N ARG A 395 0.09 3.77 -1.75
N ARG A 395 0.09 3.78 -1.75
CA ARG A 395 -0.88 2.80 -2.21
CA ARG A 395 -0.89 2.80 -2.22
C ARG A 395 -0.22 1.57 -2.82
C ARG A 395 -0.25 1.59 -2.87
N ALA A 396 1.02 1.72 -3.29
CA ALA A 396 1.72 0.66 -4.01
C ALA A 396 2.92 0.13 -3.23
N PHE A 397 2.97 0.32 -1.90
CA PHE A 397 4.18 -0.05 -1.16
C PHE A 397 4.50 -1.54 -1.30
N ASP A 398 3.49 -2.42 -1.24
CA ASP A 398 3.77 -3.86 -1.36
C ASP A 398 4.32 -4.19 -2.74
N GLN A 399 3.82 -3.54 -3.79
CA GLN A 399 4.37 -3.73 -5.12
C GLN A 399 5.82 -3.24 -5.20
N ILE A 400 6.12 -2.11 -4.54
CA ILE A 400 7.48 -1.60 -4.52
C ILE A 400 8.39 -2.52 -3.71
N ARG A 401 7.90 -3.01 -2.57
CA ARG A 401 8.62 -3.98 -1.76
C ARG A 401 8.97 -5.22 -2.57
N MET A 402 7.98 -5.75 -3.29
CA MET A 402 8.21 -6.94 -4.10
C MET A 402 9.08 -6.62 -5.31
N ALA A 403 9.05 -5.38 -5.80
CA ALA A 403 9.94 -5.01 -6.88
C ALA A 403 11.40 -5.13 -6.46
N ALA A 404 11.73 -4.77 -5.21
CA ALA A 404 13.10 -4.94 -4.74
C ALA A 404 13.44 -6.42 -4.59
N ILE A 405 12.50 -7.23 -4.10
CA ILE A 405 12.75 -8.68 -4.04
C ILE A 405 12.90 -9.25 -5.45
N SER A 406 12.24 -8.63 -6.43
CA SER A 406 12.38 -8.95 -7.84
C SER A 406 13.64 -8.38 -8.48
N GLU A 407 14.49 -7.68 -7.71
CA GLU A 407 15.68 -7.03 -8.22
C GLU A 407 15.37 -6.17 -9.44
N SER A 408 14.23 -5.48 -9.39
CA SER A 408 13.76 -4.71 -10.52
C SER A 408 14.46 -3.35 -10.60
N ASN A 409 14.67 -2.89 -11.83
CA ASN A 409 15.20 -1.56 -12.10
C ASN A 409 14.06 -0.69 -12.61
N ILE A 410 13.37 -0.01 -11.70
CA ILE A 410 12.31 0.92 -12.09
C ILE A 410 12.58 2.27 -11.44
N ASN A 411 12.04 3.31 -12.05
CA ASN A 411 12.21 4.67 -11.57
C ASN A 411 10.84 5.24 -11.24
N LEU A 412 10.73 5.86 -10.07
CA LEU A 412 9.47 6.37 -9.57
C LEU A 412 9.66 7.83 -9.20
N CYS A 413 8.81 8.70 -9.73
CA CYS A 413 8.86 10.11 -9.38
C CYS A 413 7.55 10.47 -8.71
N GLY A 414 7.63 10.91 -7.45
CA GLY A 414 6.45 11.33 -6.71
C GLY A 414 6.45 12.82 -6.45
N SER A 415 5.41 13.50 -6.90
N SER A 415 5.41 13.49 -6.89
CA SER A 415 5.33 14.95 -6.77
CA SER A 415 5.29 14.95 -6.81
C SER A 415 4.57 15.35 -5.51
C SER A 415 4.48 15.34 -5.57
N HIS A 416 4.37 16.65 -5.34
CA HIS A 416 3.51 17.20 -4.29
C HIS A 416 3.92 16.73 -2.91
N CYS A 417 5.22 16.72 -2.64
CA CYS A 417 5.67 16.28 -1.33
C CYS A 417 5.46 17.39 -0.30
N GLY A 418 5.11 16.97 0.93
CA GLY A 418 5.11 17.87 2.08
C GLY A 418 3.93 18.82 2.19
N VAL A 419 3.97 19.60 3.28
CA VAL A 419 2.95 20.60 3.50
C VAL A 419 3.04 21.75 2.50
N SER A 420 4.15 21.86 1.78
CA SER A 420 4.29 23.04 0.92
C SER A 420 3.34 23.01 -0.26
N ILE A 421 2.55 21.96 -0.46
CA ILE A 421 1.54 22.02 -1.51
C ILE A 421 0.41 22.95 -1.14
N GLY A 422 0.21 23.20 0.14
CA GLY A 422 -0.77 24.18 0.59
C GLY A 422 -2.19 23.61 0.70
N GLU A 423 -3.10 24.16 -0.12
CA GLU A 423 -4.52 24.16 0.25
C GLU A 423 -5.21 22.80 0.14
N ASP A 424 -4.67 21.86 -0.65
CA ASP A 424 -5.33 20.56 -0.76
C ASP A 424 -5.41 19.83 0.58
N GLY A 425 -4.46 20.05 1.48
CA GLY A 425 -4.50 19.39 2.77
C GLY A 425 -3.80 18.04 2.77
N PRO A 426 -3.85 17.35 3.90
CA PRO A 426 -2.92 16.23 4.15
C PRO A 426 -3.14 14.99 3.29
N SER A 427 -4.35 14.76 2.78
CA SER A 427 -4.57 13.55 1.97
C SER A 427 -3.65 13.53 0.76
N GLN A 428 -3.22 14.70 0.29
CA GLN A 428 -2.36 14.85 -0.88
C GLN A 428 -0.91 15.08 -0.54
N MET A 429 -0.58 15.21 0.76
CA MET A 429 0.76 15.60 1.20
C MET A 429 1.59 14.36 1.49
N ALA A 430 2.69 14.18 0.75
CA ALA A 430 3.63 13.12 1.06
C ALA A 430 4.49 13.54 2.25
N LEU A 431 4.37 12.81 3.36
CA LEU A 431 5.13 13.10 4.56
C LEU A 431 5.80 11.85 5.12
N GLU A 432 5.70 10.73 4.42
CA GLU A 432 6.21 9.45 4.87
C GLU A 432 6.92 8.74 3.74
N ASP A 433 7.07 9.41 2.58
CA ASP A 433 7.65 8.76 1.40
C ASP A 433 9.14 8.54 1.54
N LEU A 434 9.85 9.42 2.24
CA LEU A 434 11.25 9.15 2.49
C LEU A 434 11.42 7.93 3.39
N ALA A 435 10.62 7.83 4.45
CA ALA A 435 10.64 6.63 5.28
C ALA A 435 10.35 5.39 4.45
N MET A 436 9.31 5.45 3.62
CA MET A 436 8.94 4.29 2.82
C MET A 436 10.05 3.90 1.86
N PHE A 437 10.53 4.84 1.06
CA PHE A 437 11.52 4.46 0.07
C PHE A 437 12.88 4.14 0.69
N ARG A 438 13.26 4.79 1.80
CA ARG A 438 14.52 4.43 2.43
C ARG A 438 14.50 2.99 2.94
N SER A 439 13.33 2.47 3.30
CA SER A 439 13.21 1.11 3.82
C SER A 439 13.23 0.05 2.72
N VAL A 440 13.24 0.46 1.46
CA VAL A 440 13.30 -0.48 0.33
C VAL A 440 14.77 -0.78 0.04
N PRO A 441 15.23 -2.02 0.20
N PRO A 441 15.20 -2.04 0.13
CA PRO A 441 16.69 -2.24 0.34
CA PRO A 441 16.55 -2.39 -0.32
C PRO A 441 17.52 -1.87 -0.90
C PRO A 441 16.73 -2.06 -1.80
N THR A 442 16.94 -1.85 -2.09
N THR A 442 17.96 -1.69 -2.14
CA THR A 442 17.66 -1.55 -3.32
CA THR A 442 18.39 -1.22 -3.45
C THR A 442 17.47 -0.11 -3.79
C THR A 442 17.81 0.14 -3.79
N SER A 443 17.04 0.78 -2.92
CA SER A 443 16.56 2.10 -3.31
C SER A 443 17.69 3.12 -3.34
N THR A 444 17.55 4.08 -4.25
CA THR A 444 18.29 5.33 -4.26
C THR A 444 17.23 6.42 -4.22
N VAL A 445 17.37 7.37 -3.29
CA VAL A 445 16.36 8.38 -3.03
C VAL A 445 16.95 9.74 -3.39
N PHE A 446 16.48 10.31 -4.50
CA PHE A 446 16.86 11.64 -4.95
C PHE A 446 15.84 12.64 -4.44
N TYR A 447 16.32 13.77 -3.91
CA TYR A 447 15.45 14.86 -3.48
C TYR A 447 16.03 16.14 -4.06
N PRO A 448 15.73 16.42 -5.34
CA PRO A 448 16.34 17.58 -6.00
C PRO A 448 15.73 18.87 -5.48
N SER A 449 16.59 19.89 -5.30
CA SER A 449 16.12 21.13 -4.71
C SER A 449 15.87 22.22 -5.73
N ASP A 450 16.29 22.05 -6.98
CA ASP A 450 15.94 23.03 -8.02
C ASP A 450 15.88 22.30 -9.36
N GLY A 451 15.62 23.08 -10.42
CA GLY A 451 15.42 22.47 -11.73
C GLY A 451 16.66 21.79 -12.27
N VAL A 452 17.83 22.37 -12.03
CA VAL A 452 19.08 21.75 -12.49
C VAL A 452 19.27 20.39 -11.81
N ALA A 453 19.18 20.37 -10.48
CA ALA A 453 19.33 19.11 -9.76
C ALA A 453 18.31 18.08 -10.21
N THR A 454 17.09 18.52 -10.55
CA THR A 454 16.07 17.59 -11.00
C THR A 454 16.46 16.94 -12.32
N GLU A 455 16.92 17.74 -13.28
CA GLU A 455 17.33 17.17 -14.54
C GLU A 455 18.49 16.19 -14.36
N LYS A 456 19.44 16.55 -13.48
CA LYS A 456 20.54 15.65 -13.20
C LYS A 456 20.07 14.38 -12.50
N ALA A 457 19.09 14.48 -11.61
CA ALA A 457 18.58 13.30 -10.94
C ALA A 457 17.88 12.37 -11.93
N VAL A 458 17.16 12.92 -12.90
CA VAL A 458 16.50 12.07 -13.89
C VAL A 458 17.53 11.28 -14.69
N GLU A 459 18.60 11.97 -15.13
CA GLU A 459 19.65 11.31 -15.89
C GLU A 459 20.36 10.25 -15.06
N LEU A 460 20.74 10.59 -13.82
CA LEU A 460 21.38 9.59 -12.96
C LEU A 460 20.47 8.40 -12.70
N ALA A 461 19.20 8.68 -12.38
CA ALA A 461 18.27 7.59 -12.10
C ALA A 461 18.20 6.62 -13.27
N ALA A 462 18.13 7.16 -14.50
CA ALA A 462 18.05 6.29 -15.66
C ALA A 462 19.16 5.27 -15.72
N ASN A 463 20.35 5.62 -15.24
CA ASN A 463 21.51 4.75 -15.34
C ASN A 463 21.84 4.05 -14.03
N THR A 464 20.95 4.09 -13.05
CA THR A 464 21.19 3.49 -11.74
C THR A 464 20.28 2.28 -11.55
N LYS A 465 20.87 1.16 -11.15
CA LYS A 465 20.08 -0.05 -10.87
C LYS A 465 19.30 0.10 -9.57
N GLY A 466 18.23 -0.68 -9.45
CA GLY A 466 17.44 -0.72 -8.23
C GLY A 466 16.19 0.14 -8.33
N ILE A 467 15.61 0.40 -7.16
CA ILE A 467 14.39 1.19 -7.06
C ILE A 467 14.80 2.65 -6.87
N CYS A 468 14.71 3.45 -7.94
CA CYS A 468 15.05 4.87 -7.88
C CYS A 468 13.80 5.70 -7.64
N PHE A 469 13.86 6.54 -6.60
CA PHE A 469 12.78 7.45 -6.26
C PHE A 469 13.27 8.89 -6.39
N ILE A 470 12.49 9.72 -7.07
CA ILE A 470 12.75 11.15 -7.20
C ILE A 470 11.58 11.90 -6.58
N ARG A 471 11.86 12.64 -5.51
CA ARG A 471 10.84 13.41 -4.80
C ARG A 471 10.79 14.83 -5.38
N THR A 472 9.64 15.19 -5.97
CA THR A 472 9.49 16.54 -6.52
C THR A 472 8.45 17.34 -5.75
N SER A 473 8.46 18.65 -5.99
CA SER A 473 7.77 19.59 -5.14
C SER A 473 6.93 20.54 -5.98
N ARG A 474 5.97 21.16 -5.32
CA ARG A 474 5.05 22.11 -5.97
C ARG A 474 5.54 23.56 -5.98
N PRO A 475 6.18 24.09 -4.93
CA PRO A 475 6.59 25.51 -4.98
C PRO A 475 7.55 25.81 -6.12
N GLU A 476 7.34 26.95 -6.76
N GLU A 476 7.48 27.04 -6.64
CA GLU A 476 8.32 27.46 -7.69
CA GLU A 476 8.32 27.47 -7.76
C GLU A 476 9.42 28.07 -6.84
C GLU A 476 9.56 28.20 -7.22
N ASN A 477 10.59 27.44 -6.87
CA ASN A 477 11.76 27.97 -6.20
C ASN A 477 12.82 28.37 -7.21
N ALA A 478 13.76 29.19 -6.74
CA ALA A 478 14.81 29.71 -7.60
C ALA A 478 15.76 28.61 -8.04
N ILE A 479 16.20 28.70 -9.30
CA ILE A 479 17.39 27.97 -9.72
C ILE A 479 18.58 28.50 -8.93
N ILE A 480 19.30 27.59 -8.28
CA ILE A 480 20.49 27.99 -7.52
C ILE A 480 21.77 27.42 -8.10
N TYR A 481 21.72 26.38 -8.93
CA TYR A 481 22.93 25.75 -9.44
C TYR A 481 23.23 26.21 -10.85
N ASN A 482 24.52 26.37 -11.15
CA ASN A 482 24.94 26.57 -12.54
C ASN A 482 24.59 25.33 -13.36
N ASN A 483 24.26 25.55 -14.63
CA ASN A 483 23.88 24.44 -15.52
C ASN A 483 24.97 23.40 -15.63
N ASN A 484 26.23 23.77 -15.42
CA ASN A 484 27.35 22.85 -15.57
C ASN A 484 27.79 22.25 -14.25
N GLU A 485 27.02 22.43 -13.18
CA GLU A 485 27.33 21.80 -11.90
C GLU A 485 27.25 20.28 -12.03
N ASP A 486 28.28 19.58 -11.55
CA ASP A 486 28.31 18.12 -11.65
C ASP A 486 27.62 17.51 -10.44
N PHE A 487 26.77 16.51 -10.69
CA PHE A 487 26.02 15.82 -9.65
C PHE A 487 26.30 14.32 -9.70
N GLN A 488 26.37 13.69 -8.53
CA GLN A 488 26.60 12.26 -8.43
C GLN A 488 25.75 11.68 -7.31
N VAL A 489 25.38 10.41 -7.46
CA VAL A 489 24.69 9.70 -6.37
C VAL A 489 25.60 9.71 -5.15
N GLY A 490 25.02 10.03 -3.99
CA GLY A 490 25.80 10.03 -2.76
C GLY A 490 26.67 11.24 -2.51
N GLN A 491 26.57 12.27 -3.33
CA GLN A 491 27.38 13.47 -3.15
C GLN A 491 26.46 14.65 -2.89
N ALA A 492 26.64 15.29 -1.73
CA ALA A 492 25.87 16.46 -1.35
C ALA A 492 26.53 17.73 -1.88
N LYS A 493 25.90 18.88 -1.62
CA LYS A 493 26.42 20.17 -2.05
C LYS A 493 26.31 21.17 -0.92
N VAL A 494 27.39 21.88 -0.63
CA VAL A 494 27.33 23.05 0.25
C VAL A 494 27.00 24.24 -0.63
N VAL A 495 25.82 24.83 -0.42
CA VAL A 495 25.35 25.93 -1.26
C VAL A 495 25.53 27.28 -0.61
N LEU A 496 26.04 27.33 0.62
CA LEU A 496 26.34 28.59 1.28
C LEU A 496 27.33 28.31 2.39
N LYS A 497 28.42 29.08 2.45
CA LYS A 497 29.39 28.87 3.51
C LYS A 497 30.23 30.12 3.70
N SER A 498 30.86 30.19 4.87
CA SER A 498 31.83 31.20 5.22
C SER A 498 32.72 30.63 6.32
N LYS A 499 33.78 31.37 6.66
CA LYS A 499 34.69 30.89 7.70
C LYS A 499 34.12 31.02 9.09
N ASP A 500 33.07 31.82 9.28
CA ASP A 500 32.48 32.06 10.60
C ASP A 500 31.12 31.39 10.75
N ASP A 501 30.91 30.26 10.08
CA ASP A 501 29.62 29.59 10.13
C ASP A 501 29.40 28.98 11.52
N GLN A 502 28.20 29.19 12.07
CA GLN A 502 27.88 28.78 13.42
C GLN A 502 27.10 27.47 13.50
N VAL A 503 26.48 27.05 12.40
N VAL A 503 26.43 27.09 12.41
CA VAL A 503 25.78 25.77 12.35
CA VAL A 503 25.66 25.86 12.30
C VAL A 503 25.61 25.40 10.89
C VAL A 503 25.73 25.42 10.84
N THR A 504 25.69 24.10 10.62
CA THR A 504 25.42 23.55 9.29
C THR A 504 23.95 23.20 9.23
N VAL A 505 23.21 23.88 8.36
CA VAL A 505 21.78 23.63 8.19
C VAL A 505 21.60 22.79 6.94
N ILE A 506 20.97 21.62 7.12
CA ILE A 506 20.71 20.68 6.05
C ILE A 506 19.22 20.77 5.71
N GLY A 507 18.93 21.15 4.46
CA GLY A 507 17.56 21.19 3.98
C GLY A 507 17.52 20.57 2.59
N ALA A 508 16.30 20.39 2.08
CA ALA A 508 16.10 19.81 0.76
C ALA A 508 14.80 20.31 0.18
N GLY A 509 14.75 20.45 -1.14
CA GLY A 509 13.56 21.03 -1.75
C GLY A 509 13.19 22.35 -1.10
N VAL A 510 11.94 22.47 -0.66
CA VAL A 510 11.47 23.75 -0.16
C VAL A 510 12.23 24.17 1.10
N THR A 511 12.67 23.21 1.93
CA THR A 511 13.35 23.64 3.15
C THR A 511 14.79 24.05 2.89
N LEU A 512 15.39 23.66 1.76
CA LEU A 512 16.67 24.27 1.40
C LEU A 512 16.50 25.75 1.12
N HIS A 513 15.46 26.10 0.37
CA HIS A 513 15.21 27.51 0.07
C HIS A 513 14.80 28.27 1.31
N GLU A 514 14.06 27.63 2.23
CA GLU A 514 13.77 28.30 3.50
C GLU A 514 15.04 28.49 4.31
N ALA A 515 15.96 27.54 4.24
CA ALA A 515 17.25 27.68 4.91
C ALA A 515 18.04 28.85 4.34
N LEU A 516 18.05 28.98 3.01
CA LEU A 516 18.74 30.11 2.39
C LEU A 516 18.11 31.43 2.81
N ALA A 517 16.77 31.48 2.93
CA ALA A 517 16.12 32.69 3.40
C ALA A 517 16.44 32.96 4.86
N ALA A 518 16.53 31.90 5.68
CA ALA A 518 16.95 32.07 7.07
C ALA A 518 18.36 32.63 7.16
N ALA A 519 19.26 32.14 6.30
CA ALA A 519 20.62 32.67 6.29
C ALA A 519 20.62 34.18 6.06
N GLU A 520 19.74 34.67 5.20
CA GLU A 520 19.69 36.12 4.97
C GLU A 520 19.17 36.85 6.20
N LEU A 521 18.16 36.29 6.86
CA LEU A 521 17.66 36.89 8.10
C LEU A 521 18.75 36.94 9.16
N LEU A 522 19.53 35.87 9.29
CA LEU A 522 20.54 35.77 10.34
C LEU A 522 21.73 36.69 10.09
N LYS A 523 22.03 37.00 8.83
CA LYS A 523 23.16 37.88 8.53
C LYS A 523 22.93 39.27 9.09
N LYS A 524 21.68 39.71 9.14
CA LYS A 524 21.35 40.97 9.82
C LYS A 524 21.78 40.94 11.28
N GLU A 525 21.86 39.75 11.87
CA GLU A 525 22.24 39.57 13.26
C GLU A 525 23.70 39.14 13.41
N LYS A 526 24.49 39.23 12.35
CA LYS A 526 25.90 38.82 12.36
C LYS A 526 26.05 37.33 12.69
N ILE A 527 25.15 36.52 12.17
CA ILE A 527 25.19 35.07 12.33
C ILE A 527 25.25 34.45 10.96
N ASN A 528 26.35 33.77 10.66
CA ASN A 528 26.50 33.03 9.42
C ASN A 528 26.18 31.56 9.66
N ILE A 529 25.49 30.95 8.70
CA ILE A 529 25.23 29.51 8.74
C ILE A 529 25.70 28.88 7.44
N ARG A 530 26.18 27.65 7.55
CA ARG A 530 26.47 26.83 6.39
C ARG A 530 25.18 26.11 5.98
N VAL A 531 24.93 26.04 4.67
CA VAL A 531 23.72 25.41 4.16
C VAL A 531 24.11 24.29 3.22
N LEU A 532 23.59 23.08 3.48
CA LEU A 532 23.97 21.87 2.77
C LEU A 532 22.74 21.22 2.15
N ASP A 533 22.86 20.83 0.88
CA ASP A 533 21.80 20.22 0.09
C ASP A 533 22.19 18.77 -0.14
N PRO A 534 21.47 17.78 0.42
CA PRO A 534 21.97 16.39 0.36
C PRO A 534 22.00 15.80 -1.04
N PHE A 535 21.08 16.24 -1.91
CA PHE A 535 20.85 15.72 -3.26
C PHE A 535 20.27 14.31 -3.23
N THR A 536 21.01 13.32 -2.73
CA THR A 536 20.42 12.01 -2.42
C THR A 536 20.29 11.85 -0.92
N ILE A 537 19.11 11.38 -0.48
CA ILE A 537 18.91 11.09 0.93
C ILE A 537 19.45 9.70 1.23
N LYS A 538 19.44 8.84 0.25
CA LYS A 538 19.99 7.50 0.34
C LYS A 538 20.65 7.26 -1.01
N PRO A 539 21.97 7.05 -1.06
CA PRO A 539 22.88 7.09 0.08
C PRO A 539 23.20 8.53 0.49
N LEU A 540 23.55 8.69 1.76
CA LEU A 540 23.81 10.00 2.33
C LEU A 540 25.30 10.31 2.30
N ASP A 541 25.65 11.55 1.93
CA ASP A 541 27.04 12.00 1.88
C ASP A 541 27.52 12.29 3.31
N ARG A 542 27.77 11.21 4.04
CA ARG A 542 28.21 11.30 5.43
C ARG A 542 29.47 12.14 5.59
N LYS A 543 30.41 11.99 4.65
CA LYS A 543 31.69 12.69 4.78
C LYS A 543 31.51 14.21 4.69
N LEU A 544 30.77 14.68 3.69
CA LEU A 544 30.60 16.13 3.57
C LEU A 544 29.79 16.69 4.73
N ILE A 545 28.81 15.92 5.24
CA ILE A 545 28.04 16.37 6.39
C ILE A 545 28.95 16.56 7.61
N LEU A 546 29.80 15.56 7.87
CA LEU A 546 30.70 15.64 9.02
C LEU A 546 31.78 16.70 8.84
N ASP A 547 32.37 16.78 7.64
CA ASP A 547 33.34 17.85 7.39
C ASP A 547 32.71 19.22 7.58
N SER A 548 31.47 19.39 7.10
CA SER A 548 30.78 20.67 7.33
C SER A 548 30.54 20.90 8.81
N ALA A 549 30.09 19.87 9.53
CA ALA A 549 29.79 20.03 10.95
C ALA A 549 31.03 20.43 11.73
N ARG A 550 32.18 19.84 11.39
CA ARG A 550 33.41 20.19 12.07
C ARG A 550 33.84 21.63 11.81
N ALA A 551 33.39 22.24 10.72
CA ALA A 551 33.66 23.64 10.45
C ALA A 551 32.66 24.58 11.09
N THR A 552 31.58 24.05 11.67
CA THR A 552 30.51 24.84 12.27
C THR A 552 30.27 24.40 13.71
N LYS A 553 31.37 24.24 14.47
CA LYS A 553 31.34 23.97 15.90
C LYS A 553 30.61 22.66 16.23
N GLY A 554 30.60 21.72 15.30
CA GLY A 554 29.95 20.45 15.47
C GLY A 554 28.45 20.46 15.33
N ARG A 555 27.84 21.61 15.05
CA ARG A 555 26.39 21.75 15.12
C ARG A 555 25.74 21.49 13.77
N ILE A 556 24.77 20.57 13.76
CA ILE A 556 23.96 20.28 12.58
C ILE A 556 22.51 20.56 12.91
N LEU A 557 21.80 21.20 11.97
CA LEU A 557 20.36 21.38 12.03
C LEU A 557 19.77 20.84 10.74
N THR A 558 18.91 19.83 10.85
CA THR A 558 18.22 19.27 9.70
CA THR A 558 18.21 19.25 9.71
C THR A 558 16.78 19.75 9.71
N VAL A 559 16.30 20.22 8.56
CA VAL A 559 14.94 20.73 8.45
C VAL A 559 14.30 20.11 7.21
N GLU A 560 13.12 19.50 7.37
CA GLU A 560 12.54 18.72 6.29
C GLU A 560 11.02 18.80 6.29
N ASP A 561 10.45 18.79 5.08
CA ASP A 561 9.01 18.76 4.86
C ASP A 561 8.58 17.29 4.75
N HIS A 562 8.57 16.64 5.92
CA HIS A 562 8.38 15.21 6.09
C HIS A 562 8.16 14.99 7.58
N TYR A 563 7.56 13.86 7.94
CA TYR A 563 7.43 13.50 9.35
C TYR A 563 8.80 13.20 9.96
N TYR A 564 8.85 13.12 11.29
CA TYR A 564 10.14 12.94 11.95
C TYR A 564 10.77 11.58 11.66
N GLU A 565 9.96 10.53 11.57
CA GLU A 565 10.50 9.18 11.53
C GLU A 565 10.88 8.77 10.11
N GLY A 566 12.11 8.25 9.96
CA GLY A 566 12.56 7.65 8.72
C GLY A 566 12.98 8.62 7.63
N GLY A 567 12.99 9.92 7.90
CA GLY A 567 13.33 10.92 6.90
C GLY A 567 14.76 11.41 6.98
N ILE A 568 14.97 12.67 6.57
CA ILE A 568 16.32 13.21 6.48
C ILE A 568 16.97 13.31 7.85
N GLY A 569 16.25 13.89 8.82
CA GLY A 569 16.82 14.05 10.15
C GLY A 569 17.28 12.74 10.77
N GLU A 570 16.45 11.69 10.65
CA GLU A 570 16.85 10.40 11.22
C GLU A 570 17.99 9.76 10.44
N ALA A 571 18.00 9.93 9.11
CA ALA A 571 19.14 9.45 8.32
C ALA A 571 20.43 10.12 8.77
N VAL A 572 20.39 11.45 8.94
CA VAL A 572 21.58 12.19 9.38
C VAL A 572 21.98 11.74 10.77
N SER A 573 21.01 11.67 11.70
CA SER A 573 21.32 11.29 13.07
C SER A 573 21.94 9.90 13.14
N SER A 574 21.40 8.96 12.35
CA SER A 574 21.95 7.61 12.35
C SER A 574 23.35 7.59 11.76
N ALA A 575 23.64 8.47 10.81
CA ALA A 575 24.95 8.50 10.20
C ALA A 575 26.02 9.05 11.14
N VAL A 576 25.68 10.04 11.97
CA VAL A 576 26.71 10.74 12.72
C VAL A 576 26.72 10.40 14.20
N VAL A 577 25.79 9.55 14.68
CA VAL A 577 25.68 9.30 16.11
C VAL A 577 27.00 8.76 16.65
N GLY A 578 27.44 9.31 17.79
CA GLY A 578 28.67 8.88 18.43
C GLY A 578 29.91 9.66 18.02
N GLU A 579 29.82 10.48 16.98
CA GLU A 579 30.99 11.24 16.54
C GLU A 579 31.29 12.34 17.54
N PRO A 580 32.52 12.44 18.02
CA PRO A 580 32.84 13.40 19.10
C PRO A 580 32.54 14.83 18.69
N GLY A 581 31.84 15.56 19.56
CA GLY A 581 31.57 16.97 19.36
C GLY A 581 30.39 17.30 18.48
N ILE A 582 29.76 16.31 17.86
CA ILE A 582 28.69 16.54 16.89
C ILE A 582 27.34 16.56 17.61
N THR A 583 26.52 17.57 17.29
CA THR A 583 25.15 17.63 17.78
C THR A 583 24.21 17.83 16.60
N VAL A 584 22.99 17.29 16.73
CA VAL A 584 22.00 17.34 15.65
C VAL A 584 20.68 17.82 16.23
N THR A 585 20.18 18.94 15.72
CA THR A 585 18.84 19.42 15.99
C THR A 585 17.98 19.12 14.77
N HIS A 586 16.72 18.77 15.00
CA HIS A 586 15.88 18.22 13.94
C HIS A 586 14.57 18.99 13.91
N LEU A 587 14.25 19.59 12.77
CA LEU A 587 12.97 20.24 12.53
C LEU A 587 12.23 19.47 11.44
N ALA A 588 11.02 19.03 11.75
CA ALA A 588 10.22 18.27 10.81
C ALA A 588 8.76 18.52 11.14
N VAL A 589 7.86 17.80 10.48
CA VAL A 589 6.42 17.96 10.67
C VAL A 589 5.98 16.99 11.76
N ASN A 590 5.32 17.49 12.81
CA ASN A 590 5.14 16.64 13.98
C ASN A 590 3.77 15.97 14.08
N ARG A 591 2.88 16.18 13.11
CA ARG A 591 1.52 15.64 13.20
C ARG A 591 0.83 15.83 11.86
N VAL A 592 -0.35 15.22 11.71
CA VAL A 592 -1.13 15.38 10.48
C VAL A 592 -1.40 16.85 10.23
N PRO A 593 -1.07 17.39 9.05
CA PRO A 593 -1.34 18.81 8.77
C PRO A 593 -2.79 19.12 8.40
N ARG A 594 -2.97 20.25 7.72
CA ARG A 594 -4.28 20.85 7.46
C ARG A 594 -4.12 21.79 6.27
N SER A 595 -5.23 22.42 5.85
CA SER A 595 -5.18 23.30 4.70
C SER A 595 -4.74 24.71 5.07
N GLY A 596 -4.00 25.32 4.17
CA GLY A 596 -3.64 26.73 4.27
C GLY A 596 -2.70 27.03 3.12
N LYS A 597 -2.28 28.29 3.04
CA LYS A 597 -1.30 28.64 2.02
C LYS A 597 0.02 27.92 2.33
N PRO A 598 0.78 27.59 1.28
CA PRO A 598 2.09 26.94 1.50
C PRO A 598 2.95 27.61 2.56
N ALA A 599 3.12 28.94 2.49
CA ALA A 599 3.94 29.63 3.48
C ALA A 599 3.35 29.54 4.87
N GLU A 600 2.03 29.58 4.98
CA GLU A 600 1.37 29.49 6.28
C GLU A 600 1.58 28.11 6.90
N LEU A 601 1.56 27.05 6.09
CA LEU A 601 1.75 25.71 6.62
C LEU A 601 3.21 25.47 6.99
N LEU A 602 4.16 26.00 6.20
CA LEU A 602 5.56 25.88 6.59
C LEU A 602 5.80 26.53 7.94
N LYS A 603 5.13 27.65 8.21
CA LYS A 603 5.24 28.32 9.51
C LYS A 603 4.53 27.52 10.60
N MET A 604 3.29 27.10 10.34
CA MET A 604 2.53 26.37 11.36
C MET A 604 3.27 25.13 11.82
N PHE A 605 3.96 24.44 10.91
CA PHE A 605 4.59 23.18 11.25
C PHE A 605 6.08 23.33 11.47
N GLY A 606 6.55 24.57 11.59
CA GLY A 606 7.84 24.83 12.19
C GLY A 606 9.02 24.47 11.32
N ILE A 607 8.89 24.67 10.00
CA ILE A 607 9.99 24.32 9.10
C ILE A 607 10.26 25.45 8.10
N ASP A 608 9.80 26.68 8.40
CA ASP A 608 10.04 27.81 7.52
C ASP A 608 11.28 28.59 7.98
N ARG A 609 11.58 29.67 7.23
CA ARG A 609 12.77 30.46 7.50
C ARG A 609 12.80 30.99 8.93
N ASP A 610 11.65 31.38 9.48
CA ASP A 610 11.63 31.93 10.82
C ASP A 610 11.84 30.85 11.87
N ALA A 611 11.29 29.65 11.66
CA ALA A 611 11.55 28.54 12.57
C ALA A 611 13.00 28.11 12.53
N ILE A 612 13.61 28.11 11.34
CA ILE A 612 15.01 27.76 11.20
C ILE A 612 15.89 28.79 11.91
N ALA A 613 15.65 30.08 11.65
CA ALA A 613 16.45 31.11 12.31
C ALA A 613 16.30 31.04 13.83
N GLN A 614 15.06 30.82 14.30
CA GLN A 614 14.83 30.69 15.75
C GLN A 614 15.63 29.54 16.32
N ALA A 615 15.70 28.42 15.59
CA ALA A 615 16.44 27.26 16.08
C ALA A 615 17.94 27.54 16.10
N VAL A 616 18.44 28.28 15.10
CA VAL A 616 19.85 28.65 15.08
C VAL A 616 20.19 29.56 16.26
N ARG A 617 19.34 30.56 16.50
CA ARG A 617 19.57 31.48 17.62
C ARG A 617 19.58 30.74 18.95
N GLY A 618 18.75 29.70 19.08
CA GLY A 618 18.73 28.94 20.31
C GLY A 618 19.93 28.04 20.47
N LEU A 619 20.45 27.51 19.36
CA LEU A 619 21.65 26.66 19.42
C LEU A 619 22.86 27.46 19.87
N ILE A 620 23.00 28.68 19.37
CA ILE A 620 24.21 29.46 19.62
C ILE A 620 24.30 29.89 21.07
N THR A 621 23.16 30.08 21.74
CA THR A 621 23.16 30.43 23.16
C THR A 621 23.74 29.31 24.01
N GLU B 2 -41.45 4.77 7.30
CA GLU B 2 -40.72 3.70 6.65
C GLU B 2 -41.14 3.57 5.19
N SER B 3 -42.39 3.93 4.89
N SER B 3 -42.39 3.93 4.90
CA SER B 3 -42.85 3.90 3.52
CA SER B 3 -42.87 3.93 3.53
C SER B 3 -42.15 4.99 2.70
C SER B 3 -42.15 4.99 2.70
N TYR B 4 -41.97 4.70 1.41
CA TYR B 4 -41.44 5.71 0.50
C TYR B 4 -42.43 6.87 0.40
N HIS B 5 -41.92 8.10 0.53
CA HIS B 5 -42.72 9.30 0.33
C HIS B 5 -42.53 9.75 -1.11
N LYS B 6 -43.50 9.45 -1.96
CA LYS B 6 -43.36 9.78 -3.38
C LYS B 6 -43.53 11.28 -3.57
N PRO B 7 -42.51 12.00 -4.04
CA PRO B 7 -42.55 13.47 -3.99
C PRO B 7 -43.48 14.05 -5.03
N ASP B 8 -44.07 15.20 -4.68
CA ASP B 8 -44.89 15.94 -5.63
C ASP B 8 -43.99 16.89 -6.43
N GLN B 9 -44.60 17.60 -7.40
CA GLN B 9 -43.80 18.44 -8.29
C GLN B 9 -43.15 19.59 -7.53
N GLN B 10 -43.80 20.10 -6.48
N GLN B 10 -43.78 20.08 -6.45
CA GLN B 10 -43.22 21.17 -5.69
CA GLN B 10 -43.19 21.18 -5.71
C GLN B 10 -41.97 20.70 -4.96
C GLN B 10 -42.00 20.73 -4.89
N LYS B 11 -42.03 19.50 -4.36
CA LYS B 11 -40.87 18.95 -3.69
C LYS B 11 -39.74 18.71 -4.69
N LEU B 12 -40.07 18.21 -5.88
CA LEU B 12 -39.05 18.01 -6.91
C LEU B 12 -38.43 19.33 -7.32
N GLN B 13 -39.24 20.38 -7.50
CA GLN B 13 -38.67 21.67 -7.88
C GLN B 13 -37.79 22.23 -6.77
N ALA B 14 -38.19 22.02 -5.51
CA ALA B 14 -37.35 22.47 -4.40
C ALA B 14 -36.02 21.73 -4.39
N LEU B 15 -36.04 20.44 -4.77
CA LEU B 15 -34.80 19.67 -4.84
C LEU B 15 -33.92 20.17 -5.97
N LYS B 16 -34.54 20.56 -7.10
CA LYS B 16 -33.77 21.20 -8.17
C LYS B 16 -33.19 22.52 -7.71
N ASP B 17 -34.02 23.34 -7.04
CA ASP B 17 -33.52 24.60 -6.47
C ASP B 17 -32.35 24.37 -5.54
N THR B 18 -32.45 23.34 -4.70
CA THR B 18 -31.36 23.03 -3.77
C THR B 18 -30.09 22.65 -4.52
N ALA B 19 -30.22 21.76 -5.51
CA ALA B 19 -29.04 21.39 -6.31
C ALA B 19 -28.36 22.62 -6.90
N ASN B 20 -29.15 23.57 -7.41
CA ASN B 20 -28.54 24.76 -8.00
C ASN B 20 -27.93 25.68 -6.95
N ARG B 21 -28.51 25.76 -5.74
CA ARG B 21 -27.84 26.47 -4.65
C ARG B 21 -26.51 25.83 -4.32
N LEU B 22 -26.48 24.48 -4.33
CA LEU B 22 -25.24 23.77 -4.05
C LEU B 22 -24.18 24.05 -5.12
N ARG B 23 -24.59 24.12 -6.39
CA ARG B 23 -23.67 24.55 -7.45
C ARG B 23 -23.11 25.94 -7.16
N ILE B 24 -24.00 26.90 -6.89
CA ILE B 24 -23.56 28.27 -6.64
C ILE B 24 -22.54 28.31 -5.50
N SER B 25 -22.83 27.61 -4.41
CA SER B 25 -21.93 27.66 -3.27
C SER B 25 -20.58 27.02 -3.58
N SER B 26 -20.60 25.91 -4.31
CA SER B 26 -19.34 25.28 -4.68
C SER B 26 -18.47 26.21 -5.52
N ILE B 27 -19.10 26.96 -6.43
CA ILE B 27 -18.37 27.94 -7.24
C ILE B 27 -17.88 29.10 -6.39
N GLN B 28 -18.77 29.66 -5.56
CA GLN B 28 -18.40 30.80 -4.73
C GLN B 28 -17.21 30.45 -3.84
N ALA B 29 -17.26 29.28 -3.21
CA ALA B 29 -16.23 28.91 -2.24
C ALA B 29 -14.87 28.67 -2.91
N THR B 30 -14.87 27.98 -4.06
CA THR B 30 -13.61 27.69 -4.72
C THR B 30 -13.05 28.91 -5.43
N THR B 31 -13.91 29.79 -5.96
CA THR B 31 -13.42 31.06 -6.48
C THR B 31 -12.82 31.92 -5.36
N ALA B 32 -13.46 31.94 -4.19
CA ALA B 32 -12.90 32.70 -3.07
C ALA B 32 -11.54 32.14 -2.65
N ALA B 33 -11.42 30.82 -2.59
CA ALA B 33 -10.18 30.20 -2.17
C ALA B 33 -9.10 30.32 -3.23
N GLY B 34 -9.48 30.38 -4.50
CA GLY B 34 -8.53 30.34 -5.58
C GLY B 34 -8.05 28.96 -5.95
N SER B 35 -8.68 27.93 -5.39
CA SER B 35 -8.34 26.55 -5.72
C SER B 35 -9.55 25.69 -5.38
N GLY B 36 -9.53 24.46 -5.86
CA GLY B 36 -10.63 23.54 -5.61
C GLY B 36 -11.21 23.00 -6.90
N HIS B 37 -12.34 22.32 -6.77
CA HIS B 37 -12.84 21.42 -7.81
C HIS B 37 -14.31 21.64 -8.11
N PRO B 38 -14.70 22.86 -8.53
CA PRO B 38 -16.14 23.10 -8.71
C PRO B 38 -16.78 22.19 -9.75
N THR B 39 -16.06 21.81 -10.81
CA THR B 39 -16.73 20.96 -11.80
C THR B 39 -17.02 19.58 -11.22
N SER B 40 -16.19 19.11 -10.28
CA SER B 40 -16.47 17.83 -9.63
C SER B 40 -17.61 17.94 -8.63
N CYS B 41 -17.87 19.15 -8.13
CA CYS B 41 -19.04 19.34 -7.29
C CYS B 41 -20.31 19.37 -8.12
N CYS B 42 -20.25 20.05 -9.27
CA CYS B 42 -21.44 20.31 -10.06
C CYS B 42 -22.02 19.04 -10.67
N SER B 43 -21.20 18.04 -10.98
CA SER B 43 -21.78 16.81 -11.49
C SER B 43 -22.61 16.09 -10.44
N ALA B 44 -22.36 16.36 -9.16
CA ALA B 44 -23.01 15.64 -8.07
C ALA B 44 -24.13 16.42 -7.40
N ALA B 45 -24.52 17.58 -7.94
CA ALA B 45 -25.39 18.47 -7.19
C ALA B 45 -26.79 17.88 -6.97
N GLU B 46 -27.39 17.26 -7.99
CA GLU B 46 -28.70 16.64 -7.78
C GLU B 46 -28.60 15.44 -6.85
N ILE B 47 -27.53 14.64 -6.99
CA ILE B 47 -27.31 13.53 -6.09
C ILE B 47 -27.27 14.03 -4.64
N MET B 48 -26.51 15.10 -4.40
CA MET B 48 -26.37 15.61 -3.04
C MET B 48 -27.69 16.17 -2.52
N ALA B 49 -28.41 16.89 -3.37
CA ALA B 49 -29.68 17.47 -2.96
C ALA B 49 -30.68 16.38 -2.56
N VAL B 50 -30.79 15.34 -3.38
CA VAL B 50 -31.75 14.27 -3.13
C VAL B 50 -31.35 13.46 -1.90
N LEU B 51 -30.05 13.16 -1.74
CA LEU B 51 -29.63 12.42 -0.56
C LEU B 51 -29.93 13.21 0.71
N PHE B 52 -29.52 14.47 0.78
CA PHE B 52 -29.62 15.19 2.03
C PHE B 52 -31.00 15.78 2.32
N PHE B 53 -31.84 15.96 1.29
CA PHE B 53 -33.13 16.61 1.53
C PHE B 53 -34.30 15.80 1.01
N HIS B 54 -34.11 14.51 0.78
CA HIS B 54 -35.25 13.62 0.56
C HIS B 54 -35.01 12.24 1.15
N THR B 55 -33.87 11.63 0.82
CA THR B 55 -33.65 10.22 1.14
C THR B 55 -33.13 9.98 2.55
N MET B 56 -32.08 10.70 2.95
N MET B 56 -32.05 10.68 2.93
CA MET B 56 -31.41 10.35 4.18
CA MET B 56 -31.37 10.41 4.19
C MET B 56 -32.15 10.92 5.39
C MET B 56 -32.22 10.87 5.38
N ARG B 57 -31.91 10.27 6.53
CA ARG B 57 -32.52 10.64 7.81
C ARG B 57 -31.39 10.91 8.77
N TYR B 58 -31.36 12.11 9.35
CA TYR B 58 -30.25 12.48 10.22
C TYR B 58 -30.68 13.70 11.03
N LYS B 59 -30.00 13.92 12.15
CA LYS B 59 -30.22 15.09 12.97
C LYS B 59 -29.34 16.22 12.46
N SER B 60 -29.96 17.27 11.93
CA SER B 60 -29.20 18.32 11.25
C SER B 60 -28.32 19.12 12.21
N GLN B 61 -28.64 19.13 13.50
CA GLN B 61 -27.81 19.82 14.48
C GLN B 61 -26.89 18.88 15.25
N ASP B 62 -26.88 17.59 14.89
CA ASP B 62 -26.03 16.60 15.56
C ASP B 62 -25.52 15.62 14.52
N PRO B 63 -24.57 16.04 13.68
CA PRO B 63 -24.14 15.17 12.58
C PRO B 63 -23.57 13.84 13.01
N ARG B 64 -22.88 13.78 14.16
CA ARG B 64 -22.29 12.54 14.66
C ARG B 64 -23.28 11.63 15.36
N ASN B 65 -24.56 11.98 15.40
CA ASN B 65 -25.51 11.22 16.19
C ASN B 65 -25.51 9.75 15.76
N PRO B 66 -25.46 8.80 16.69
CA PRO B 66 -25.33 7.38 16.32
C PRO B 66 -26.54 6.82 15.60
N HIS B 67 -27.67 7.51 15.60
CA HIS B 67 -28.85 7.03 14.90
C HIS B 67 -28.93 7.50 13.45
N ASN B 68 -28.04 8.43 13.05
CA ASN B 68 -28.10 9.04 11.72
C ASN B 68 -27.75 8.04 10.62
N ASP B 69 -28.39 8.20 9.47
CA ASP B 69 -27.80 7.67 8.24
C ASP B 69 -26.39 8.23 8.09
N ARG B 70 -25.52 7.43 7.47
CA ARG B 70 -24.14 7.82 7.18
C ARG B 70 -24.01 8.22 5.73
N PHE B 71 -23.24 9.27 5.47
CA PHE B 71 -22.84 9.61 4.11
C PHE B 71 -21.33 9.67 4.05
N VAL B 72 -20.74 9.00 3.06
CA VAL B 72 -19.29 8.99 2.85
C VAL B 72 -19.02 9.61 1.48
N LEU B 73 -18.29 10.73 1.48
CA LEU B 73 -17.90 11.37 0.22
C LEU B 73 -16.58 10.73 -0.20
N SER B 74 -16.66 9.65 -0.97
CA SER B 74 -15.42 8.96 -1.35
C SER B 74 -14.60 9.81 -2.30
N LYS B 75 -15.25 10.54 -3.22
CA LYS B 75 -14.57 11.52 -4.06
C LYS B 75 -14.43 12.83 -3.28
N GLY B 76 -13.45 12.81 -2.37
CA GLY B 76 -13.34 13.85 -1.34
C GLY B 76 -13.04 15.23 -1.88
N HIS B 77 -12.51 15.33 -3.10
CA HIS B 77 -12.25 16.65 -3.65
C HIS B 77 -13.52 17.40 -4.00
N ALA B 78 -14.69 16.76 -3.91
CA ALA B 78 -15.96 17.49 -3.96
C ALA B 78 -16.36 18.05 -2.58
N ALA B 79 -15.42 18.15 -1.65
CA ALA B 79 -15.66 18.70 -0.31
C ALA B 79 -16.52 19.98 -0.32
N PRO B 80 -16.31 20.94 -1.23
CA PRO B 80 -17.13 22.17 -1.16
C PRO B 80 -18.62 21.92 -1.22
N ILE B 81 -19.07 20.89 -1.96
CA ILE B 81 -20.51 20.62 -2.00
C ILE B 81 -20.97 19.87 -0.76
N LEU B 82 -20.08 19.14 -0.09
CA LEU B 82 -20.40 18.59 1.22
C LEU B 82 -20.62 19.71 2.23
N TYR B 83 -19.71 20.68 2.26
CA TYR B 83 -19.89 21.81 3.16
C TYR B 83 -21.18 22.54 2.83
N ALA B 84 -21.50 22.68 1.54
CA ALA B 84 -22.71 23.40 1.14
C ALA B 84 -23.97 22.71 1.66
N VAL B 85 -24.03 21.37 1.62
CA VAL B 85 -25.26 20.73 2.09
C VAL B 85 -25.42 20.88 3.59
N TRP B 86 -24.33 20.93 4.35
CA TRP B 86 -24.46 21.09 5.78
C TRP B 86 -24.76 22.53 6.17
N ALA B 87 -24.41 23.49 5.32
CA ALA B 87 -24.95 24.84 5.49
C ALA B 87 -26.43 24.87 5.13
N GLU B 88 -26.80 24.24 4.01
CA GLU B 88 -28.21 24.18 3.61
C GLU B 88 -29.06 23.54 4.70
N ALA B 89 -28.53 22.52 5.38
CA ALA B 89 -29.25 21.86 6.45
C ALA B 89 -29.27 22.67 7.75
N GLY B 90 -28.58 23.80 7.79
CA GLY B 90 -28.59 24.69 8.94
C GLY B 90 -27.54 24.42 10.00
N PHE B 91 -26.63 23.48 9.76
CA PHE B 91 -25.59 23.21 10.75
C PHE B 91 -24.44 24.19 10.63
N LEU B 92 -24.05 24.50 9.40
N LEU B 92 -23.98 24.44 9.41
CA LEU B 92 -22.91 25.36 9.11
CA LEU B 92 -22.90 25.37 9.14
C LEU B 92 -23.39 26.74 8.70
C LEU B 92 -23.46 26.74 8.79
N ALA B 93 -22.77 27.78 9.27
CA ALA B 93 -23.10 29.14 8.88
C ALA B 93 -22.76 29.33 7.41
N GLU B 94 -23.69 29.96 6.67
N GLU B 94 -23.68 29.96 6.66
CA GLU B 94 -23.51 30.15 5.23
CA GLU B 94 -23.47 30.10 5.22
C GLU B 94 -22.24 30.94 4.92
C GLU B 94 -22.22 30.94 4.92
N ALA B 95 -21.94 31.95 5.74
CA ALA B 95 -20.77 32.79 5.48
C ALA B 95 -19.48 32.00 5.59
N GLU B 96 -19.46 30.94 6.39
CA GLU B 96 -18.21 30.20 6.61
C GLU B 96 -17.79 29.42 5.36
N LEU B 97 -18.73 29.13 4.46
CA LEU B 97 -18.39 28.44 3.22
C LEU B 97 -17.34 29.20 2.42
N LEU B 98 -17.35 30.54 2.49
CA LEU B 98 -16.40 31.33 1.71
C LEU B 98 -14.99 31.26 2.26
N ASN B 99 -14.80 30.66 3.44
CA ASN B 99 -13.49 30.53 4.06
C ASN B 99 -12.84 29.20 3.76
N LEU B 100 -13.36 28.49 2.75
CA LEU B 100 -12.79 27.23 2.26
C LEU B 100 -11.27 27.32 2.11
N ARG B 101 -10.58 26.32 2.66
CA ARG B 101 -9.14 26.12 2.52
C ARG B 101 -8.29 27.15 3.25
N LYS B 102 -8.90 28.03 4.06
CA LYS B 102 -8.12 28.97 4.86
C LYS B 102 -7.54 28.29 6.11
N ILE B 103 -6.36 28.77 6.53
CA ILE B 103 -5.75 28.26 7.75
C ILE B 103 -6.54 28.64 8.99
N SER B 104 -7.42 29.63 8.88
CA SER B 104 -8.29 30.02 9.97
C SER B 104 -9.61 29.25 9.98
N SER B 105 -9.82 28.34 9.02
CA SER B 105 -11.06 27.61 8.87
C SER B 105 -10.82 26.12 9.06
N ASP B 106 -11.89 25.38 9.38
CA ASP B 106 -11.87 23.92 9.37
C ASP B 106 -12.53 23.35 8.11
N LEU B 107 -12.91 24.20 7.16
CA LEU B 107 -13.44 23.74 5.87
C LEU B 107 -12.27 23.49 4.91
N ASP B 108 -11.52 22.44 5.21
CA ASP B 108 -10.26 22.20 4.52
C ASP B 108 -10.49 21.64 3.12
N GLY B 109 -9.39 21.49 2.37
CA GLY B 109 -9.51 21.13 0.96
C GLY B 109 -10.20 19.81 0.70
N HIS B 110 -10.04 18.85 1.60
CA HIS B 110 -10.72 17.57 1.57
C HIS B 110 -11.31 17.32 2.95
N PRO B 111 -12.36 16.49 3.05
CA PRO B 111 -13.04 16.37 4.34
C PRO B 111 -12.16 15.68 5.37
N VAL B 112 -12.28 16.13 6.62
CA VAL B 112 -11.49 15.59 7.74
C VAL B 112 -12.35 15.57 9.00
N PRO B 113 -12.08 14.68 9.95
CA PRO B 113 -13.00 14.48 11.07
C PRO B 113 -12.98 15.58 12.12
N LYS B 114 -12.15 16.62 11.98
CA LYS B 114 -12.37 17.79 12.82
C LYS B 114 -13.71 18.43 12.48
N GLN B 115 -14.28 18.10 11.33
CA GLN B 115 -15.63 18.48 10.96
C GLN B 115 -16.61 17.50 11.58
N ALA B 116 -17.61 18.03 12.31
CA ALA B 116 -18.54 17.14 13.00
C ALA B 116 -19.28 16.23 12.01
N PHE B 117 -19.45 16.69 10.78
CA PHE B 117 -20.20 15.97 9.76
C PHE B 117 -19.33 15.01 8.95
N THR B 118 -18.07 14.81 9.33
CA THR B 118 -17.16 13.91 8.61
C THR B 118 -16.70 12.81 9.56
N ASP B 119 -16.86 11.55 9.15
CA ASP B 119 -16.39 10.44 9.97
C ASP B 119 -14.99 10.01 9.59
N VAL B 120 -14.71 9.95 8.29
CA VAL B 120 -13.42 9.50 7.79
C VAL B 120 -12.90 10.52 6.81
N ALA B 121 -11.61 10.77 6.86
CA ALA B 121 -10.97 11.61 5.85
C ALA B 121 -10.94 10.86 4.54
N THR B 122 -11.25 11.56 3.46
CA THR B 122 -11.01 11.04 2.14
C THR B 122 -10.15 12.04 1.39
N GLY B 123 -9.81 11.71 0.16
CA GLY B 123 -8.88 12.52 -0.58
C GLY B 123 -7.92 11.61 -1.32
N SER B 124 -7.59 10.48 -0.71
CA SER B 124 -6.97 9.39 -1.46
C SER B 124 -8.09 8.54 -2.03
N LEU B 125 -8.24 8.56 -3.35
CA LEU B 125 -9.42 7.98 -3.97
C LEU B 125 -9.50 6.47 -3.78
N GLY B 126 -10.73 5.98 -3.76
CA GLY B 126 -10.99 4.55 -3.75
C GLY B 126 -11.07 3.91 -2.39
N GLN B 127 -11.06 4.71 -1.32
CA GLN B 127 -11.10 4.19 0.04
C GLN B 127 -12.45 4.37 0.74
N GLY B 128 -13.30 5.26 0.24
CA GLY B 128 -14.52 5.60 0.96
C GLY B 128 -15.50 4.44 1.03
N LEU B 129 -15.58 3.64 -0.05
CA LEU B 129 -16.55 2.55 -0.05
C LEU B 129 -16.20 1.50 0.99
N GLY B 130 -14.90 1.25 1.19
CA GLY B 130 -14.49 0.33 2.25
C GLY B 130 -14.89 0.82 3.63
N ALA B 131 -14.69 2.11 3.91
CA ALA B 131 -15.14 2.63 5.19
C ALA B 131 -16.66 2.52 5.31
N ALA B 132 -17.37 2.84 4.22
CA ALA B 132 -18.82 2.71 4.19
C ALA B 132 -19.25 1.26 4.46
N CYS B 133 -18.50 0.30 3.91
CA CYS B 133 -18.79 -1.10 4.19
C CYS B 133 -18.65 -1.42 5.67
N GLY B 134 -17.62 -0.86 6.33
CA GLY B 134 -17.49 -1.04 7.76
C GLY B 134 -18.67 -0.44 8.51
N MET B 135 -19.08 0.77 8.13
CA MET B 135 -20.23 1.39 8.78
C MET B 135 -21.50 0.56 8.57
N ALA B 136 -21.72 0.07 7.36
CA ALA B 136 -22.92 -0.71 7.07
C ALA B 136 -22.89 -2.05 7.78
N TYR B 137 -21.72 -2.70 7.83
CA TYR B 137 -21.60 -3.95 8.55
C TYR B 137 -21.90 -3.74 10.02
N THR B 138 -21.41 -2.63 10.58
CA THR B 138 -21.67 -2.32 11.98
C THR B 138 -23.16 -2.09 12.21
N GLY B 139 -23.78 -1.31 11.31
CA GLY B 139 -25.20 -1.02 11.47
C GLY B 139 -26.06 -2.28 11.41
N LYS B 140 -25.71 -3.20 10.51
N LYS B 140 -25.71 -3.19 10.51
CA LYS B 140 -26.59 -4.35 10.30
CA LYS B 140 -26.53 -4.37 10.26
C LYS B 140 -26.32 -5.48 11.29
C LYS B 140 -26.33 -5.43 11.32
N TYR B 141 -25.06 -5.71 11.67
CA TYR B 141 -24.70 -6.87 12.48
C TYR B 141 -24.29 -6.55 13.91
N PHE B 142 -23.82 -5.34 14.19
CA PHE B 142 -23.41 -4.99 15.54
C PHE B 142 -24.44 -4.09 16.22
N ASP B 143 -24.64 -2.89 15.69
CA ASP B 143 -25.68 -2.02 16.21
C ASP B 143 -27.09 -2.59 15.99
N LYS B 144 -27.27 -3.36 14.92
CA LYS B 144 -28.59 -3.85 14.51
C LYS B 144 -29.61 -2.71 14.48
N ALA B 145 -29.21 -1.61 13.86
CA ALA B 145 -30.01 -0.39 13.83
C ALA B 145 -30.58 -0.15 12.43
N SER B 146 -31.42 0.87 12.32
N SER B 146 -31.42 0.87 12.33
CA SER B 146 -32.12 1.16 11.08
CA SER B 146 -32.10 1.14 11.07
C SER B 146 -31.39 2.13 10.17
C SER B 146 -31.26 1.95 10.08
N TYR B 147 -30.22 2.64 10.55
CA TYR B 147 -29.55 3.63 9.70
C TYR B 147 -28.96 2.97 8.46
N ARG B 148 -28.97 3.73 7.38
CA ARG B 148 -28.41 3.30 6.11
C ARG B 148 -27.14 4.07 5.83
N VAL B 149 -26.35 3.57 4.88
CA VAL B 149 -25.04 4.11 4.57
C VAL B 149 -24.98 4.40 3.08
N TYR B 150 -24.62 5.64 2.74
CA TYR B 150 -24.56 6.10 1.37
C TYR B 150 -23.14 6.56 1.06
N CYS B 151 -22.60 6.13 -0.08
CA CYS B 151 -21.22 6.43 -0.44
C CYS B 151 -21.18 6.91 -1.88
N LEU B 152 -20.67 8.14 -2.08
CA LEU B 152 -20.59 8.77 -3.39
C LEU B 152 -19.17 8.62 -3.93
N LEU B 153 -19.03 8.01 -5.11
CA LEU B 153 -17.75 7.75 -5.75
C LEU B 153 -17.70 8.44 -7.10
N GLY B 154 -16.47 8.77 -7.55
CA GLY B 154 -16.26 9.22 -8.91
C GLY B 154 -16.08 8.05 -9.85
N ASP B 155 -16.08 8.34 -11.16
CA ASP B 155 -15.91 7.24 -12.11
C ASP B 155 -14.44 6.92 -12.37
N GLY B 156 -13.57 7.94 -12.45
CA GLY B 156 -12.15 7.64 -12.49
C GLY B 156 -11.71 6.87 -11.27
N GLU B 157 -12.29 7.22 -10.12
CA GLU B 157 -12.02 6.55 -8.85
C GLU B 157 -12.25 5.04 -8.92
N LEU B 158 -13.18 4.61 -9.77
CA LEU B 158 -13.52 3.18 -9.84
C LEU B 158 -12.41 2.35 -10.45
N SER B 159 -11.34 2.97 -10.95
CA SER B 159 -10.16 2.23 -11.38
C SER B 159 -9.36 1.67 -10.21
N GLU B 160 -9.60 2.14 -8.99
CA GLU B 160 -8.84 1.61 -7.85
C GLU B 160 -9.34 0.23 -7.46
N GLY B 161 -8.41 -0.70 -7.34
CA GLY B 161 -8.80 -2.05 -6.98
C GLY B 161 -9.46 -2.15 -5.61
N SER B 162 -9.10 -1.26 -4.70
CA SER B 162 -9.70 -1.27 -3.37
C SER B 162 -11.21 -1.12 -3.46
N VAL B 163 -11.71 -0.39 -4.47
CA VAL B 163 -13.15 -0.24 -4.64
C VAL B 163 -13.79 -1.59 -4.88
N TRP B 164 -13.16 -2.43 -5.71
CA TRP B 164 -13.76 -3.71 -6.06
C TRP B 164 -13.62 -4.73 -4.93
N GLU B 165 -12.60 -4.59 -4.09
CA GLU B 165 -12.58 -5.36 -2.84
C GLU B 165 -13.81 -5.05 -1.99
N ALA B 166 -14.14 -3.76 -1.88
CA ALA B 166 -15.32 -3.35 -1.11
C ALA B 166 -16.60 -3.85 -1.77
N MET B 167 -16.68 -3.76 -3.10
N MET B 167 -16.69 -3.81 -3.10
CA MET B 167 -17.85 -4.28 -3.81
CA MET B 167 -17.91 -4.28 -3.73
C MET B 167 -18.08 -5.74 -3.45
C MET B 167 -18.11 -5.78 -3.56
N ALA B 168 -17.01 -6.55 -3.53
CA ALA B 168 -17.14 -7.97 -3.26
C ALA B 168 -17.48 -8.23 -1.79
N PHE B 169 -16.89 -7.46 -0.87
CA PHE B 169 -17.19 -7.61 0.55
C PHE B 169 -18.66 -7.38 0.82
N ALA B 170 -19.23 -6.30 0.25
CA ALA B 170 -20.61 -5.94 0.53
C ALA B 170 -21.58 -7.02 0.05
N SER B 171 -21.27 -7.69 -1.06
N SER B 171 -21.26 -7.66 -1.08
CA SER B 171 -22.19 -8.73 -1.50
CA SER B 171 -22.10 -8.75 -1.59
C SER B 171 -21.99 -10.03 -0.72
C SER B 171 -21.98 -9.98 -0.70
N ILE B 172 -20.74 -10.35 -0.34
CA ILE B 172 -20.51 -11.49 0.54
C ILE B 172 -21.34 -11.34 1.82
N TYR B 173 -21.31 -10.15 2.42
CA TYR B 173 -21.95 -9.94 3.71
C TYR B 173 -23.34 -9.31 3.60
N LYS B 174 -23.93 -9.34 2.41
CA LYS B 174 -25.35 -8.97 2.20
C LYS B 174 -25.69 -7.63 2.83
N LEU B 175 -24.88 -6.61 2.52
CA LEU B 175 -25.07 -5.28 3.10
C LEU B 175 -26.18 -4.54 2.34
N ASP B 176 -27.42 -4.97 2.61
CA ASP B 176 -28.58 -4.35 1.95
C ASP B 176 -28.94 -2.99 2.53
N ASN B 177 -28.20 -2.52 3.53
CA ASN B 177 -28.33 -1.16 4.05
C ASN B 177 -27.30 -0.21 3.45
N LEU B 178 -26.62 -0.62 2.38
CA LEU B 178 -25.53 0.14 1.77
C LEU B 178 -25.89 0.50 0.34
N VAL B 179 -25.66 1.76 -0.03
CA VAL B 179 -25.90 2.27 -1.37
C VAL B 179 -24.63 2.98 -1.82
N ALA B 180 -24.10 2.58 -2.97
CA ALA B 180 -23.02 3.29 -3.63
C ALA B 180 -23.63 4.12 -4.76
N ILE B 181 -23.27 5.40 -4.83
CA ILE B 181 -23.70 6.24 -5.94
C ILE B 181 -22.47 6.54 -6.77
N LEU B 182 -22.51 6.17 -8.05
CA LEU B 182 -21.38 6.36 -8.95
C LEU B 182 -21.64 7.59 -9.81
N ASP B 183 -20.80 8.60 -9.67
CA ASP B 183 -20.93 9.85 -10.41
C ASP B 183 -20.23 9.65 -11.74
N ILE B 184 -20.96 9.14 -12.72
CA ILE B 184 -20.33 8.79 -14.02
C ILE B 184 -20.40 10.05 -14.86
N ASN B 185 -19.47 10.98 -14.61
CA ASN B 185 -19.43 12.23 -15.33
C ASN B 185 -18.42 12.21 -16.48
N ARG B 186 -17.96 11.01 -16.88
CA ARG B 186 -17.24 10.71 -18.11
C ARG B 186 -15.75 11.01 -18.02
N LEU B 187 -15.37 11.93 -17.13
CA LEU B 187 -14.03 12.50 -17.12
C LEU B 187 -13.32 12.22 -15.80
N GLY B 188 -12.03 11.95 -15.89
CA GLY B 188 -11.16 11.95 -14.75
C GLY B 188 -10.44 13.28 -14.62
N GLN B 189 -9.20 13.22 -14.12
CA GLN B 189 -8.45 14.46 -13.92
C GLN B 189 -7.79 14.95 -15.21
N SER B 190 -7.22 14.03 -15.99
CA SER B 190 -6.36 14.43 -17.10
C SER B 190 -6.78 13.82 -18.43
N ASP B 191 -7.91 13.14 -18.47
CA ASP B 191 -8.45 12.50 -19.67
C ASP B 191 -9.82 11.94 -19.31
N PRO B 192 -10.62 11.50 -20.28
CA PRO B 192 -11.84 10.78 -19.95
C PRO B 192 -11.53 9.53 -19.13
N ALA B 193 -12.45 9.17 -18.25
CA ALA B 193 -12.34 7.89 -17.56
C ALA B 193 -12.46 6.77 -18.60
N PRO B 194 -11.82 5.61 -18.35
CA PRO B 194 -11.76 4.58 -19.39
C PRO B 194 -13.09 4.22 -20.04
N LEU B 195 -14.15 4.05 -19.26
CA LEU B 195 -15.44 3.61 -19.80
C LEU B 195 -16.32 4.76 -20.26
N GLN B 196 -15.94 6.00 -19.98
CA GLN B 196 -16.70 7.21 -20.38
C GLN B 196 -18.18 7.00 -20.02
N HIS B 197 -19.11 7.15 -20.96
CA HIS B 197 -20.53 7.01 -20.66
C HIS B 197 -21.10 5.69 -21.16
N GLN B 198 -20.29 4.62 -21.13
CA GLN B 198 -20.76 3.27 -21.44
C GLN B 198 -21.43 2.72 -20.19
N MET B 199 -22.67 3.18 -19.97
CA MET B 199 -23.35 2.89 -18.71
C MET B 199 -23.60 1.39 -18.56
N ASP B 200 -23.79 0.69 -19.68
CA ASP B 200 -24.06 -0.74 -19.63
C ASP B 200 -22.88 -1.53 -19.08
N ILE B 201 -21.65 -1.09 -19.35
CA ILE B 201 -20.49 -1.82 -18.82
CA ILE B 201 -20.49 -1.82 -18.82
C ILE B 201 -20.38 -1.61 -17.32
N TYR B 202 -20.61 -0.37 -16.85
CA TYR B 202 -20.65 -0.17 -15.41
C TYR B 202 -21.70 -1.07 -14.76
N GLN B 203 -22.87 -1.17 -15.39
CA GLN B 203 -23.93 -2.01 -14.83
C GLN B 203 -23.50 -3.48 -14.79
N LYS B 204 -22.89 -3.98 -15.87
CA LYS B 204 -22.42 -5.36 -15.91
C LYS B 204 -21.37 -5.64 -14.84
N ARG B 205 -20.43 -4.70 -14.65
CA ARG B 205 -19.41 -4.91 -13.63
C ARG B 205 -20.01 -4.93 -12.23
N CYS B 206 -20.91 -4.00 -11.92
CA CYS B 206 -21.54 -4.00 -10.60
C CYS B 206 -22.38 -5.25 -10.39
N GLU B 207 -23.17 -5.65 -11.40
CA GLU B 207 -23.99 -6.85 -11.25
C GLU B 207 -23.15 -8.10 -11.07
N ALA B 208 -22.03 -8.21 -11.81
CA ALA B 208 -21.18 -9.38 -11.68
C ALA B 208 -20.59 -9.50 -10.29
N PHE B 209 -20.41 -8.38 -9.59
CA PHE B 209 -19.92 -8.39 -8.23
C PHE B 209 -21.04 -8.42 -7.20
N GLY B 210 -22.26 -8.72 -7.62
CA GLY B 210 -23.33 -9.03 -6.70
C GLY B 210 -24.21 -7.88 -6.29
N TRP B 211 -24.07 -6.72 -6.91
CA TRP B 211 -24.87 -5.56 -6.54
C TRP B 211 -26.09 -5.43 -7.44
N HIS B 212 -27.17 -4.89 -6.86
CA HIS B 212 -28.31 -4.45 -7.64
C HIS B 212 -27.95 -3.12 -8.27
N ALA B 213 -27.93 -3.06 -9.59
CA ALA B 213 -27.36 -1.91 -10.31
C ALA B 213 -28.47 -1.20 -11.10
N ILE B 214 -28.66 0.09 -10.82
CA ILE B 214 -29.70 0.90 -11.44
C ILE B 214 -29.02 2.04 -12.18
N ILE B 215 -29.23 2.12 -13.49
CA ILE B 215 -28.75 3.26 -14.28
C ILE B 215 -29.78 4.37 -14.18
N VAL B 216 -29.33 5.59 -13.85
CA VAL B 216 -30.22 6.75 -13.78
C VAL B 216 -29.59 7.92 -14.51
N ASP B 217 -30.44 8.86 -14.90
CA ASP B 217 -30.02 10.22 -15.23
C ASP B 217 -29.66 10.93 -13.92
N GLY B 218 -28.36 11.13 -13.69
CA GLY B 218 -27.91 11.71 -12.43
C GLY B 218 -28.24 13.17 -12.27
N HIS B 219 -28.86 13.80 -13.27
CA HIS B 219 -29.34 15.18 -13.12
C HIS B 219 -30.86 15.24 -13.05
N SER B 220 -31.53 14.09 -12.90
CA SER B 220 -32.98 14.04 -12.73
C SER B 220 -33.28 13.78 -11.26
N VAL B 221 -33.78 14.79 -10.55
CA VAL B 221 -34.09 14.57 -9.14
C VAL B 221 -35.17 13.51 -8.98
N GLU B 222 -36.10 13.41 -9.92
CA GLU B 222 -37.16 12.41 -9.76
C GLU B 222 -36.61 10.99 -9.90
N GLU B 223 -35.78 10.75 -10.92
CA GLU B 223 -35.18 9.42 -11.07
C GLU B 223 -34.33 9.06 -9.85
N LEU B 224 -33.63 10.03 -9.29
CA LEU B 224 -32.82 9.76 -8.10
C LEU B 224 -33.69 9.44 -6.90
N CYS B 225 -34.76 10.21 -6.67
CA CYS B 225 -35.66 9.91 -5.56
C CYS B 225 -36.19 8.49 -5.66
N LYS B 226 -36.60 8.09 -6.86
CA LYS B 226 -37.19 6.78 -7.05
C LYS B 226 -36.15 5.68 -6.86
N ALA B 227 -34.93 5.88 -7.39
CA ALA B 227 -33.90 4.86 -7.27
C ALA B 227 -33.46 4.68 -5.82
N PHE B 228 -33.34 5.78 -5.07
CA PHE B 228 -33.02 5.67 -3.65
C PHE B 228 -34.19 5.12 -2.85
N GLY B 229 -35.41 5.31 -3.33
CA GLY B 229 -36.57 5.01 -2.50
C GLY B 229 -36.95 3.55 -2.45
N GLN B 230 -36.52 2.76 -3.43
CA GLN B 230 -36.96 1.37 -3.50
C GLN B 230 -36.08 0.49 -2.62
N ALA B 231 -36.67 -0.35 -1.77
N ALA B 231 -36.78 -0.15 -1.67
CA ALA B 231 -35.82 -1.15 -0.89
CA ALA B 231 -36.51 -1.44 -1.06
C ALA B 231 -35.33 -2.44 -1.57
C ALA B 231 -35.27 -2.10 -1.62
N LYS B 232 -34.15 -2.94 -1.16
N LYS B 232 -34.28 -2.25 -0.76
CA LYS B 232 -33.52 -4.11 -1.75
CA LYS B 232 -33.03 -2.89 -1.11
C LYS B 232 -32.99 -5.06 -0.69
C LYS B 232 -33.04 -4.31 -0.57
N HIS B 233 -32.63 -6.28 -1.13
N HIS B 233 -32.60 -5.26 -1.39
CA HIS B 233 -31.97 -7.27 -0.29
CA HIS B 233 -32.47 -6.65 -0.98
C HIS B 233 -30.48 -7.39 -0.59
C HIS B 233 -31.01 -7.09 -1.02
N GLN B 234 -29.97 -6.58 -1.52
N GLN B 234 -30.12 -6.21 -1.45
CA GLN B 234 -28.57 -6.54 -1.90
CA GLN B 234 -28.68 -6.44 -1.54
C GLN B 234 -28.02 -5.14 -1.68
C GLN B 234 -28.03 -5.08 -1.66
N PRO B 235 -26.70 -4.99 -1.60
CA PRO B 235 -26.10 -3.66 -1.80
C PRO B 235 -26.49 -3.15 -3.17
N THR B 236 -26.79 -1.86 -3.24
CA THR B 236 -27.39 -1.26 -4.43
C THR B 236 -26.45 -0.20 -4.98
N ALA B 237 -26.18 -0.27 -6.28
CA ALA B 237 -25.35 0.71 -6.97
C ALA B 237 -26.25 1.56 -7.84
N ILE B 238 -26.29 2.86 -7.56
CA ILE B 238 -26.98 3.83 -8.39
C ILE B 238 -25.94 4.41 -9.33
N ILE B 239 -26.06 4.06 -10.61
CA ILE B 239 -25.06 4.37 -11.61
C ILE B 239 -25.58 5.59 -12.34
N ALA B 240 -25.04 6.77 -12.01
CA ALA B 240 -25.64 8.04 -12.39
C ALA B 240 -24.89 8.63 -13.58
N LYS B 241 -25.57 8.73 -14.72
CA LYS B 241 -24.98 9.39 -15.88
C LYS B 241 -25.07 10.90 -15.65
N THR B 242 -23.91 11.55 -15.58
CA THR B 242 -23.81 12.98 -15.26
C THR B 242 -22.84 13.64 -16.21
N PHE B 243 -22.78 14.98 -16.14
CA PHE B 243 -21.80 15.72 -16.89
C PHE B 243 -20.94 16.53 -15.93
N LYS B 244 -19.64 16.45 -16.11
CA LYS B 244 -18.74 17.19 -15.24
C LYS B 244 -18.96 18.68 -15.49
N GLY B 245 -18.98 19.47 -14.41
CA GLY B 245 -19.27 20.87 -14.62
C GLY B 245 -20.71 21.16 -15.02
N ARG B 246 -21.64 20.23 -14.74
CA ARG B 246 -23.05 20.40 -15.10
C ARG B 246 -23.56 21.76 -14.63
N GLY B 247 -24.16 22.50 -15.55
CA GLY B 247 -24.75 23.79 -15.23
C GLY B 247 -23.85 24.98 -15.43
N ILE B 248 -22.57 24.77 -15.70
CA ILE B 248 -21.63 25.84 -15.98
C ILE B 248 -21.52 25.93 -17.50
N THR B 249 -22.20 26.92 -18.10
CA THR B 249 -22.22 27.01 -19.54
C THR B 249 -20.80 27.17 -20.09
N GLY B 250 -20.50 26.39 -21.13
CA GLY B 250 -19.18 26.37 -21.74
C GLY B 250 -18.15 25.52 -21.03
N VAL B 251 -18.41 25.08 -19.81
CA VAL B 251 -17.51 24.20 -19.08
C VAL B 251 -18.06 22.79 -18.97
N GLU B 252 -19.38 22.63 -18.92
CA GLU B 252 -20.00 21.32 -18.84
C GLU B 252 -19.44 20.38 -19.90
N ASP B 253 -19.02 19.19 -19.46
CA ASP B 253 -18.58 18.10 -20.33
C ASP B 253 -17.26 18.39 -21.02
N LYS B 254 -16.48 19.36 -20.56
CA LYS B 254 -15.22 19.70 -21.20
C LYS B 254 -14.01 19.20 -20.41
N GLU B 255 -12.96 18.85 -21.15
CA GLU B 255 -11.68 18.57 -20.53
C GLU B 255 -11.02 19.87 -20.09
N SER B 256 -9.89 19.72 -19.38
CA SER B 256 -9.03 20.82 -18.96
CA SER B 256 -9.02 20.81 -18.95
C SER B 256 -9.61 21.65 -17.83
N TRP B 257 -10.62 21.13 -17.13
CA TRP B 257 -11.23 21.89 -16.05
C TRP B 257 -11.20 21.18 -14.70
N HIS B 258 -10.59 20.00 -14.60
CA HIS B 258 -10.52 19.34 -13.30
C HIS B 258 -9.65 20.13 -12.33
N GLY B 259 -10.17 20.41 -11.14
CA GLY B 259 -9.39 21.12 -10.15
C GLY B 259 -9.07 22.55 -10.52
N LYS B 260 -9.86 23.16 -11.41
CA LYS B 260 -9.65 24.54 -11.83
C LYS B 260 -10.83 25.38 -11.36
N PRO B 261 -10.60 26.37 -10.51
CA PRO B 261 -11.70 27.26 -10.13
C PRO B 261 -12.04 28.24 -11.24
N LEU B 262 -13.25 28.79 -11.15
CA LEU B 262 -13.62 29.84 -12.07
C LEU B 262 -13.00 31.16 -11.63
N PRO B 263 -12.43 31.94 -12.56
CA PRO B 263 -12.02 33.30 -12.20
C PRO B 263 -13.22 34.10 -11.75
N LYS B 264 -12.92 35.16 -10.99
N LYS B 264 -12.94 35.18 -11.01
CA LYS B 264 -13.96 35.98 -10.36
CA LYS B 264 -13.99 35.95 -10.37
C LYS B 264 -14.99 36.48 -11.38
C LYS B 264 -15.00 36.49 -11.37
N ASN B 265 -14.52 37.01 -12.51
CA ASN B 265 -15.45 37.59 -13.49
C ASN B 265 -16.36 36.53 -14.05
N MET B 266 -15.82 35.33 -14.27
CA MET B 266 -16.61 34.25 -14.84
C MET B 266 -17.58 33.68 -13.80
N ALA B 267 -17.10 33.51 -12.56
CA ALA B 267 -17.97 33.04 -11.49
C ALA B 267 -19.19 33.93 -11.34
N GLU B 268 -19.00 35.25 -11.37
CA GLU B 268 -20.14 36.15 -11.23
C GLU B 268 -21.15 35.94 -12.35
N GLN B 269 -20.66 35.80 -13.58
CA GLN B 269 -21.54 35.61 -14.73
C GLN B 269 -22.29 34.28 -14.64
N ILE B 270 -21.57 33.20 -14.29
CA ILE B 270 -22.17 31.88 -14.23
C ILE B 270 -23.19 31.81 -13.09
N ILE B 271 -22.85 32.36 -11.93
CA ILE B 271 -23.75 32.31 -10.78
C ILE B 271 -25.06 33.02 -11.08
N GLN B 272 -24.99 34.16 -11.79
CA GLN B 272 -26.21 34.84 -12.20
C GLN B 272 -27.10 33.92 -13.03
N GLU B 273 -26.51 33.20 -13.99
N GLU B 273 -26.51 33.23 -14.00
CA GLU B 273 -27.33 32.32 -14.82
CA GLU B 273 -27.27 32.30 -14.83
C GLU B 273 -27.94 31.20 -13.99
C GLU B 273 -27.93 31.21 -13.99
N ILE B 274 -27.17 30.63 -13.06
CA ILE B 274 -27.71 29.54 -12.25
C ILE B 274 -28.81 30.05 -11.32
N TYR B 275 -28.58 31.22 -10.71
N TYR B 275 -28.58 31.22 -10.68
CA TYR B 275 -29.58 31.81 -9.83
CA TYR B 275 -29.61 31.81 -9.83
C TYR B 275 -30.89 32.05 -10.57
C TYR B 275 -30.91 32.00 -10.59
N SER B 276 -30.83 32.35 -11.86
CA SER B 276 -32.04 32.62 -12.63
C SER B 276 -32.88 31.36 -12.84
N GLN B 277 -32.33 30.17 -12.55
CA GLN B 277 -33.06 28.92 -12.64
C GLN B 277 -33.73 28.53 -11.34
N ILE B 278 -33.44 29.20 -10.24
CA ILE B 278 -33.95 28.85 -8.92
C ILE B 278 -35.31 29.52 -8.73
N GLN B 279 -36.33 28.71 -8.46
CA GLN B 279 -37.68 29.26 -8.39
C GLN B 279 -38.06 29.77 -7.01
N SER B 280 -37.52 29.20 -5.95
CA SER B 280 -37.84 29.64 -4.60
C SER B 280 -36.60 29.58 -3.71
N LYS B 281 -36.50 30.55 -2.81
CA LYS B 281 -35.42 30.57 -1.83
C LYS B 281 -35.72 29.70 -0.62
N LYS B 282 -36.93 29.19 -0.47
CA LYS B 282 -37.27 28.42 0.71
C LYS B 282 -36.51 27.10 0.68
N LYS B 283 -35.93 26.73 1.82
CA LYS B 283 -35.10 25.54 1.94
C LYS B 283 -35.93 24.36 2.43
N ILE B 284 -35.52 23.16 2.02
CA ILE B 284 -36.06 21.92 2.55
C ILE B 284 -35.41 21.62 3.90
N LEU B 285 -36.20 21.12 4.84
CA LEU B 285 -35.66 20.69 6.12
C LEU B 285 -35.26 19.22 6.06
N ALA B 286 -34.19 18.89 6.77
CA ALA B 286 -33.83 17.49 6.95
C ALA B 286 -34.91 16.77 7.74
N THR B 287 -34.94 15.44 7.62
CA THR B 287 -35.88 14.64 8.39
C THR B 287 -35.11 13.78 9.39
N PRO B 288 -35.49 13.78 10.66
CA PRO B 288 -34.69 13.08 11.68
C PRO B 288 -34.85 11.57 11.60
N PRO B 289 -33.94 10.82 12.21
CA PRO B 289 -33.95 9.36 12.08
C PRO B 289 -34.73 8.66 13.17
N GLN B 290 -34.97 7.37 12.95
CA GLN B 290 -35.44 6.49 14.01
C GLN B 290 -34.29 6.18 14.94
N GLU B 291 -34.52 6.34 16.24
CA GLU B 291 -33.43 6.29 17.21
C GLU B 291 -33.34 4.91 17.86
N ASP B 292 -32.83 3.95 17.09
CA ASP B 292 -32.76 2.58 17.57
C ASP B 292 -31.32 2.04 17.64
N ALA B 293 -30.31 2.88 17.48
CA ALA B 293 -28.96 2.42 17.77
C ALA B 293 -28.80 2.22 19.27
N PRO B 294 -28.13 1.15 19.70
CA PRO B 294 -28.03 0.85 21.12
C PRO B 294 -26.95 1.69 21.81
N SER B 295 -27.03 1.70 23.13
CA SER B 295 -25.94 2.30 23.90
C SER B 295 -24.75 1.36 23.90
N VAL B 296 -23.56 1.93 23.92
CA VAL B 296 -22.32 1.16 23.94
C VAL B 296 -21.49 1.61 25.14
N ASP B 297 -20.80 0.66 25.76
CA ASP B 297 -19.99 0.90 26.94
C ASP B 297 -18.60 1.33 26.51
N ILE B 298 -18.21 2.56 26.85
CA ILE B 298 -16.93 3.10 26.44
C ILE B 298 -15.94 3.18 27.62
N ALA B 299 -16.19 2.43 28.69
CA ALA B 299 -15.29 2.47 29.84
C ALA B 299 -13.95 1.83 29.50
N ASN B 300 -12.95 2.11 30.34
CA ASN B 300 -11.65 1.49 30.18
C ASN B 300 -11.79 -0.03 30.14
N ILE B 301 -11.01 -0.67 29.27
CA ILE B 301 -11.10 -2.11 29.04
C ILE B 301 -10.01 -2.80 29.85
N ARG B 302 -10.39 -3.74 30.70
N ARG B 302 -10.39 -3.76 30.67
CA ARG B 302 -9.45 -4.46 31.55
CA ARG B 302 -9.47 -4.47 31.54
C ARG B 302 -9.62 -5.96 31.32
C ARG B 302 -9.62 -5.97 31.33
N MET B 303 -8.50 -6.65 31.14
CA MET B 303 -8.53 -8.10 30.98
C MET B 303 -9.20 -8.74 32.19
N PRO B 304 -9.94 -9.84 31.99
CA PRO B 304 -10.61 -10.50 33.11
C PRO B 304 -9.65 -11.18 34.09
N SER B 305 -8.40 -11.39 33.71
CA SER B 305 -7.42 -12.02 34.58
C SER B 305 -6.04 -11.70 34.05
N LEU B 306 -5.03 -11.94 34.90
CA LEU B 306 -3.64 -11.81 34.51
C LEU B 306 -3.29 -12.87 33.48
N PRO B 307 -2.20 -12.66 32.73
CA PRO B 307 -1.71 -13.75 31.87
C PRO B 307 -1.43 -14.98 32.71
N SER B 308 -1.60 -16.14 32.11
CA SER B 308 -1.41 -17.40 32.83
C SER B 308 -0.21 -18.18 32.31
N TYR B 309 0.85 -17.47 31.91
CA TYR B 309 2.09 -18.10 31.51
C TYR B 309 2.98 -18.30 32.73
N LYS B 310 3.98 -19.15 32.57
CA LYS B 310 5.02 -19.30 33.57
C LYS B 310 6.37 -19.07 32.92
N VAL B 311 7.25 -18.37 33.63
CA VAL B 311 8.59 -18.11 33.13
C VAL B 311 9.22 -19.42 32.69
N GLY B 312 9.81 -19.43 31.51
CA GLY B 312 10.45 -20.61 30.95
C GLY B 312 9.62 -21.34 29.91
N ASP B 313 8.29 -21.19 29.94
CA ASP B 313 7.46 -21.79 28.91
C ASP B 313 7.79 -21.18 27.54
N LYS B 314 7.66 -21.99 26.50
CA LYS B 314 7.88 -21.56 25.13
C LYS B 314 6.54 -21.24 24.48
N ILE B 315 6.43 -20.05 23.88
CA ILE B 315 5.28 -19.73 23.06
C ILE B 315 5.67 -18.61 22.11
N ALA B 316 5.22 -18.74 20.86
CA ALA B 316 5.39 -17.66 19.89
C ALA B 316 4.45 -16.50 20.21
N THR B 317 4.93 -15.28 19.99
CA THR B 317 4.06 -14.14 20.29
C THR B 317 2.85 -14.07 19.37
N ARG B 318 2.92 -14.67 18.17
CA ARG B 318 1.73 -14.71 17.34
C ARG B 318 0.62 -15.55 18.00
N LYS B 319 1.00 -16.66 18.65
CA LYS B 319 0.00 -17.45 19.36
C LYS B 319 -0.49 -16.72 20.60
N ALA B 320 0.42 -16.11 21.36
CA ALA B 320 -0.01 -15.31 22.50
C ALA B 320 -0.96 -14.20 22.08
N TYR B 321 -0.79 -13.63 20.88
CA TYR B 321 -1.71 -12.60 20.42
C TYR B 321 -3.13 -13.13 20.35
N GLY B 322 -3.31 -14.28 19.68
CA GLY B 322 -4.64 -14.82 19.50
C GLY B 322 -5.28 -15.20 20.83
N GLN B 323 -4.50 -15.78 21.74
CA GLN B 323 -5.02 -16.09 23.07
C GLN B 323 -5.43 -14.82 23.80
N ALA B 324 -4.60 -13.77 23.73
CA ALA B 324 -4.92 -12.52 24.43
C ALA B 324 -6.12 -11.83 23.82
N LEU B 325 -6.24 -11.87 22.48
CA LEU B 325 -7.37 -11.23 21.83
C LEU B 325 -8.69 -11.92 22.19
N ALA B 326 -8.69 -13.26 22.23
CA ALA B 326 -9.88 -13.97 22.67
C ALA B 326 -10.22 -13.62 24.11
N LYS B 327 -9.21 -13.51 24.98
CA LYS B 327 -9.46 -13.10 26.36
C LYS B 327 -10.05 -11.70 26.42
N LEU B 328 -9.47 -10.76 25.66
CA LEU B 328 -9.97 -9.39 25.64
C LEU B 328 -11.42 -9.33 25.17
N GLY B 329 -11.84 -10.30 24.34
CA GLY B 329 -13.22 -10.31 23.89
C GLY B 329 -14.21 -10.58 25.00
N HIS B 330 -13.76 -11.23 26.08
CA HIS B 330 -14.60 -11.37 27.26
C HIS B 330 -14.56 -10.12 28.13
N ALA B 331 -13.58 -9.26 27.93
CA ALA B 331 -13.46 -8.05 28.73
C ALA B 331 -14.31 -6.90 28.20
N SER B 332 -14.69 -6.95 26.93
CA SER B 332 -15.40 -5.85 26.31
C SER B 332 -16.24 -6.38 25.16
N ASP B 333 -17.48 -5.91 25.10
CA ASP B 333 -18.35 -6.25 23.98
C ASP B 333 -18.01 -5.47 22.71
N ARG B 334 -17.14 -4.46 22.81
N ARG B 334 -17.15 -4.46 22.82
CA ARG B 334 -16.81 -3.63 21.66
CA ARG B 334 -16.82 -3.63 21.67
C ARG B 334 -15.69 -4.22 20.80
C ARG B 334 -15.68 -4.21 20.82
N ILE B 335 -14.94 -5.18 21.33
CA ILE B 335 -13.83 -5.77 20.58
C ILE B 335 -14.37 -6.53 19.38
N ILE B 336 -13.83 -6.23 18.20
CA ILE B 336 -14.05 -7.06 17.01
C ILE B 336 -12.70 -7.40 16.41
N ALA B 337 -12.67 -8.50 15.67
CA ALA B 337 -11.45 -8.98 15.05
C ALA B 337 -11.67 -9.15 13.55
N LEU B 338 -10.66 -8.77 12.76
CA LEU B 338 -10.67 -8.85 11.31
C LEU B 338 -9.40 -9.52 10.87
N ASP B 339 -9.48 -10.34 9.82
CA ASP B 339 -8.29 -11.04 9.36
C ASP B 339 -8.46 -11.35 7.88
N GLY B 340 -7.34 -11.39 7.16
CA GLY B 340 -7.38 -11.63 5.73
C GLY B 340 -6.97 -13.01 5.25
N ASP B 341 -7.79 -14.00 5.55
CA ASP B 341 -7.55 -15.42 5.22
C ASP B 341 -6.24 -15.92 5.82
N THR B 342 -5.79 -15.32 6.94
CA THR B 342 -4.59 -15.80 7.62
C THR B 342 -4.84 -16.16 9.07
N LYS B 343 -6.11 -16.40 9.46
CA LYS B 343 -6.44 -16.57 10.87
C LYS B 343 -5.73 -17.78 11.50
N ASN B 344 -5.39 -18.80 10.70
CA ASN B 344 -4.69 -19.94 11.26
C ASN B 344 -3.20 -19.70 11.43
N SER B 345 -2.67 -18.64 10.82
CA SER B 345 -1.27 -18.24 10.95
C SER B 345 -1.08 -17.11 11.96
N THR B 346 -2.02 -16.17 12.04
CA THR B 346 -1.95 -15.10 13.02
C THR B 346 -2.53 -15.53 14.36
N PHE B 347 -3.29 -16.62 14.36
CA PHE B 347 -4.04 -17.15 15.50
C PHE B 347 -5.19 -16.26 15.92
N SER B 348 -5.63 -15.34 15.07
CA SER B 348 -6.93 -14.71 15.31
C SER B 348 -8.05 -15.73 15.25
N GLU B 349 -7.80 -16.94 14.73
CA GLU B 349 -8.80 -17.99 14.75
C GLU B 349 -9.25 -18.32 16.18
N ILE B 350 -8.41 -18.07 17.18
CA ILE B 350 -8.80 -18.31 18.55
C ILE B 350 -9.95 -17.39 18.95
N PHE B 351 -9.86 -16.11 18.56
CA PHE B 351 -10.96 -15.18 18.80
C PHE B 351 -12.21 -15.62 18.05
N LYS B 352 -12.05 -16.01 16.78
CA LYS B 352 -13.18 -16.48 15.98
C LYS B 352 -13.92 -17.62 16.68
N LYS B 353 -13.16 -18.57 17.24
CA LYS B 353 -13.79 -19.72 17.89
C LYS B 353 -14.59 -19.29 19.11
N GLU B 354 -14.09 -18.32 19.87
CA GLU B 354 -14.75 -17.93 21.11
C GLU B 354 -15.79 -16.83 20.91
N HIS B 355 -15.62 -15.94 19.93
CA HIS B 355 -16.56 -14.85 19.69
C HIS B 355 -16.86 -14.75 18.19
N PRO B 356 -17.46 -15.80 17.60
CA PRO B 356 -17.60 -15.83 16.14
C PRO B 356 -18.41 -14.67 15.57
N ASP B 357 -19.39 -14.16 16.31
CA ASP B 357 -20.22 -13.08 15.78
C ASP B 357 -19.47 -11.76 15.68
N ARG B 358 -18.31 -11.65 16.30
CA ARG B 358 -17.52 -10.42 16.25
C ARG B 358 -16.22 -10.60 15.47
N PHE B 359 -16.09 -11.68 14.72
CA PHE B 359 -14.97 -11.89 13.80
C PHE B 359 -15.46 -11.61 12.38
N ILE B 360 -14.65 -10.86 11.63
CA ILE B 360 -14.97 -10.52 10.24
C ILE B 360 -13.89 -11.11 9.34
N GLU B 361 -14.24 -12.15 8.60
CA GLU B 361 -13.33 -12.68 7.59
C GLU B 361 -13.29 -11.72 6.40
N CYS B 362 -12.12 -11.14 6.13
CA CYS B 362 -11.98 -10.14 5.08
C CYS B 362 -11.36 -10.69 3.80
N TYR B 363 -10.94 -11.96 3.82
CA TYR B 363 -10.34 -12.62 2.66
C TYR B 363 -9.06 -11.91 2.24
N ILE B 364 -8.52 -12.25 1.08
CA ILE B 364 -7.15 -11.81 0.73
C ILE B 364 -7.31 -10.43 0.09
N ALA B 365 -7.48 -9.42 0.96
CA ALA B 365 -7.80 -8.05 0.57
C ALA B 365 -7.47 -7.12 1.73
N GLU B 366 -6.17 -6.87 1.91
CA GLU B 366 -5.69 -6.12 3.07
C GLU B 366 -6.11 -4.66 3.05
N GLN B 367 -6.10 -4.03 1.87
N GLN B 367 -6.16 -4.04 1.86
CA GLN B 367 -6.60 -2.67 1.74
CA GLN B 367 -6.57 -2.64 1.77
C GLN B 367 -7.98 -2.54 2.35
C GLN B 367 -8.00 -2.48 2.28
N ASN B 368 -8.90 -3.35 1.83
CA ASN B 368 -10.27 -3.27 2.29
C ASN B 368 -10.38 -3.60 3.77
N MET B 369 -9.61 -4.58 4.24
CA MET B 369 -9.66 -4.92 5.66
C MET B 369 -9.41 -3.71 6.54
N VAL B 370 -8.35 -2.93 6.25
CA VAL B 370 -8.07 -1.75 7.05
C VAL B 370 -9.21 -0.75 6.97
N SER B 371 -9.76 -0.55 5.77
CA SER B 371 -10.86 0.40 5.61
C SER B 371 -12.10 -0.06 6.36
N ILE B 372 -12.41 -1.36 6.32
CA ILE B 372 -13.51 -1.88 7.12
C ILE B 372 -13.32 -1.54 8.60
N ALA B 373 -12.12 -1.78 9.12
CA ALA B 373 -11.84 -1.49 10.52
C ALA B 373 -12.04 -0.02 10.82
N VAL B 374 -11.55 0.86 9.94
CA VAL B 374 -11.75 2.30 10.15
C VAL B 374 -13.23 2.62 10.22
N GLY B 375 -14.02 2.04 9.32
CA GLY B 375 -15.46 2.31 9.34
C GLY B 375 -16.13 1.79 10.60
N CYS B 376 -15.74 0.59 11.04
CA CYS B 376 -16.30 0.01 12.26
C CYS B 376 -15.97 0.85 13.49
N ALA B 377 -14.82 1.53 13.48
CA ALA B 377 -14.42 2.33 14.63
C ALA B 377 -15.08 3.70 14.66
N THR B 378 -15.72 4.14 13.58
CA THR B 378 -16.29 5.47 13.57
C THR B 378 -17.41 5.57 14.60
N ARG B 379 -17.56 6.77 15.15
CA ARG B 379 -18.53 7.05 16.21
C ARG B 379 -18.33 6.12 17.41
N ASN B 380 -17.09 5.63 17.58
CA ASN B 380 -16.69 4.77 18.69
C ASN B 380 -17.58 3.55 18.86
N ARG B 381 -18.11 3.01 17.76
CA ARG B 381 -19.05 1.90 17.91
C ARG B 381 -18.35 0.61 18.28
N THR B 382 -17.12 0.38 17.80
CA THR B 382 -16.40 -0.83 18.08
C THR B 382 -14.93 -0.50 18.30
N VAL B 383 -14.18 -1.51 18.73
CA VAL B 383 -12.74 -1.43 18.96
C VAL B 383 -12.09 -2.50 18.10
N PRO B 384 -11.65 -2.17 16.88
CA PRO B 384 -11.22 -3.22 15.94
C PRO B 384 -9.76 -3.61 16.07
N PHE B 385 -9.52 -4.92 15.95
CA PHE B 385 -8.19 -5.53 15.83
C PHE B 385 -8.12 -6.29 14.50
N CYS B 386 -7.36 -5.79 13.52
CA CYS B 386 -7.12 -6.50 12.26
CA CYS B 386 -7.15 -6.55 12.30
C CYS B 386 -5.77 -7.18 12.29
N SER B 387 -5.68 -8.32 11.61
CA SER B 387 -4.42 -9.06 11.59
C SER B 387 -4.19 -9.69 10.23
N THR B 388 -2.90 -9.79 9.88
CA THR B 388 -2.37 -10.53 8.75
C THR B 388 -0.88 -10.66 9.00
N PHE B 389 -0.12 -11.14 8.03
CA PHE B 389 1.32 -11.06 8.14
C PHE B 389 1.72 -9.59 8.09
N ALA B 390 2.69 -9.19 8.91
CA ALA B 390 3.10 -7.78 8.90
C ALA B 390 3.54 -7.35 7.51
N ALA B 391 4.19 -8.23 6.76
CA ALA B 391 4.62 -7.90 5.40
C ALA B 391 3.45 -7.44 4.54
N PHE B 392 2.26 -8.01 4.75
CA PHE B 392 1.13 -7.68 3.90
C PHE B 392 0.38 -6.44 4.37
N PHE B 393 0.73 -5.89 5.54
CA PHE B 393 0.24 -4.55 5.82
C PHE B 393 0.86 -3.50 4.92
N THR B 394 1.99 -3.78 4.25
CA THR B 394 2.48 -2.82 3.26
C THR B 394 1.49 -2.64 2.12
N ARG B 395 0.65 -3.65 1.85
N ARG B 395 0.65 -3.65 1.85
CA ARG B 395 -0.39 -3.57 0.83
CA ARG B 395 -0.39 -3.55 0.84
C ARG B 395 -1.47 -2.55 1.19
C ARG B 395 -1.41 -2.48 1.17
N ALA B 396 -1.55 -2.14 2.46
CA ALA B 396 -2.59 -1.24 2.95
C ALA B 396 -2.03 0.06 3.48
N PHE B 397 -0.80 0.44 3.10
CA PHE B 397 -0.16 1.60 3.71
C PHE B 397 -0.96 2.88 3.48
N ASP B 398 -1.53 3.07 2.27
CA ASP B 398 -2.31 4.29 2.02
C ASP B 398 -3.58 4.31 2.88
N GLN B 399 -4.20 3.15 3.11
CA GLN B 399 -5.36 3.10 4.01
C GLN B 399 -4.94 3.43 5.45
N ILE B 400 -3.78 2.92 5.88
CA ILE B 400 -3.29 3.22 7.21
C ILE B 400 -2.92 4.69 7.34
N ARG B 401 -2.28 5.23 6.31
CA ARG B 401 -1.96 6.66 6.28
C ARG B 401 -3.23 7.51 6.40
N MET B 402 -4.25 7.18 5.60
CA MET B 402 -5.51 7.92 5.67
C MET B 402 -6.23 7.67 6.98
N ALA B 403 -6.03 6.51 7.60
CA ALA B 403 -6.64 6.24 8.91
C ALA B 403 -6.12 7.23 9.95
N ALA B 404 -4.83 7.58 9.88
CA ALA B 404 -4.32 8.58 10.81
C ALA B 404 -4.89 9.96 10.50
N ILE B 405 -5.00 10.30 9.22
CA ILE B 405 -5.65 11.57 8.87
C ILE B 405 -7.10 11.56 9.30
N SER B 406 -7.72 10.35 9.35
CA SER B 406 -9.07 10.16 9.85
C SER B 406 -9.16 10.14 11.38
N GLU B 407 -8.03 10.33 12.07
CA GLU B 407 -7.98 10.30 13.54
C GLU B 407 -8.62 9.03 14.07
N SER B 408 -8.38 7.93 13.35
CA SER B 408 -9.04 6.67 13.61
C SER B 408 -8.33 5.90 14.72
N ASN B 409 -9.12 5.22 15.54
CA ASN B 409 -8.61 4.36 16.61
C ASN B 409 -8.79 2.92 16.14
N ILE B 410 -7.79 2.40 15.42
CA ILE B 410 -7.79 0.99 15.04
C ILE B 410 -6.51 0.35 15.53
N ASN B 411 -6.58 -0.98 15.67
CA ASN B 411 -5.48 -1.81 16.14
C ASN B 411 -5.13 -2.82 15.07
N LEU B 412 -3.84 -2.93 14.76
N LEU B 412 -3.84 -2.95 14.78
CA LEU B 412 -3.34 -3.79 13.70
CA LEU B 412 -3.34 -3.80 13.72
C LEU B 412 -2.25 -4.68 14.28
C LEU B 412 -2.25 -4.68 14.30
N CYS B 413 -2.38 -5.99 14.08
CA CYS B 413 -1.39 -6.93 14.55
C CYS B 413 -0.81 -7.65 13.34
N GLY B 414 0.48 -7.48 13.12
CA GLY B 414 1.12 -8.13 11.99
C GLY B 414 2.10 -9.20 12.42
N SER B 415 1.88 -10.45 11.96
CA SER B 415 2.70 -11.56 12.40
C SER B 415 3.87 -11.81 11.45
N HIS B 416 4.65 -12.86 11.75
CA HIS B 416 5.67 -13.36 10.83
C HIS B 416 6.67 -12.27 10.47
N CYS B 417 7.08 -11.49 11.46
CA CYS B 417 8.04 -10.43 11.19
C CYS B 417 9.44 -11.01 11.04
N GLY B 418 10.21 -10.42 10.13
CA GLY B 418 11.63 -10.66 10.03
C GLY B 418 12.02 -11.95 9.34
N VAL B 419 13.34 -12.15 9.27
CA VAL B 419 13.88 -13.37 8.68
C VAL B 419 13.62 -14.58 9.56
N SER B 420 13.24 -14.38 10.83
CA SER B 420 13.12 -15.53 11.72
C SER B 420 11.97 -16.46 11.33
N ILE B 421 11.14 -16.10 10.33
CA ILE B 421 10.13 -17.05 9.89
C ILE B 421 10.75 -18.22 9.13
N GLY B 422 11.92 -18.04 8.55
CA GLY B 422 12.65 -19.15 7.96
C GLY B 422 12.26 -19.39 6.49
N GLU B 423 11.69 -20.57 6.22
CA GLU B 423 11.78 -21.14 4.88
C GLU B 423 10.92 -20.46 3.83
N ASP B 424 9.86 -19.73 4.20
CA ASP B 424 9.02 -19.10 3.18
C ASP B 424 9.80 -18.09 2.35
N GLY B 425 10.83 -17.46 2.92
CA GLY B 425 11.60 -16.48 2.18
C GLY B 425 11.02 -15.07 2.24
N PRO B 426 11.67 -14.15 1.52
CA PRO B 426 11.48 -12.70 1.81
C PRO B 426 10.11 -12.15 1.44
N SER B 427 9.37 -12.77 0.52
CA SER B 427 8.05 -12.25 0.19
C SER B 427 7.14 -12.26 1.42
N GLN B 428 7.38 -13.16 2.37
CA GLN B 428 6.56 -13.22 3.57
C GLN B 428 7.20 -12.53 4.78
N MET B 429 8.42 -11.99 4.65
CA MET B 429 9.17 -11.46 5.78
C MET B 429 8.94 -9.95 5.93
N ALA B 430 8.42 -9.54 7.08
CA ALA B 430 8.27 -8.11 7.33
C ALA B 430 9.60 -7.54 7.78
N LEU B 431 10.17 -6.66 6.96
CA LEU B 431 11.46 -6.06 7.25
C LEU B 431 11.41 -4.55 7.16
N GLU B 432 10.23 -3.99 6.92
CA GLU B 432 10.04 -2.56 6.72
C GLU B 432 8.81 -2.08 7.47
N ASP B 433 8.20 -2.95 8.30
CA ASP B 433 6.97 -2.57 8.97
C ASP B 433 7.21 -1.59 10.11
N LEU B 434 8.37 -1.64 10.77
CA LEU B 434 8.65 -0.62 11.78
C LEU B 434 8.84 0.74 11.12
N ALA B 435 9.56 0.80 10.00
CA ALA B 435 9.69 2.05 9.26
C ALA B 435 8.31 2.58 8.88
N MET B 436 7.47 1.70 8.32
CA MET B 436 6.15 2.11 7.87
C MET B 436 5.30 2.65 9.03
N PHE B 437 5.16 1.85 10.09
CA PHE B 437 4.25 2.28 11.15
C PHE B 437 4.82 3.43 11.98
N ARG B 438 6.15 3.50 12.13
CA ARG B 438 6.71 4.67 12.82
C ARG B 438 6.42 5.97 12.07
N SER B 439 6.30 5.92 10.75
CA SER B 439 6.03 7.12 9.96
C SER B 439 4.58 7.53 9.97
N VAL B 440 3.71 6.79 10.66
CA VAL B 440 2.30 7.14 10.76
C VAL B 440 2.12 7.99 12.01
N PRO B 441 1.70 9.25 11.89
N PRO B 441 1.65 9.23 11.89
CA PRO B 441 1.90 10.20 13.00
CA PRO B 441 1.30 10.00 13.08
C PRO B 441 1.19 9.85 14.30
C PRO B 441 0.22 9.31 13.87
N THR B 442 0.05 9.15 14.24
N THR B 442 0.23 9.54 15.19
CA THR B 442 -0.73 8.83 15.43
CA THR B 442 -0.59 8.88 16.20
C THR B 442 -0.41 7.45 16.00
C THR B 442 -0.24 7.40 16.37
N SER B 443 0.69 6.84 15.59
CA SER B 443 0.95 5.43 15.82
C SER B 443 1.61 5.20 17.17
N THR B 444 1.29 4.04 17.73
CA THR B 444 2.00 3.44 18.85
C THR B 444 2.43 2.08 18.36
N VAL B 445 3.73 1.80 18.46
CA VAL B 445 4.30 0.59 17.88
C VAL B 445 4.75 -0.32 19.01
N PHE B 446 3.97 -1.37 19.25
CA PHE B 446 4.29 -2.38 20.25
C PHE B 446 5.09 -3.50 19.59
N TYR B 447 6.17 -3.93 20.24
CA TYR B 447 6.96 -5.05 19.75
C TYR B 447 7.17 -5.99 20.94
N PRO B 448 6.17 -6.79 21.27
CA PRO B 448 6.27 -7.66 22.45
C PRO B 448 7.25 -8.79 22.24
N SER B 449 8.05 -9.06 23.28
CA SER B 449 9.11 -10.05 23.15
C SER B 449 8.76 -11.41 23.73
N ASP B 450 7.67 -11.53 24.49
CA ASP B 450 7.23 -12.84 24.97
C ASP B 450 5.72 -12.82 25.12
N GLY B 451 5.17 -13.95 25.59
CA GLY B 451 3.72 -14.08 25.68
C GLY B 451 3.07 -13.09 26.64
N VAL B 452 3.74 -12.82 27.76
CA VAL B 452 3.20 -11.88 28.74
C VAL B 452 3.16 -10.46 28.17
N ALA B 453 4.27 -10.00 27.61
CA ALA B 453 4.29 -8.68 27.00
C ALA B 453 3.27 -8.57 25.88
N THR B 454 3.01 -9.66 25.16
CA THR B 454 2.02 -9.64 24.09
C THR B 454 0.62 -9.42 24.65
N GLU B 455 0.25 -10.18 25.68
CA GLU B 455 -1.07 -9.97 26.28
C GLU B 455 -1.20 -8.57 26.86
N LYS B 456 -0.13 -8.06 27.49
CA LYS B 456 -0.20 -6.69 28.02
C LYS B 456 -0.27 -5.66 26.90
N ALA B 457 0.38 -5.92 25.77
CA ALA B 457 0.29 -4.99 24.63
C ALA B 457 -1.13 -4.97 24.05
N VAL B 458 -1.79 -6.13 23.97
CA VAL B 458 -3.16 -6.16 23.48
C VAL B 458 -4.07 -5.34 24.37
N GLU B 459 -3.92 -5.48 25.69
CA GLU B 459 -4.74 -4.72 26.62
C GLU B 459 -4.46 -3.22 26.50
N LEU B 460 -3.19 -2.83 26.50
CA LEU B 460 -2.85 -1.42 26.36
C LEU B 460 -3.35 -0.86 25.03
N ALA B 461 -3.13 -1.60 23.94
CA ALA B 461 -3.59 -1.15 22.63
C ALA B 461 -5.09 -0.86 22.63
N ALA B 462 -5.88 -1.77 23.22
CA ALA B 462 -7.32 -1.58 23.25
C ALA B 462 -7.71 -0.23 23.84
N ASN B 463 -6.94 0.27 24.81
CA ASN B 463 -7.26 1.51 25.51
C ASN B 463 -6.46 2.70 25.00
N THR B 464 -5.73 2.56 23.91
CA THR B 464 -4.86 3.62 23.40
C THR B 464 -5.44 4.18 22.10
N LYS B 465 -5.55 5.50 22.03
CA LYS B 465 -6.03 6.16 20.82
C LYS B 465 -4.97 6.11 19.72
N GLY B 466 -5.44 6.22 18.49
CA GLY B 466 -4.53 6.26 17.34
C GLY B 466 -4.35 4.92 16.66
N ILE B 467 -3.33 4.86 15.80
CA ILE B 467 -3.03 3.66 15.03
C ILE B 467 -2.08 2.80 15.87
N CYS B 468 -2.62 1.77 16.52
CA CYS B 468 -1.77 0.87 17.29
C CYS B 468 -1.33 -0.31 16.44
N PHE B 469 -0.03 -0.57 16.42
CA PHE B 469 0.54 -1.71 15.70
C PHE B 469 1.21 -2.64 16.69
N ILE B 470 0.92 -3.93 16.59
CA ILE B 470 1.56 -4.96 17.40
C ILE B 470 2.30 -5.90 16.47
N ARG B 471 3.62 -5.99 16.63
CA ARG B 471 4.48 -6.80 15.77
C ARG B 471 4.69 -8.15 16.46
N THR B 472 4.14 -9.21 15.88
CA THR B 472 4.32 -10.55 16.46
C THR B 472 5.23 -11.41 15.59
N SER B 473 5.66 -12.54 16.17
CA SER B 473 6.75 -13.34 15.66
C SER B 473 6.38 -14.82 15.63
N ARG B 474 7.09 -15.57 14.77
CA ARG B 474 6.88 -17.01 14.59
C ARG B 474 7.67 -17.90 15.54
N PRO B 475 8.94 -17.60 15.88
CA PRO B 475 9.68 -18.51 16.76
C PRO B 475 9.05 -18.63 18.14
N GLU B 476 9.20 -19.82 18.74
N GLU B 476 9.08 -19.86 18.66
CA GLU B 476 8.63 -20.10 20.07
CA GLU B 476 8.68 -20.08 20.04
C GLU B 476 9.69 -19.81 21.14
C GLU B 476 9.85 -19.68 20.93
N ASN B 477 9.68 -18.59 21.67
CA ASN B 477 10.70 -18.16 22.63
C ASN B 477 10.16 -18.28 24.05
N ALA B 478 11.07 -18.24 25.01
CA ALA B 478 10.71 -18.44 26.40
C ALA B 478 10.00 -17.23 26.99
N ILE B 479 9.09 -17.49 27.92
CA ILE B 479 8.51 -16.43 28.75
C ILE B 479 9.62 -15.91 29.67
N ILE B 480 9.78 -14.60 29.72
CA ILE B 480 10.75 -14.01 30.63
C ILE B 480 10.13 -13.11 31.68
N TYR B 481 8.89 -12.65 31.51
CA TYR B 481 8.24 -11.77 32.46
C TYR B 481 7.28 -12.56 33.35
N ASN B 482 7.21 -12.16 34.62
CA ASN B 482 6.16 -12.69 35.48
C ASN B 482 4.81 -12.12 35.06
N ASN B 483 3.75 -12.85 35.40
CA ASN B 483 2.41 -12.51 34.94
C ASN B 483 1.91 -11.19 35.48
N ASN B 484 2.42 -10.74 36.64
CA ASN B 484 1.98 -9.47 37.21
C ASN B 484 2.94 -8.33 36.88
N GLU B 485 3.82 -8.51 35.90
CA GLU B 485 4.64 -7.39 35.44
C GLU B 485 3.74 -6.30 34.85
N ASP B 486 3.99 -5.06 35.26
CA ASP B 486 3.23 -3.92 34.79
C ASP B 486 3.90 -3.33 33.56
N PHE B 487 3.12 -3.08 32.51
CA PHE B 487 3.62 -2.50 31.27
C PHE B 487 2.88 -1.21 30.98
N GLN B 488 3.59 -0.26 30.37
CA GLN B 488 3.01 1.02 29.97
C GLN B 488 3.57 1.41 28.61
N VAL B 489 2.75 2.13 27.84
CA VAL B 489 3.23 2.72 26.59
C VAL B 489 4.40 3.65 26.90
N GLY B 490 5.49 3.50 26.15
CA GLY B 490 6.63 4.36 26.34
C GLY B 490 7.58 3.95 27.44
N GLN B 491 7.37 2.79 28.08
CA GLN B 491 8.23 2.32 29.15
C GLN B 491 8.92 1.03 28.73
N ALA B 492 10.24 1.06 28.69
CA ALA B 492 11.05 -0.10 28.37
C ALA B 492 11.32 -0.91 29.64
N LYS B 493 11.92 -2.08 29.45
CA LYS B 493 12.28 -2.97 30.54
C LYS B 493 13.75 -3.35 30.41
N VAL B 494 14.50 -3.21 31.48
CA VAL B 494 15.84 -3.80 31.56
C VAL B 494 15.68 -5.21 32.10
N VAL B 495 15.98 -6.20 31.25
CA VAL B 495 15.74 -7.60 31.60
C VAL B 495 16.99 -8.31 32.07
N LEU B 496 18.15 -7.66 31.99
CA LEU B 496 19.40 -8.21 32.53
C LEU B 496 20.33 -7.05 32.83
N LYS B 497 20.86 -6.99 34.05
CA LYS B 497 21.76 -5.89 34.40
C LYS B 497 22.71 -6.31 35.51
N SER B 498 23.84 -5.60 35.56
CA SER B 498 24.82 -5.75 36.63
C SER B 498 25.62 -4.46 36.71
N LYS B 499 26.34 -4.31 37.82
CA LYS B 499 27.19 -3.13 37.98
C LYS B 499 28.38 -3.14 37.04
N ASP B 500 28.69 -4.27 36.42
CA ASP B 500 29.85 -4.44 35.55
C ASP B 500 29.49 -4.52 34.08
N ASP B 501 28.30 -4.05 33.70
CA ASP B 501 27.89 -4.12 32.30
C ASP B 501 28.76 -3.22 31.42
N GLN B 502 29.18 -3.75 30.27
CA GLN B 502 30.08 -3.02 29.38
C GLN B 502 29.41 -2.47 28.12
N VAL B 503 28.19 -2.88 27.82
N VAL B 503 28.22 -2.96 27.78
CA VAL B 503 27.43 -2.30 26.71
CA VAL B 503 27.40 -2.46 26.69
C VAL B 503 25.96 -2.67 26.90
C VAL B 503 25.95 -2.60 27.11
N THR B 504 25.09 -1.69 26.64
CA THR B 504 23.64 -1.87 26.70
C THR B 504 23.18 -2.41 25.34
N VAL B 505 22.68 -3.64 25.32
CA VAL B 505 22.19 -4.26 24.09
C VAL B 505 20.68 -4.16 24.07
N ILE B 506 20.14 -3.52 23.03
CA ILE B 506 18.72 -3.34 22.84
C ILE B 506 18.27 -4.32 21.77
N GLY B 507 17.38 -5.23 22.15
CA GLY B 507 16.80 -6.17 21.22
C GLY B 507 15.30 -6.23 21.41
N ALA B 508 14.62 -6.90 20.49
CA ALA B 508 13.18 -7.03 20.58
C ALA B 508 12.74 -8.30 19.88
N GLY B 509 11.67 -8.91 20.40
CA GLY B 509 11.23 -10.16 19.80
C GLY B 509 12.37 -11.16 19.78
N VAL B 510 12.59 -11.76 18.60
CA VAL B 510 13.61 -12.81 18.49
C VAL B 510 15.00 -12.28 18.85
N THR B 511 15.29 -11.00 18.58
CA THR B 511 16.64 -10.53 18.87
C THR B 511 16.83 -10.19 20.35
N LEU B 512 15.75 -10.00 21.10
CA LEU B 512 15.92 -9.92 22.56
C LEU B 512 16.37 -11.27 23.10
N HIS B 513 15.78 -12.35 22.62
CA HIS B 513 16.20 -13.67 23.08
C HIS B 513 17.59 -14.02 22.56
N GLU B 514 17.95 -13.58 21.35
CA GLU B 514 19.33 -13.78 20.90
C GLU B 514 20.30 -12.95 21.75
N ALA B 515 19.89 -11.77 22.20
CA ALA B 515 20.74 -10.97 23.08
C ALA B 515 20.91 -11.63 24.44
N LEU B 516 19.84 -12.22 24.98
CA LEU B 516 19.98 -12.95 26.24
C LEU B 516 20.89 -14.15 26.07
N ALA B 517 20.79 -14.84 24.93
CA ALA B 517 21.70 -15.95 24.66
C ALA B 517 23.14 -15.48 24.52
N ALA B 518 23.34 -14.32 23.87
CA ALA B 518 24.67 -13.75 23.79
C ALA B 518 25.20 -13.40 25.18
N ALA B 519 24.32 -12.91 26.06
CA ALA B 519 24.76 -12.56 27.41
C ALA B 519 25.29 -13.78 28.14
N GLU B 520 24.63 -14.93 27.96
CA GLU B 520 25.09 -16.16 28.60
C GLU B 520 26.43 -16.60 28.03
N LEU B 521 26.61 -16.49 26.72
CA LEU B 521 27.90 -16.80 26.10
C LEU B 521 28.99 -15.88 26.63
N LEU B 522 28.70 -14.58 26.72
CA LEU B 522 29.73 -13.62 27.11
C LEU B 522 30.12 -13.77 28.58
N LYS B 523 29.18 -14.19 29.43
CA LYS B 523 29.53 -14.40 30.84
C LYS B 523 30.62 -15.46 31.00
N LYS B 524 30.73 -16.37 30.04
CA LYS B 524 31.80 -17.36 30.07
C LYS B 524 33.18 -16.74 29.82
N GLU B 525 33.23 -15.50 29.33
CA GLU B 525 34.48 -14.76 29.17
C GLU B 525 34.56 -13.56 30.12
N LYS B 526 33.74 -13.56 31.18
CA LYS B 526 33.73 -12.50 32.19
C LYS B 526 33.30 -11.16 31.59
N ILE B 527 32.36 -11.19 30.63
CA ILE B 527 31.82 -9.99 30.01
C ILE B 527 30.34 -9.92 30.32
N ASN B 528 29.92 -8.89 31.06
CA ASN B 528 28.52 -8.64 31.35
C ASN B 528 27.96 -7.58 30.41
N ILE B 529 26.76 -7.81 29.89
CA ILE B 529 26.04 -6.81 29.11
C ILE B 529 24.68 -6.55 29.74
N ARG B 530 24.24 -5.30 29.64
CA ARG B 530 22.87 -4.93 29.98
C ARG B 530 21.98 -5.27 28.79
N VAL B 531 20.77 -5.76 29.05
CA VAL B 531 19.85 -6.12 27.98
C VAL B 531 18.55 -5.36 28.21
N LEU B 532 18.09 -4.63 27.20
CA LEU B 532 16.93 -3.77 27.32
C LEU B 532 15.91 -4.14 26.25
N ASP B 533 14.67 -4.30 26.69
CA ASP B 533 13.53 -4.65 25.85
C ASP B 533 12.69 -3.39 25.70
N PRO B 534 12.61 -2.76 24.52
CA PRO B 534 11.94 -1.45 24.45
C PRO B 534 10.45 -1.51 24.76
N PHE B 535 9.80 -2.63 24.46
CA PHE B 535 8.36 -2.84 24.55
C PHE B 535 7.61 -2.02 23.51
N THR B 536 7.68 -0.69 23.58
CA THR B 536 7.21 0.13 22.47
C THR B 536 8.41 0.72 21.73
N ILE B 537 8.43 0.52 20.41
CA ILE B 537 9.44 1.19 19.59
C ILE B 537 9.08 2.66 19.40
N LYS B 538 7.79 2.98 19.41
CA LYS B 538 7.26 4.34 19.36
C LYS B 538 6.08 4.41 20.30
N PRO B 539 6.12 5.25 21.35
CA PRO B 539 7.24 6.11 21.73
C PRO B 539 8.36 5.32 22.41
N LEU B 540 9.59 5.78 22.20
CA LEU B 540 10.75 5.12 22.77
C LEU B 540 11.03 5.68 24.18
N ASP B 541 11.41 4.79 25.09
CA ASP B 541 11.76 5.17 26.47
C ASP B 541 13.17 5.74 26.46
N ARG B 542 13.29 7.00 26.02
CA ARG B 542 14.59 7.64 25.89
C ARG B 542 15.34 7.68 27.22
N LYS B 543 14.63 8.02 28.31
CA LYS B 543 15.30 8.19 29.59
C LYS B 543 15.93 6.88 30.06
N LEU B 544 15.19 5.77 29.99
CA LEU B 544 15.77 4.50 30.44
C LEU B 544 16.89 4.04 29.52
N ILE B 545 16.78 4.32 28.22
CA ILE B 545 17.87 3.97 27.31
C ILE B 545 19.13 4.76 27.65
N LEU B 546 18.99 6.07 27.89
CA LEU B 546 20.16 6.89 28.23
C LEU B 546 20.72 6.54 29.60
N ASP B 547 19.84 6.34 30.59
CA ASP B 547 20.33 5.96 31.92
C ASP B 547 21.07 4.63 31.84
N SER B 548 20.55 3.68 31.06
CA SER B 548 21.24 2.41 30.88
C SER B 548 22.60 2.61 30.22
N ALA B 549 22.66 3.42 29.15
CA ALA B 549 23.92 3.60 28.44
C ALA B 549 24.97 4.28 29.31
N ARG B 550 24.56 5.28 30.11
CA ARG B 550 25.50 5.92 31.02
C ARG B 550 26.03 4.96 32.07
N ALA B 551 25.32 3.88 32.36
CA ALA B 551 25.82 2.87 33.27
C ALA B 551 26.70 1.84 32.57
N THR B 552 26.77 1.87 31.24
CA THR B 552 27.53 0.90 30.46
C THR B 552 28.52 1.59 29.53
N LYS B 553 29.33 2.50 30.09
CA LYS B 553 30.40 3.17 29.35
C LYS B 553 29.88 3.99 28.18
N GLY B 554 28.59 4.34 28.19
CA GLY B 554 27.98 5.10 27.12
C GLY B 554 27.65 4.29 25.88
N ARG B 555 27.92 2.99 25.87
CA ARG B 555 27.81 2.15 24.68
C ARG B 555 26.43 1.54 24.56
N ILE B 556 25.80 1.73 23.39
CA ILE B 556 24.56 1.07 23.04
C ILE B 556 24.80 0.24 21.79
N LEU B 557 24.27 -0.98 21.79
CA LEU B 557 24.22 -1.83 20.60
C LEU B 557 22.76 -2.22 20.38
N THR B 558 22.20 -1.84 19.23
CA THR B 558 20.85 -2.23 18.85
CA THR B 558 20.85 -2.23 18.85
C THR B 558 20.91 -3.39 17.86
N VAL B 559 20.00 -4.36 18.02
CA VAL B 559 19.96 -5.51 17.12
C VAL B 559 18.51 -5.82 16.79
N GLU B 560 18.19 -5.89 15.50
CA GLU B 560 16.78 -5.97 15.10
C GLU B 560 16.61 -6.82 13.86
N ASP B 561 15.48 -7.54 13.82
CA ASP B 561 15.10 -8.35 12.67
C ASP B 561 14.23 -7.48 11.77
N HIS B 562 14.90 -6.58 11.04
CA HIS B 562 14.30 -5.48 10.28
C HIS B 562 15.44 -4.86 9.49
N TYR B 563 15.10 -4.16 8.40
CA TYR B 563 16.10 -3.42 7.65
C TYR B 563 16.66 -2.28 8.50
N TYR B 564 17.78 -1.70 8.02
CA TYR B 564 18.44 -0.66 8.80
C TYR B 564 17.61 0.61 8.89
N GLU B 565 16.92 0.96 7.81
CA GLU B 565 16.25 2.26 7.75
C GLU B 565 14.90 2.23 8.45
N GLY B 566 14.72 3.20 9.35
CA GLY B 566 13.43 3.44 9.97
C GLY B 566 13.06 2.50 11.10
N GLY B 567 13.97 1.64 11.53
CA GLY B 567 13.69 0.66 12.56
C GLY B 567 14.18 1.08 13.93
N ILE B 568 14.46 0.07 14.76
CA ILE B 568 14.84 0.32 16.15
C ILE B 568 16.14 1.10 16.23
N GLY B 569 17.15 0.66 15.47
CA GLY B 569 18.45 1.32 15.54
C GLY B 569 18.38 2.79 15.19
N GLU B 570 17.62 3.13 14.14
CA GLU B 570 17.52 4.54 13.76
C GLU B 570 16.70 5.31 14.79
N ALA B 571 15.66 4.70 15.35
CA ALA B 571 14.90 5.38 16.39
C ALA B 571 15.80 5.69 17.58
N VAL B 572 16.62 4.72 17.99
CA VAL B 572 17.52 4.90 19.13
C VAL B 572 18.56 5.97 18.83
N SER B 573 19.19 5.88 17.65
CA SER B 573 20.19 6.87 17.25
C SER B 573 19.60 8.27 17.24
N SER B 574 18.40 8.43 16.67
CA SER B 574 17.79 9.75 16.63
C SER B 574 17.48 10.26 18.03
N ALA B 575 17.18 9.35 18.97
CA ALA B 575 16.82 9.77 20.32
C ALA B 575 18.04 10.25 21.10
N VAL B 576 19.21 9.67 20.88
CA VAL B 576 20.35 9.95 21.74
C VAL B 576 21.45 10.76 21.05
N VAL B 577 21.32 11.05 19.75
CA VAL B 577 22.40 11.73 19.04
C VAL B 577 22.79 13.02 19.77
N GLY B 578 24.09 13.27 19.88
CA GLY B 578 24.59 14.47 20.53
C GLY B 578 24.76 14.36 22.02
N GLU B 579 24.23 13.34 22.66
CA GLU B 579 24.41 13.18 24.10
C GLU B 579 25.88 12.84 24.39
N PRO B 580 26.53 13.56 25.30
CA PRO B 580 27.97 13.38 25.51
C PRO B 580 28.30 11.95 25.94
N GLY B 581 29.29 11.37 25.28
CA GLY B 581 29.81 10.06 25.65
C GLY B 581 29.01 8.87 25.18
N ILE B 582 27.88 9.08 24.52
CA ILE B 582 27.03 7.98 24.07
C ILE B 582 27.44 7.56 22.66
N THR B 583 27.56 6.26 22.43
CA THR B 583 27.78 5.71 21.09
C THR B 583 26.74 4.64 20.81
N VAL B 584 26.40 4.48 19.53
CA VAL B 584 25.38 3.51 19.12
C VAL B 584 25.93 2.69 17.96
N THR B 585 25.99 1.38 18.13
CA THR B 585 26.30 0.40 17.10
C THR B 585 25.01 -0.31 16.71
N HIS B 586 24.91 -0.71 15.44
N HIS B 586 24.86 -0.56 15.41
CA HIS B 586 23.62 -1.10 14.85
CA HIS B 586 23.66 -1.16 14.86
C HIS B 586 23.78 -2.40 14.07
C HIS B 586 23.96 -2.51 14.24
N LEU B 587 23.09 -3.47 14.50
CA LEU B 587 23.02 -4.73 13.77
C LEU B 587 21.61 -4.88 13.24
N ALA B 588 21.48 -5.06 11.93
CA ALA B 588 20.17 -5.21 11.28
C ALA B 588 20.35 -6.02 10.02
N VAL B 589 19.28 -6.14 9.23
CA VAL B 589 19.28 -6.93 8.00
C VAL B 589 19.63 -6.00 6.85
N ASN B 590 20.68 -6.32 6.09
CA ASN B 590 21.24 -5.32 5.17
C ASN B 590 20.78 -5.47 3.73
N ARG B 591 19.93 -6.45 3.41
CA ARG B 591 19.54 -6.70 2.02
C ARG B 591 18.39 -7.69 2.02
N VAL B 592 17.76 -7.85 0.85
CA VAL B 592 16.67 -8.81 0.67
C VAL B 592 17.16 -10.20 1.07
N PRO B 593 16.47 -10.89 1.97
CA PRO B 593 16.93 -12.21 2.40
C PRO B 593 16.56 -13.33 1.44
N ARG B 594 16.50 -14.56 1.98
CA ARG B 594 16.37 -15.77 1.19
C ARG B 594 15.86 -16.87 2.11
N SER B 595 15.62 -18.05 1.56
CA SER B 595 15.06 -19.15 2.33
C SER B 595 16.13 -19.91 3.12
N GLY B 596 15.77 -20.32 4.33
CA GLY B 596 16.59 -21.22 5.15
C GLY B 596 15.89 -21.43 6.47
N LYS B 597 16.55 -22.17 7.35
CA LYS B 597 15.99 -22.33 8.69
C LYS B 597 16.11 -21.03 9.47
N PRO B 598 15.17 -20.76 10.38
CA PRO B 598 15.24 -19.50 11.16
C PRO B 598 16.62 -19.20 11.74
N ALA B 599 17.26 -20.18 12.39
CA ALA B 599 18.57 -19.91 12.98
C ALA B 599 19.62 -19.65 11.91
N GLU B 600 19.51 -20.34 10.78
CA GLU B 600 20.47 -20.12 9.70
C GLU B 600 20.39 -18.69 9.17
N LEU B 601 19.18 -18.15 9.05
CA LEU B 601 19.02 -16.80 8.51
C LEU B 601 19.42 -15.75 9.51
N LEU B 602 19.08 -15.94 10.79
CA LEU B 602 19.57 -15.02 11.81
C LEU B 602 21.10 -14.95 11.76
N LYS B 603 21.76 -16.08 11.52
CA LYS B 603 23.22 -16.07 11.37
C LYS B 603 23.65 -15.35 10.10
N MET B 604 23.07 -15.75 8.95
CA MET B 604 23.49 -15.19 7.67
C MET B 604 23.36 -13.67 7.65
N PHE B 605 22.34 -13.13 8.30
CA PHE B 605 22.10 -11.70 8.24
C PHE B 605 22.55 -10.97 9.49
N GLY B 606 23.35 -11.64 10.33
CA GLY B 606 24.13 -10.93 11.33
C GLY B 606 23.37 -10.42 12.52
N ILE B 607 22.32 -11.12 12.96
CA ILE B 607 21.52 -10.60 14.07
C ILE B 607 21.26 -11.70 15.09
N ASP B 608 22.07 -12.76 15.08
CA ASP B 608 21.95 -13.83 16.06
C ASP B 608 22.90 -13.61 17.23
N ARG B 609 22.88 -14.54 18.18
CA ARG B 609 23.66 -14.41 19.42
C ARG B 609 25.15 -14.27 19.13
N ASP B 610 25.67 -15.00 18.13
CA ASP B 610 27.08 -14.90 17.82
C ASP B 610 27.44 -13.54 17.22
N ALA B 611 26.59 -13.00 16.34
CA ALA B 611 26.84 -11.67 15.81
C ALA B 611 26.80 -10.61 16.90
N ILE B 612 25.86 -10.76 17.84
CA ILE B 612 25.78 -9.83 18.98
C ILE B 612 27.03 -9.93 19.83
N ALA B 613 27.43 -11.15 20.20
CA ALA B 613 28.61 -11.33 21.03
C ALA B 613 29.85 -10.77 20.34
N GLN B 614 30.00 -11.02 19.05
CA GLN B 614 31.16 -10.50 18.33
C GLN B 614 31.15 -8.97 18.27
N ALA B 615 29.97 -8.38 18.08
CA ALA B 615 29.88 -6.92 18.10
C ALA B 615 30.26 -6.37 19.46
N VAL B 616 29.85 -7.06 20.54
CA VAL B 616 30.20 -6.61 21.88
C VAL B 616 31.72 -6.67 22.08
N ARG B 617 32.34 -7.78 21.70
CA ARG B 617 33.78 -7.89 21.85
C ARG B 617 34.50 -6.78 21.10
N GLY B 618 34.07 -6.50 19.86
CA GLY B 618 34.70 -5.44 19.11
C GLY B 618 34.57 -4.08 19.76
N LEU B 619 33.44 -3.83 20.44
CA LEU B 619 33.27 -2.57 21.15
C LEU B 619 34.24 -2.44 22.30
N ILE B 620 34.43 -3.52 23.06
CA ILE B 620 35.31 -3.49 24.23
C ILE B 620 36.76 -3.23 23.80
N THR B 621 37.16 -3.78 22.65
CA THR B 621 38.48 -3.52 22.10
C THR B 621 38.44 -2.38 21.08
CA CA C . -7.52 -21.72 -3.97
C3 3GR D . -1.75 20.24 -9.85
O3 3GR D . -1.53 20.95 -11.07
C2 3GR D . -2.37 21.13 -8.79
O2 3GR D . -1.56 21.08 -7.61
C1 3GR D . -2.47 22.55 -9.30
O1 3GR D . -1.49 23.20 -9.62
N1' THD E . -1.84 -11.76 1.50
C2' THD E . -0.98 -11.69 0.46
CM2 THD E . -0.96 -10.34 -0.26
N3' THD E . -0.19 -12.62 0.05
C4' THD E . -0.27 -13.74 0.80
N4' THD E . 0.67 -14.61 0.38
C5' THD E . -1.12 -13.97 1.89
C6' THD E . -1.96 -12.90 2.24
C7' THD E . -1.17 -15.19 2.77
N3 THD E . -1.36 -16.44 2.06
C2 THD E . -0.47 -17.30 1.46
S1 THD E . -1.14 -18.35 0.22
C5 THD E . -2.70 -17.87 0.70
C4 THD E . -2.61 -16.83 1.65
CM4 THD E . -3.82 -16.24 2.32
C6 THD E . -4.01 -18.48 0.19
C7 THD E . -3.98 -18.58 -1.28
O7 THD E . -5.19 -19.12 -1.69
PA THD E . -5.39 -19.25 -3.26
O1A THD E . -5.13 -17.96 -4.01
O2A THD E . -6.72 -19.80 -3.41
O3A THD E . -4.36 -20.28 -3.79
PB THD E . -4.28 -21.96 -3.71
O1B THD E . -5.59 -22.42 -3.20
O2B THD E . -3.13 -22.26 -2.74
O3B THD E . -4.05 -22.37 -5.18
C8 THD E . 0.85 -17.43 1.80
O9 THD E . 1.53 -16.69 2.77
C9 THD E . 1.82 -18.27 1.09
O10 THD E . 2.59 -17.28 0.00
C1 EDO F . -6.54 30.10 0.10
O1 EDO F . -5.28 30.52 -0.45
C2 EDO F . -6.36 29.83 1.60
O2 EDO F . -6.07 31.08 2.24
C1 EDO G . 7.92 20.46 16.43
O1 EDO G . 7.81 19.80 15.17
C2 EDO G . 8.22 21.94 16.24
O2 EDO G . 9.49 22.17 15.61
C1 EDO H . 8.46 -17.82 -13.17
O1 EDO H . 7.58 -18.39 -14.13
C2 EDO H . 7.72 -17.59 -11.85
O2 EDO H . 6.90 -16.43 -11.94
C1 EDO I . 9.05 -18.33 -18.86
O1 EDO I . 8.86 -16.96 -18.45
C2 EDO I . 10.38 -18.43 -19.63
O2 EDO I . 10.42 -17.41 -20.64
C1 EDO J . 10.61 -33.20 -12.56
O1 EDO J . 11.79 -34.01 -12.41
C2 EDO J . 9.40 -34.09 -12.37
O2 EDO J . 9.55 -35.24 -13.20
C1 EDO K . -12.60 -8.90 -6.26
O1 EDO K . -12.75 -10.30 -6.02
C2 EDO K . -11.91 -8.15 -5.12
O2 EDO K . -12.21 -8.68 -3.82
C1 EDO L . 18.86 -23.69 -9.32
O1 EDO L . 20.01 -23.32 -8.55
C2 EDO L . 17.83 -22.57 -9.28
O2 EDO L . 18.35 -21.38 -9.87
C1 EDO M . 5.13 12.66 13.43
O1 EDO M . 6.54 12.72 13.18
C2 EDO M . 4.85 12.26 14.88
O2 EDO M . 5.07 10.85 15.07
C1 EDO N . -13.58 -13.60 -6.59
O1 EDO N . -12.82 -12.96 -5.58
C2 EDO N . -13.46 -12.81 -7.88
O2 EDO N . -14.07 -11.53 -7.68
C1 EDO O . -4.90 -24.98 6.65
O1 EDO O . -5.71 -25.09 5.47
C2 EDO O . -5.63 -24.18 7.74
O2 EDO O . -6.99 -24.63 7.90
C1 EDO P . -12.88 -0.87 -21.82
O1 EDO P . -11.94 -1.84 -21.34
C2 EDO P . -12.23 0.51 -21.95
O2 EDO P . -11.57 0.62 -23.23
CA CA Q . -15.23 11.66 -13.17
C3 3GR R . 1.79 -20.39 9.26
O3 3GR R . 0.82 -21.16 9.98
C2 3GR R . 3.08 -21.17 9.18
O2 3GR R . 4.14 -20.23 8.95
C1 3GR R . 3.30 -21.87 10.48
O1 3GR R . 2.99 -23.03 10.65
N1' THD S . -4.69 8.72 -6.72
C2' THD S . -5.40 8.70 -5.53
CM2 THD S . -5.33 7.37 -4.79
N3' THD S . -6.05 9.69 -5.09
C4' THD S . -6.04 10.80 -5.86
N4' THD S . -6.73 11.78 -5.17
C5' THD S . -5.35 10.99 -7.04
C6' THD S . -4.64 9.93 -7.54
C7' THD S . -5.17 12.20 -7.85
N3 THD S . -6.50 12.80 -8.18
C2 THD S . -7.16 13.81 -7.49
S1 THD S . -8.97 13.79 -8.05
C5 THD S . -8.51 12.80 -9.52
C4 THD S . -7.26 12.43 -9.33
CM4 THD S . -6.46 11.65 -10.31
C6 THD S . -9.44 12.48 -10.51
C7 THD S . -10.73 11.85 -10.03
O7 THD S . -11.66 11.60 -11.12
PA THD S . -13.05 11.05 -10.76
O1A THD S . -13.00 9.95 -9.80
O2A THD S . -13.68 10.75 -12.03
O3A THD S . -13.88 12.19 -10.01
PB THD S . -14.65 13.57 -10.59
O1B THD S . -15.98 13.44 -9.95
O2B THD S . -13.74 14.73 -10.18
O3B THD S . -14.67 13.40 -12.10
C8 THD S . -6.83 14.63 -6.45
O9 THD S . -5.62 14.71 -6.08
C9 THD S . -7.84 15.66 -5.66
O10 THD S . -8.17 14.71 -4.44
C1 EDO T . 14.23 -27.02 5.39
O1 EDO T . 14.06 -26.97 6.81
C2 EDO T . 15.36 -26.06 5.02
O2 EDO T . 16.60 -26.63 5.44
C1 EDO U . -7.10 0.10 -15.52
O1 EDO U . -6.24 -0.33 -14.45
C2 EDO U . -7.91 1.32 -15.11
O2 EDO U . -9.30 0.99 -14.92
C1 EDO V . -17.54 13.09 4.20
O1 EDO V . -17.16 11.73 3.99
C2 EDO V . -18.59 13.18 5.31
O2 EDO V . -19.87 12.84 4.78
C1 EDO W . -23.76 11.80 7.64
O1 EDO W . -22.74 10.80 7.85
C2 EDO W . -24.27 12.26 9.02
O2 EDO W . -24.54 11.11 9.84
C1 EDO X . -25.53 26.58 1.25
O1 EDO X . -25.56 27.90 1.82
C2 EDO X . -26.04 26.60 -0.18
O2 EDO X . -27.34 27.20 -0.18
C1 EDO Y . -14.76 0.36 -13.46
O1 EDO Y . -14.34 -1.01 -13.57
C2 EDO Y . -13.60 1.28 -13.83
O2 EDO Y . -13.51 1.37 -15.27
C1 EDO Z . -9.90 -1.62 -11.39
O1 EDO Z . -9.23 -0.91 -12.43
C2 EDO Z . -11.31 -2.03 -11.80
O2 EDO Z . -11.96 -0.98 -12.52
C1 EDO AA . -10.58 3.83 5.18
O1 EDO AA . -9.41 3.82 4.35
C2 EDO AA . -11.24 5.19 5.16
O2 EDO AA . -11.84 5.36 3.87
C1 EDO BA . -6.13 18.83 -16.76
O1 EDO BA . -6.41 18.41 -18.10
C2 EDO BA . -7.36 19.45 -16.09
O2 EDO BA . -8.54 18.69 -16.40
C1 EDO CA . 20.09 -1.40 3.20
O1 EDO CA . 19.44 -0.42 2.38
C2 EDO CA . 19.06 -2.32 3.85
O2 EDO CA . 18.91 -1.96 5.23
C1 EDO DA . 26.18 -7.47 8.87
O1 EDO DA . 26.09 -7.12 10.26
C2 EDO DA . 25.66 -6.33 8.00
O2 EDO DA . 24.26 -6.09 8.22
C1 EDO EA . 27.79 -8.83 2.53
O1 EDO EA . 27.26 -8.21 3.71
C2 EDO EA . 26.80 -8.61 1.38
O2 EDO EA . 26.53 -7.20 1.26
C1 EDO FA . -16.35 23.11 10.02
O1 EDO FA . -16.27 22.08 11.01
C2 EDO FA . -16.75 24.45 10.64
O2 EDO FA . -15.75 24.86 11.58
C1 EDO GA . 15.14 -18.88 15.86
O1 EDO GA . 14.42 -20.11 15.98
C2 EDO GA . 15.56 -18.42 17.26
O2 EDO GA . 14.40 -18.21 18.06
#